data_7JI9
# 
_entry.id   7JI9 
# 
_audit_conform.dict_name       mmcif_pdbx.dic 
_audit_conform.dict_version    5.380 
_audit_conform.dict_location   http://mmcif.pdb.org/dictionaries/ascii/mmcif_pdbx.dic 
# 
loop_
_database_2.database_id 
_database_2.database_code 
_database_2.pdbx_database_accession 
_database_2.pdbx_DOI 
PDB   7JI9         pdb_00007ji9 10.2210/pdb7ji9/pdb 
WWPDB D_1000250822 ?            ?                   
# 
_pdbx_database_status.status_code                     REL 
_pdbx_database_status.status_code_sf                  REL 
_pdbx_database_status.status_code_mr                  ? 
_pdbx_database_status.entry_id                        7JI9 
_pdbx_database_status.recvd_initial_deposition_date   2020-07-22 
_pdbx_database_status.SG_entry                        N 
_pdbx_database_status.deposit_site                    RCSB 
_pdbx_database_status.process_site                    RCSB 
_pdbx_database_status.status_code_cs                  ? 
_pdbx_database_status.status_code_nmr_data            ? 
_pdbx_database_status.methods_development_category    ? 
_pdbx_database_status.pdb_format_compatible           Y 
# 
loop_
_audit_author.name 
_audit_author.pdbx_ordinal 
_audit_author.identifier_ORCID 
'Simmons, C.R.'      1 0000-0002-2290-6132 
'MacCulloch, T.'     2 0000-0001-5875-3361 
'Stephanopoulos, N.' 3 0000-0001-7859-410X 
'Yan, H.'            4 0000-0001-7397-9852 
# 
_citation.abstract                  ? 
_citation.abstract_id_CAS           ? 
_citation.book_id_ISBN              ? 
_citation.book_publisher            ? 
_citation.book_publisher_city       ? 
_citation.book_title                ? 
_citation.coordinate_linkage        ? 
_citation.country                   UK 
_citation.database_id_Medline       ? 
_citation.details                   ? 
_citation.id                        primary 
_citation.journal_abbrev            'Nat Commun' 
_citation.journal_id_ASTM           ? 
_citation.journal_id_CSD            ? 
_citation.journal_id_ISSN           2041-1723 
_citation.journal_full              ? 
_citation.journal_issue             ? 
_citation.journal_volume            13 
_citation.language                  ? 
_citation.page_first                3112 
_citation.page_last                 3112 
_citation.title                     'The influence of Holliday junction sequence and dynamics on DNA crystal self-assembly.' 
_citation.year                      2022 
_citation.database_id_CSD           ? 
_citation.pdbx_database_id_DOI      10.1038/s41467-022-30779-6 
_citation.pdbx_database_id_PubMed   35662248 
_citation.unpublished_flag          ? 
# 
loop_
_citation_author.citation_id 
_citation_author.name 
_citation_author.ordinal 
_citation_author.identifier_ORCID 
primary 'Simmons, C.R.'      1  ?                   
primary 'MacCulloch, T.'     2  ?                   
primary 'Krepl, M.'          3  0000-0002-9833-4281 
primary 'Matthies, M.'       4  ?                   
primary 'Buchberger, A.'     5  ?                   
primary 'Crawford, I.'       6  ?                   
primary 'Sponer, J.'         7  0000-0001-6558-6186 
primary 'Sulc, P.'           8  0000-0003-1565-6769 
primary 'Stephanopoulos, N.' 9  0000-0001-7859-410X 
primary 'Yan, H.'            10 0000-0001-7397-9852 
# 
_cell.angle_alpha                  90.000 
_cell.angle_alpha_esd              ? 
_cell.angle_beta                   90.000 
_cell.angle_beta_esd               ? 
_cell.angle_gamma                  120.000 
_cell.angle_gamma_esd              ? 
_cell.entry_id                     7JI9 
_cell.details                      ? 
_cell.formula_units_Z              ? 
_cell.length_a                     114.698 
_cell.length_a_esd                 ? 
_cell.length_b                     114.698 
_cell.length_b_esd                 ? 
_cell.length_c                     50.460 
_cell.length_c_esd                 ? 
_cell.volume                       ? 
_cell.volume_esd                   ? 
_cell.Z_PDB                        9 
_cell.reciprocal_angle_alpha       ? 
_cell.reciprocal_angle_beta        ? 
_cell.reciprocal_angle_gamma       ? 
_cell.reciprocal_angle_alpha_esd   ? 
_cell.reciprocal_angle_beta_esd    ? 
_cell.reciprocal_angle_gamma_esd   ? 
_cell.reciprocal_length_a          ? 
_cell.reciprocal_length_b          ? 
_cell.reciprocal_length_c          ? 
_cell.reciprocal_length_a_esd      ? 
_cell.reciprocal_length_b_esd      ? 
_cell.reciprocal_length_c_esd      ? 
_cell.pdbx_unique_axis             ? 
# 
_symmetry.entry_id                         7JI9 
_symmetry.cell_setting                     ? 
_symmetry.Int_Tables_number                146 
_symmetry.space_group_name_Hall            ? 
_symmetry.space_group_name_H-M             'H 3' 
_symmetry.pdbx_full_space_group_name_H-M   ? 
# 
loop_
_entity.id 
_entity.type 
_entity.src_method 
_entity.pdbx_description 
_entity.formula_weight 
_entity.pdbx_number_of_molecules 
_entity.pdbx_ec 
_entity.pdbx_mutation 
_entity.pdbx_fragment 
_entity.details 
1 polymer     syn 
;DNA (5'-D(*GP*AP*AP*CP*GP*AP*CP*AP*CP*TP*GP*A)-3')
;
3680.432 1 ? ? ? ? 
2 polymer     syn 
;DNA (5'-D(P*CP*GP*GP*GP*GP*AP*CP*TP*C)-3')
;
2756.811 1 ? ? ? ? 
3 polymer     syn 
;DNA (5'-D(P*TP*CP*AP*CP*CP*G)-3')
;
1769.193 1 ? ? ? ? 
4 polymer     syn 
;DNA (5'-D(*TP*CP*GP*AP*GP*TP*CP*CP*GP*TP*GP*TP*CP*GP*T)-3')
;
4591.969 1 ? ? ? ? 
5 non-polymer syn 'CACODYLATE ION'                                              136.989  1 ? ? ? ? 
# 
loop_
_entity_poly.entity_id 
_entity_poly.type 
_entity_poly.nstd_linkage 
_entity_poly.nstd_monomer 
_entity_poly.pdbx_seq_one_letter_code 
_entity_poly.pdbx_seq_one_letter_code_can 
_entity_poly.pdbx_strand_id 
_entity_poly.pdbx_target_identifier 
1 polydeoxyribonucleotide no no '(DG)(DA)(DA)(DC)(DG)(DA)(DC)(DA)(DC)(DT)(DG)(DA)'             GAACGACACTGA    A ? 
2 polydeoxyribonucleotide no no '(DC)(DG)(DG)(DG)(DG)(DA)(DC)(DT)(DC)'                         CGGGGACTC       B ? 
3 polydeoxyribonucleotide no no '(DT)(DC)(DA)(DC)(DC)(DG)'                                     TCACCG          C ? 
4 polydeoxyribonucleotide no no '(DT)(DC)(DG)(DA)(DG)(DT)(DC)(DC)(DG)(DT)(DG)(DT)(DC)(DG)(DT)' TCGAGTCCGTGTCGT D ? 
# 
loop_
_entity_poly_seq.entity_id 
_entity_poly_seq.num 
_entity_poly_seq.mon_id 
_entity_poly_seq.hetero 
1 1  DG n 
1 2  DA n 
1 3  DA n 
1 4  DC n 
1 5  DG n 
1 6  DA n 
1 7  DC n 
1 8  DA n 
1 9  DC n 
1 10 DT n 
1 11 DG n 
1 12 DA n 
2 1  DC n 
2 2  DG n 
2 3  DG n 
2 4  DG n 
2 5  DG n 
2 6  DA n 
2 7  DC n 
2 8  DT n 
2 9  DC n 
3 1  DT n 
3 2  DC n 
3 3  DA n 
3 4  DC n 
3 5  DC n 
3 6  DG n 
4 1  DT n 
4 2  DC n 
4 3  DG n 
4 4  DA n 
4 5  DG n 
4 6  DT n 
4 7  DC n 
4 8  DC n 
4 9  DG n 
4 10 DT n 
4 11 DG n 
4 12 DT n 
4 13 DC n 
4 14 DG n 
4 15 DT n 
# 
loop_
_pdbx_entity_src_syn.entity_id 
_pdbx_entity_src_syn.pdbx_src_id 
_pdbx_entity_src_syn.pdbx_alt_source_flag 
_pdbx_entity_src_syn.pdbx_beg_seq_num 
_pdbx_entity_src_syn.pdbx_end_seq_num 
_pdbx_entity_src_syn.organism_scientific 
_pdbx_entity_src_syn.organism_common_name 
_pdbx_entity_src_syn.ncbi_taxonomy_id 
_pdbx_entity_src_syn.details 
1 1 sample 1 12 'synthetic construct' ? 32630 ? 
2 1 sample 1 9  'synthetic construct' ? 32630 ? 
3 1 sample 1 6  'synthetic construct' ? 32630 ? 
4 1 sample 1 15 'synthetic construct' ? 32630 ? 
# 
loop_
_struct_ref.id 
_struct_ref.db_name 
_struct_ref.db_code 
_struct_ref.pdbx_db_accession 
_struct_ref.pdbx_db_isoform 
_struct_ref.entity_id 
_struct_ref.pdbx_seq_one_letter_code 
_struct_ref.pdbx_align_begin 
1 PDB 7JI9 7JI9 ? 1 ? 1 
2 PDB 7JI9 7JI9 ? 2 ? 1 
3 PDB 7JI9 7JI9 ? 3 ? 1 
4 PDB 7JI9 7JI9 ? 4 ? 1 
# 
loop_
_struct_ref_seq.align_id 
_struct_ref_seq.ref_id 
_struct_ref_seq.pdbx_PDB_id_code 
_struct_ref_seq.pdbx_strand_id 
_struct_ref_seq.seq_align_beg 
_struct_ref_seq.pdbx_seq_align_beg_ins_code 
_struct_ref_seq.seq_align_end 
_struct_ref_seq.pdbx_seq_align_end_ins_code 
_struct_ref_seq.pdbx_db_accession 
_struct_ref_seq.db_align_beg 
_struct_ref_seq.pdbx_db_align_beg_ins_code 
_struct_ref_seq.db_align_end 
_struct_ref_seq.pdbx_db_align_end_ins_code 
_struct_ref_seq.pdbx_auth_seq_align_beg 
_struct_ref_seq.pdbx_auth_seq_align_end 
1 1 7JI9 A 1 ? 12 ? 7JI9 1  ? 12 ? 1  12 
2 2 7JI9 B 1 ? 9  ? 7JI9 12 ? 20 ? 12 20 
3 3 7JI9 C 1 ? 6  ? 7JI9 0  ? 5  ? 0  5  
4 4 7JI9 D 1 ? 15 ? 7JI9 2  ? 16 ? 2  16 
# 
loop_
_chem_comp.id 
_chem_comp.type 
_chem_comp.mon_nstd_flag 
_chem_comp.name 
_chem_comp.pdbx_synonyms 
_chem_comp.formula 
_chem_comp.formula_weight 
CAC non-polymer   . 'CACODYLATE ION'                     dimethylarsinate 'C2 H6 As O2 -1'  136.989 
DA  'DNA linking' y "2'-DEOXYADENOSINE-5'-MONOPHOSPHATE" ?                'C10 H14 N5 O6 P' 331.222 
DC  'DNA linking' y "2'-DEOXYCYTIDINE-5'-MONOPHOSPHATE"  ?                'C9 H14 N3 O7 P'  307.197 
DG  'DNA linking' y "2'-DEOXYGUANOSINE-5'-MONOPHOSPHATE" ?                'C10 H14 N5 O7 P' 347.221 
DT  'DNA linking' y "THYMIDINE-5'-MONOPHOSPHATE"         ?                'C10 H15 N2 O8 P' 322.208 
# 
_exptl.absorpt_coefficient_mu     ? 
_exptl.absorpt_correction_T_max   ? 
_exptl.absorpt_correction_T_min   ? 
_exptl.absorpt_correction_type    ? 
_exptl.absorpt_process_details    ? 
_exptl.entry_id                   7JI9 
_exptl.crystals_number            1 
_exptl.details                    ? 
_exptl.method                     'X-RAY DIFFRACTION' 
_exptl.method_details             ? 
# 
_exptl_crystal.colour                      ? 
_exptl_crystal.density_diffrn              ? 
_exptl_crystal.density_Matthews            4.99 
_exptl_crystal.density_method              ? 
_exptl_crystal.density_percent_sol         75.36 
_exptl_crystal.description                 ? 
_exptl_crystal.F_000                       ? 
_exptl_crystal.id                          1 
_exptl_crystal.preparation                 ? 
_exptl_crystal.size_max                    ? 
_exptl_crystal.size_mid                    ? 
_exptl_crystal.size_min                    ? 
_exptl_crystal.size_rad                    ? 
_exptl_crystal.colour_lustre               ? 
_exptl_crystal.colour_modifier             ? 
_exptl_crystal.colour_primary              ? 
_exptl_crystal.density_meas                ? 
_exptl_crystal.density_meas_esd            ? 
_exptl_crystal.density_meas_gt             ? 
_exptl_crystal.density_meas_lt             ? 
_exptl_crystal.density_meas_temp           ? 
_exptl_crystal.density_meas_temp_esd       ? 
_exptl_crystal.density_meas_temp_gt        ? 
_exptl_crystal.density_meas_temp_lt        ? 
_exptl_crystal.pdbx_crystal_image_url      ? 
_exptl_crystal.pdbx_crystal_image_format   ? 
_exptl_crystal.pdbx_mosaicity              ? 
_exptl_crystal.pdbx_mosaicity_esd          ? 
# 
_exptl_crystal_grow.apparatus       ? 
_exptl_crystal_grow.atmosphere      ? 
_exptl_crystal_grow.crystal_id      1 
_exptl_crystal_grow.details         ? 
_exptl_crystal_grow.method          'VAPOR DIFFUSION, SITTING DROP' 
_exptl_crystal_grow.method_ref      ? 
_exptl_crystal_grow.pH              ? 
_exptl_crystal_grow.pressure        ? 
_exptl_crystal_grow.pressure_esd    ? 
_exptl_crystal_grow.seeding         ? 
_exptl_crystal_grow.seeding_ref     ? 
_exptl_crystal_grow.temp            298 
_exptl_crystal_grow.temp_details    'temperature gradient generated from 60 to 25 C at 0.3 degrees per hour' 
_exptl_crystal_grow.temp_esd        ? 
_exptl_crystal_grow.time            ? 
_exptl_crystal_grow.pdbx_details    
;0.5 mL of 0.05 M Cacodylate pH 6.0 with 10 mM MgCl2, 2.5 mM spermine, 5 mM CaCl2, and 10% Isopropanol was added to the reservoir with 2 uL added to the drop containing 4 uL of DNA stock
;
_exptl_crystal_grow.pdbx_pH_range   ? 
# 
_diffrn.ambient_environment              ? 
_diffrn.ambient_temp                     100 
_diffrn.ambient_temp_details             ? 
_diffrn.ambient_temp_esd                 ? 
_diffrn.crystal_id                       1 
_diffrn.crystal_support                  ? 
_diffrn.crystal_treatment                ? 
_diffrn.details                          ? 
_diffrn.id                               1 
_diffrn.ambient_pressure                 ? 
_diffrn.ambient_pressure_esd             ? 
_diffrn.ambient_pressure_gt              ? 
_diffrn.ambient_pressure_lt              ? 
_diffrn.ambient_temp_gt                  ? 
_diffrn.ambient_temp_lt                  ? 
_diffrn.pdbx_serial_crystal_experiment   N 
# 
_diffrn_detector.details                      ? 
_diffrn_detector.detector                     PIXEL 
_diffrn_detector.diffrn_id                    1 
_diffrn_detector.type                         'DECTRIS PILATUS3 6M' 
_diffrn_detector.area_resol_mean              ? 
_diffrn_detector.dtime                        ? 
_diffrn_detector.pdbx_frames_total            ? 
_diffrn_detector.pdbx_collection_time_total   ? 
_diffrn_detector.pdbx_collection_date         2019-08-15 
_diffrn_detector.pdbx_frequency               ? 
# 
_diffrn_radiation.collimation                      ? 
_diffrn_radiation.diffrn_id                        1 
_diffrn_radiation.filter_edge                      ? 
_diffrn_radiation.inhomogeneity                    ? 
_diffrn_radiation.monochromator                    ? 
_diffrn_radiation.polarisn_norm                    ? 
_diffrn_radiation.polarisn_ratio                   ? 
_diffrn_radiation.probe                            ? 
_diffrn_radiation.type                             ? 
_diffrn_radiation.xray_symbol                      ? 
_diffrn_radiation.wavelength_id                    1 
_diffrn_radiation.pdbx_monochromatic_or_laue_m_l   M 
_diffrn_radiation.pdbx_wavelength_list             ? 
_diffrn_radiation.pdbx_wavelength                  ? 
_diffrn_radiation.pdbx_diffrn_protocol             'SINGLE WAVELENGTH' 
_diffrn_radiation.pdbx_analyzer                    ? 
_diffrn_radiation.pdbx_scattering_type             x-ray 
# 
_diffrn_radiation_wavelength.id           1 
_diffrn_radiation_wavelength.wavelength   1 
_diffrn_radiation_wavelength.wt           1.0 
# 
_diffrn_source.current                     ? 
_diffrn_source.details                     ? 
_diffrn_source.diffrn_id                   1 
_diffrn_source.power                       ? 
_diffrn_source.size                        ? 
_diffrn_source.source                      SYNCHROTRON 
_diffrn_source.target                      ? 
_diffrn_source.type                        'APS BEAMLINE 19-ID' 
_diffrn_source.voltage                     ? 
_diffrn_source.take-off_angle              ? 
_diffrn_source.pdbx_wavelength_list        1 
_diffrn_source.pdbx_wavelength             ? 
_diffrn_source.pdbx_synchrotron_beamline   19-ID 
_diffrn_source.pdbx_synchrotron_site       APS 
# 
_reflns.B_iso_Wilson_estimate            82.320 
_reflns.entry_id                         7JI9 
_reflns.data_reduction_details           ? 
_reflns.data_reduction_method            ? 
_reflns.d_resolution_high                3.100 
_reflns.d_resolution_low                 50.000 
_reflns.details                          ? 
_reflns.limit_h_max                      ? 
_reflns.limit_h_min                      ? 
_reflns.limit_k_max                      ? 
_reflns.limit_k_min                      ? 
_reflns.limit_l_max                      ? 
_reflns.limit_l_min                      ? 
_reflns.number_all                       ? 
_reflns.number_obs                       4290 
_reflns.observed_criterion               ? 
_reflns.observed_criterion_F_max         ? 
_reflns.observed_criterion_F_min         ? 
_reflns.observed_criterion_I_max         ? 
_reflns.observed_criterion_I_min         ? 
_reflns.observed_criterion_sigma_F       ? 
_reflns.observed_criterion_sigma_I       ? 
_reflns.percent_possible_obs             95.800 
_reflns.R_free_details                   ? 
_reflns.Rmerge_F_all                     ? 
_reflns.Rmerge_F_obs                     ? 
_reflns.Friedel_coverage                 ? 
_reflns.number_gt                        ? 
_reflns.threshold_expression             ? 
_reflns.pdbx_redundancy                  9.700 
_reflns.pdbx_Rmerge_I_obs                0.161 
_reflns.pdbx_Rmerge_I_all                ? 
_reflns.pdbx_Rsym_value                  ? 
_reflns.pdbx_netI_over_av_sigmaI         ? 
_reflns.pdbx_netI_over_sigmaI            7.600 
_reflns.pdbx_res_netI_over_av_sigmaI_2   ? 
_reflns.pdbx_res_netI_over_sigmaI_2      ? 
_reflns.pdbx_chi_squared                 6.059 
_reflns.pdbx_scaling_rejects             ? 
_reflns.pdbx_d_res_high_opt              ? 
_reflns.pdbx_d_res_low_opt               ? 
_reflns.pdbx_d_res_opt_method            ? 
_reflns.phase_calculation_details        ? 
_reflns.pdbx_Rrim_I_all                  0.170 
_reflns.pdbx_Rpim_I_all                  0.053 
_reflns.pdbx_d_opt                       ? 
_reflns.pdbx_number_measured_all         ? 
_reflns.pdbx_diffrn_id                   1 
_reflns.pdbx_ordinal                     1 
_reflns.pdbx_CC_half                     0.955 
_reflns.pdbx_CC_star                     ? 
_reflns.pdbx_R_split                     ? 
# 
loop_
_reflns_shell.d_res_high 
_reflns_shell.d_res_low 
_reflns_shell.meanI_over_sigI_all 
_reflns_shell.meanI_over_sigI_obs 
_reflns_shell.number_measured_all 
_reflns_shell.number_measured_obs 
_reflns_shell.number_possible 
_reflns_shell.number_unique_all 
_reflns_shell.number_unique_obs 
_reflns_shell.percent_possible_all 
_reflns_shell.percent_possible_obs 
_reflns_shell.Rmerge_F_all 
_reflns_shell.Rmerge_F_obs 
_reflns_shell.Rmerge_I_all 
_reflns_shell.Rmerge_I_obs 
_reflns_shell.meanI_over_sigI_gt 
_reflns_shell.meanI_over_uI_all 
_reflns_shell.meanI_over_uI_gt 
_reflns_shell.number_measured_gt 
_reflns_shell.number_unique_gt 
_reflns_shell.percent_possible_gt 
_reflns_shell.Rmerge_F_gt 
_reflns_shell.Rmerge_I_gt 
_reflns_shell.pdbx_redundancy 
_reflns_shell.pdbx_Rsym_value 
_reflns_shell.pdbx_chi_squared 
_reflns_shell.pdbx_netI_over_sigmaI_all 
_reflns_shell.pdbx_netI_over_sigmaI_obs 
_reflns_shell.pdbx_Rrim_I_all 
_reflns_shell.pdbx_Rpim_I_all 
_reflns_shell.pdbx_rejects 
_reflns_shell.pdbx_ordinal 
_reflns_shell.pdbx_diffrn_id 
_reflns_shell.pdbx_CC_half 
_reflns_shell.pdbx_CC_star 
_reflns_shell.pdbx_R_split 
3.100 3.150  ? ? ? ? ? ? 182 83.900  ? ? ? ? 0.619 ? ? ? ? ? ? ? ? 6.700  ? 0.755  ? ? 0.660 0.220 ? 1  1 0.916 ? ? 
3.150 3.210  ? ? ? ? ? ? 214 95.500  ? ? ? ? 0.361 ? ? ? ? ? ? ? ? 7.300  ? 1.366  ? ? 0.382 0.122 ? 2  1 0.974 ? ? 
3.210 3.270  ? ? ? ? ? ? 216 95.600  ? ? ? ? 0.241 ? ? ? ? ? ? ? ? 8.300  ? 2.085  ? ? 0.253 0.076 ? 3  1 0.988 ? ? 
3.270 3.340  ? ? ? ? ? ? 215 95.100  ? ? ? ? 0.357 ? ? ? ? ? ? ? ? 8.600  ? 1.258  ? ? 0.376 0.117 ? 4  1 0.979 ? ? 
3.340 3.410  ? ? ? ? ? ? 232 98.700  ? ? ? ? 0.272 ? ? ? ? ? ? ? ? 9.200  ? 1.815  ? ? 0.286 0.087 ? 5  1 0.994 ? ? 
3.410 3.490  ? ? ? ? ? ? 214 100.000 ? ? ? ? 0.365 ? ? ? ? ? ? ? ? 9.700  ? 1.999  ? ? 0.383 0.118 ? 6  1 0.984 ? ? 
3.490 3.580  ? ? ? ? ? ? 230 99.600  ? ? ? ? 0.335 ? ? ? ? ? ? ? ? 9.500  ? 1.789  ? ? 0.353 0.109 ? 7  1 0.988 ? ? 
3.580 3.680  ? ? ? ? ? ? 158 75.200  ? ? ? ? 0.495 ? ? ? ? ? ? ? ? 8.200  ? 1.372  ? ? 0.529 0.180 ? 8  1 0.943 ? ? 
3.680 3.780  ? ? ? ? ? ? 169 73.800  ? ? ? ? 0.631 ? ? ? ? ? ? ? ? 7.700  ? 1.121  ? ? 0.677 0.234 ? 9  1 0.965 ? ? 
3.780 3.910  ? ? ? ? ? ? 237 100.000 ? ? ? ? 0.434 ? ? ? ? ? ? ? ? 10.800 ? 1.275  ? ? 0.455 0.136 ? 10 1 0.968 ? ? 
3.910 4.040  ? ? ? ? ? ? 212 100.000 ? ? ? ? 0.402 ? ? ? ? ? ? ? ? 10.800 ? 2.582  ? ? 0.421 0.125 ? 11 1 0.956 ? ? 
4.040 4.210  ? ? ? ? ? ? 227 100.000 ? ? ? ? 0.288 ? ? ? ? ? ? ? ? 10.600 ? 2.702  ? ? 0.302 0.091 ? 12 1 0.975 ? ? 
4.210 4.400  ? ? ? ? ? ? 216 100.000 ? ? ? ? 0.256 ? ? ? ? ? ? ? ? 10.700 ? 2.989  ? ? 0.269 0.081 ? 13 1 0.967 ? ? 
4.400 4.630  ? ? ? ? ? ? 239 100.000 ? ? ? ? 0.253 ? ? ? ? ? ? ? ? 10.500 ? 3.173  ? ? 0.265 0.080 ? 14 1 0.974 ? ? 
4.630 4.920  ? ? ? ? ? ? 206 99.500  ? ? ? ? 0.220 ? ? ? ? ? ? ? ? 9.500  ? 4.618  ? ? 0.232 0.075 ? 15 1 0.970 ? ? 
4.920 5.300  ? ? ? ? ? ? 237 100.000 ? ? ? ? 0.200 ? ? ? ? ? ? ? ? 10.800 ? 8.121  ? ? 0.209 0.063 ? 16 1 0.975 ? ? 
5.300 5.830  ? ? ? ? ? ? 218 100.000 ? ? ? ? 0.178 ? ? ? ? ? ? ? ? 11.100 ? 11.890 ? ? 0.187 0.056 ? 17 1 0.979 ? ? 
5.830 6.670  ? ? ? ? ? ? 223 100.000 ? ? ? ? 0.159 ? ? ? ? ? ? ? ? 10.700 ? 10.852 ? ? 0.167 0.051 ? 18 1 0.984 ? ? 
6.670 8.400  ? ? ? ? ? ? 226 98.700  ? ? ? ? 0.130 ? ? ? ? ? ? ? ? 10.200 ? 16.119 ? ? 0.136 0.042 ? 19 1 0.989 ? ? 
8.400 50.000 ? ? ? ? ? ? 219 98.600  ? ? ? ? 0.140 ? ? ? ? ? ? ? ? 10.400 ? 31.764 ? ? 0.148 0.047 ? 20 1 0.963 ? ? 
# 
_refine.aniso_B[1][1]                            ? 
_refine.aniso_B[1][2]                            ? 
_refine.aniso_B[1][3]                            ? 
_refine.aniso_B[2][2]                            ? 
_refine.aniso_B[2][3]                            ? 
_refine.aniso_B[3][3]                            ? 
_refine.B_iso_max                                219.530 
_refine.B_iso_mean                               121.4986 
_refine.B_iso_min                                78.810 
_refine.correlation_coeff_Fo_to_Fc               ? 
_refine.correlation_coeff_Fo_to_Fc_free          ? 
_refine.details                                  ? 
_refine.diff_density_max                         ? 
_refine.diff_density_max_esd                     ? 
_refine.diff_density_min                         ? 
_refine.diff_density_min_esd                     ? 
_refine.diff_density_rms                         ? 
_refine.diff_density_rms_esd                     ? 
_refine.entry_id                                 7JI9 
_refine.pdbx_refine_id                           'X-RAY DIFFRACTION' 
_refine.ls_abs_structure_details                 ? 
_refine.ls_abs_structure_Flack                   ? 
_refine.ls_abs_structure_Flack_esd               ? 
_refine.ls_abs_structure_Rogers                  ? 
_refine.ls_abs_structure_Rogers_esd              ? 
_refine.ls_d_res_high                            3.1030 
_refine.ls_d_res_low                             35.3960 
_refine.ls_extinction_coef                       ? 
_refine.ls_extinction_coef_esd                   ? 
_refine.ls_extinction_expression                 ? 
_refine.ls_extinction_method                     ? 
_refine.ls_goodness_of_fit_all                   ? 
_refine.ls_goodness_of_fit_all_esd               ? 
_refine.ls_goodness_of_fit_obs                   ? 
_refine.ls_goodness_of_fit_obs_esd               ? 
_refine.ls_hydrogen_treatment                    ? 
_refine.ls_matrix_type                           ? 
_refine.ls_number_constraints                    ? 
_refine.ls_number_parameters                     ? 
_refine.ls_number_reflns_all                     ? 
_refine.ls_number_reflns_obs                     4147 
_refine.ls_number_reflns_R_free                  202 
_refine.ls_number_reflns_R_work                  3945 
_refine.ls_number_restraints                     ? 
_refine.ls_percent_reflns_obs                    92.5700 
_refine.ls_percent_reflns_R_free                 4.8700 
_refine.ls_R_factor_all                          ? 
_refine.ls_R_factor_obs                          0.2033 
_refine.ls_R_factor_R_free                       0.2275 
_refine.ls_R_factor_R_free_error                 ? 
_refine.ls_R_factor_R_free_error_details         ? 
_refine.ls_R_factor_R_work                       0.2020 
_refine.ls_R_Fsqd_factor_obs                     ? 
_refine.ls_R_I_factor_obs                        ? 
_refine.ls_redundancy_reflns_all                 ? 
_refine.ls_redundancy_reflns_obs                 ? 
_refine.ls_restrained_S_all                      ? 
_refine.ls_restrained_S_obs                      ? 
_refine.ls_shift_over_esd_max                    ? 
_refine.ls_shift_over_esd_mean                   ? 
_refine.ls_structure_factor_coef                 ? 
_refine.ls_weighting_details                     ? 
_refine.ls_weighting_scheme                      ? 
_refine.ls_wR_factor_all                         ? 
_refine.ls_wR_factor_obs                         ? 
_refine.ls_wR_factor_R_free                      ? 
_refine.ls_wR_factor_R_work                      ? 
_refine.occupancy_max                            ? 
_refine.occupancy_min                            ? 
_refine.solvent_model_details                    'FLAT BULK SOLVENT MODEL' 
_refine.solvent_model_param_bsol                 ? 
_refine.solvent_model_param_ksol                 ? 
_refine.pdbx_R_complete                          ? 
_refine.ls_R_factor_gt                           ? 
_refine.ls_goodness_of_fit_gt                    ? 
_refine.ls_goodness_of_fit_ref                   ? 
_refine.ls_shift_over_su_max                     ? 
_refine.ls_shift_over_su_max_lt                  ? 
_refine.ls_shift_over_su_mean                    ? 
_refine.ls_shift_over_su_mean_lt                 ? 
_refine.pdbx_ls_sigma_I                          ? 
_refine.pdbx_ls_sigma_F                          1.980 
_refine.pdbx_ls_sigma_Fsqd                       ? 
_refine.pdbx_data_cutoff_high_absF               ? 
_refine.pdbx_data_cutoff_high_rms_absF           ? 
_refine.pdbx_data_cutoff_low_absF                ? 
_refine.pdbx_isotropic_thermal_model             ? 
_refine.pdbx_ls_cross_valid_method               THROUGHOUT 
_refine.pdbx_method_to_determine_struct          'MOLECULAR REPLACEMENT' 
_refine.pdbx_starting_model                      6XNA 
_refine.pdbx_stereochemistry_target_values       ML 
_refine.pdbx_R_Free_selection_details            ? 
_refine.pdbx_stereochem_target_val_spec_case     ? 
_refine.pdbx_overall_ESU_R                       ? 
_refine.pdbx_overall_ESU_R_Free                  ? 
_refine.pdbx_solvent_vdw_probe_radii             1.1100 
_refine.pdbx_solvent_ion_probe_radii             ? 
_refine.pdbx_solvent_shrinkage_radii             0.9000 
_refine.pdbx_real_space_R                        ? 
_refine.pdbx_density_correlation                 ? 
_refine.pdbx_pd_number_of_powder_patterns        ? 
_refine.pdbx_pd_number_of_points                 ? 
_refine.pdbx_pd_meas_number_of_points            ? 
_refine.pdbx_pd_proc_ls_prof_R_factor            ? 
_refine.pdbx_pd_proc_ls_prof_wR_factor           ? 
_refine.pdbx_pd_Marquardt_correlation_coeff      ? 
_refine.pdbx_pd_Fsqrd_R_factor                   ? 
_refine.pdbx_pd_ls_matrix_band_width             ? 
_refine.pdbx_overall_phase_error                 29.6800 
_refine.pdbx_overall_SU_R_free_Cruickshank_DPI   ? 
_refine.pdbx_overall_SU_R_free_Blow_DPI          ? 
_refine.pdbx_overall_SU_R_Blow_DPI               ? 
_refine.pdbx_TLS_residual_ADP_flag               ? 
_refine.pdbx_diffrn_id                           1 
_refine.overall_SU_B                             ? 
_refine.overall_SU_ML                            0.1200 
_refine.overall_SU_R_Cruickshank_DPI             ? 
_refine.overall_SU_R_free                        ? 
_refine.overall_FOM_free_R_set                   ? 
_refine.overall_FOM_work_R_set                   ? 
_refine.pdbx_average_fsc_overall                 ? 
_refine.pdbx_average_fsc_work                    ? 
_refine.pdbx_average_fsc_free                    ? 
# 
_refine_hist.pdbx_refine_id                   'X-RAY DIFFRACTION' 
_refine_hist.cycle_id                         final 
_refine_hist.details                          ? 
_refine_hist.d_res_high                       3.1030 
_refine_hist.d_res_low                        35.3960 
_refine_hist.number_atoms_solvent             0 
_refine_hist.number_atoms_total               856 
_refine_hist.number_reflns_all                ? 
_refine_hist.number_reflns_obs                ? 
_refine_hist.number_reflns_R_free             ? 
_refine_hist.number_reflns_R_work             ? 
_refine_hist.R_factor_all                     ? 
_refine_hist.R_factor_obs                     ? 
_refine_hist.R_factor_R_free                  ? 
_refine_hist.R_factor_R_work                  ? 
_refine_hist.pdbx_number_residues_total       42 
_refine_hist.pdbx_B_iso_mean_ligand           219.53 
_refine_hist.pdbx_B_iso_mean_solvent          ? 
_refine_hist.pdbx_number_atoms_protein        0 
_refine_hist.pdbx_number_atoms_nucleic_acid   855 
_refine_hist.pdbx_number_atoms_ligand         1 
_refine_hist.pdbx_number_atoms_lipid          ? 
_refine_hist.pdbx_number_atoms_carb           ? 
_refine_hist.pdbx_pseudo_atom_details         ? 
# 
loop_
_refine_ls_restr.pdbx_refine_id 
_refine_ls_restr.criterion 
_refine_ls_restr.dev_ideal 
_refine_ls_restr.dev_ideal_target 
_refine_ls_restr.number 
_refine_ls_restr.rejects 
_refine_ls_restr.type 
_refine_ls_restr.weight 
_refine_ls_restr.pdbx_restraint_function 
'X-RAY DIFFRACTION' ? 0.006  ? 956  ? f_bond_d           ? ? 
'X-RAY DIFFRACTION' ? 0.727  ? 1467 ? f_angle_d          ? ? 
'X-RAY DIFFRACTION' ? 0.035  ? 166  ? f_chiral_restr     ? ? 
'X-RAY DIFFRACTION' ? 0.004  ? 42   ? f_plane_restr      ? ? 
'X-RAY DIFFRACTION' ? 33.642 ? 406  ? f_dihedral_angle_d ? ? 
# 
_refine_ls_shell.pdbx_refine_id                   'X-RAY DIFFRACTION' 
_refine_ls_shell.d_res_high                       3.103 
_refine_ls_shell.d_res_low                        ? 
_refine_ls_shell.number_reflns_all                ? 
_refine_ls_shell.number_reflns_obs                ? 
_refine_ls_shell.number_reflns_R_free             202 
_refine_ls_shell.number_reflns_R_work             3945 
_refine_ls_shell.percent_reflns_obs               93.0000 
_refine_ls_shell.percent_reflns_R_free            ? 
_refine_ls_shell.R_factor_all                     ? 
_refine_ls_shell.R_factor_obs                     ? 
_refine_ls_shell.R_factor_R_free                  0.2275 
_refine_ls_shell.R_factor_R_free_error            0.0000 
_refine_ls_shell.R_factor_R_work                  0.2020 
_refine_ls_shell.redundancy_reflns_all            ? 
_refine_ls_shell.redundancy_reflns_obs            ? 
_refine_ls_shell.wR_factor_all                    ? 
_refine_ls_shell.wR_factor_obs                    ? 
_refine_ls_shell.wR_factor_R_free                 ? 
_refine_ls_shell.wR_factor_R_work                 ? 
_refine_ls_shell.pdbx_R_complete                  ? 
_refine_ls_shell.pdbx_total_number_of_bins_used   ? 
_refine_ls_shell.pdbx_phase_error                 ? 
_refine_ls_shell.pdbx_fsc_work                    ? 
_refine_ls_shell.pdbx_fsc_free                    ? 
# 
_struct.entry_id                     7JI9 
_struct.title                        
;Self-assembly of a 3D DNA crystal lattice (4x6 scramble junction version) containing the J30 immobile Holliday junction with R3 symmetry
;
_struct.pdbx_model_details           ? 
_struct.pdbx_formula_weight          ? 
_struct.pdbx_formula_weight_method   ? 
_struct.pdbx_model_type_details      ? 
_struct.pdbx_CASP_flag               N 
# 
_struct_keywords.entry_id        7JI9 
_struct_keywords.text            
'Structural DNA nanotechnology, immobile Holliday junctions, 3D DNA self-assembly, designer DNA crystals, DNA' 
_struct_keywords.pdbx_keywords   DNA 
# 
loop_
_struct_asym.id 
_struct_asym.pdbx_blank_PDB_chainid_flag 
_struct_asym.pdbx_modified 
_struct_asym.entity_id 
_struct_asym.details 
A N N 1 ? 
B N N 2 ? 
C N N 3 ? 
D N N 4 ? 
E N N 5 ? 
# 
loop_
_struct_conn.id 
_struct_conn.conn_type_id 
_struct_conn.pdbx_leaving_atom_flag 
_struct_conn.pdbx_PDB_id 
_struct_conn.ptnr1_label_asym_id 
_struct_conn.ptnr1_label_comp_id 
_struct_conn.ptnr1_label_seq_id 
_struct_conn.ptnr1_label_atom_id 
_struct_conn.pdbx_ptnr1_label_alt_id 
_struct_conn.pdbx_ptnr1_PDB_ins_code 
_struct_conn.pdbx_ptnr1_standard_comp_id 
_struct_conn.ptnr1_symmetry 
_struct_conn.ptnr2_label_asym_id 
_struct_conn.ptnr2_label_comp_id 
_struct_conn.ptnr2_label_seq_id 
_struct_conn.ptnr2_label_atom_id 
_struct_conn.pdbx_ptnr2_label_alt_id 
_struct_conn.pdbx_ptnr2_PDB_ins_code 
_struct_conn.ptnr1_auth_asym_id 
_struct_conn.ptnr1_auth_comp_id 
_struct_conn.ptnr1_auth_seq_id 
_struct_conn.ptnr2_auth_asym_id 
_struct_conn.ptnr2_auth_comp_id 
_struct_conn.ptnr2_auth_seq_id 
_struct_conn.ptnr2_symmetry 
_struct_conn.pdbx_ptnr3_label_atom_id 
_struct_conn.pdbx_ptnr3_label_seq_id 
_struct_conn.pdbx_ptnr3_label_comp_id 
_struct_conn.pdbx_ptnr3_label_asym_id 
_struct_conn.pdbx_ptnr3_label_alt_id 
_struct_conn.pdbx_ptnr3_PDB_ins_code 
_struct_conn.details 
_struct_conn.pdbx_dist_value 
_struct_conn.pdbx_value_order 
_struct_conn.pdbx_role 
hydrog1  hydrog ? ? A DA 2  N6 ? ? ? 1_555 D DT 15 O4 ? ? A DA 2  D DT 16 1_555 ? ? ? ? ? ? 'DA-DT PAIR' ? ? ? 
hydrog2  hydrog ? ? A DA 3  N1 ? ? ? 1_555 D DT 15 N3 ? ? A DA 3  D DT 16 1_555 ? ? ? ? ? ? WATSON-CRICK ? ? ? 
hydrog3  hydrog ? ? A DA 3  N6 ? ? ? 1_555 D DT 15 O4 ? ? A DA 3  D DT 16 1_555 ? ? ? ? ? ? WATSON-CRICK ? ? ? 
hydrog4  hydrog ? ? A DC 4  N3 ? ? ? 1_555 D DG 14 N1 ? ? A DC 4  D DG 15 1_555 ? ? ? ? ? ? WATSON-CRICK ? ? ? 
hydrog5  hydrog ? ? A DC 4  N4 ? ? ? 1_555 D DG 14 O6 ? ? A DC 4  D DG 15 1_555 ? ? ? ? ? ? WATSON-CRICK ? ? ? 
hydrog6  hydrog ? ? A DC 4  O2 ? ? ? 1_555 D DG 14 N2 ? ? A DC 4  D DG 15 1_555 ? ? ? ? ? ? WATSON-CRICK ? ? ? 
hydrog7  hydrog ? ? A DG 5  N1 ? ? ? 1_555 D DC 13 N3 ? ? A DG 5  D DC 14 1_555 ? ? ? ? ? ? WATSON-CRICK ? ? ? 
hydrog8  hydrog ? ? A DG 5  N2 ? ? ? 1_555 D DC 13 O2 ? ? A DG 5  D DC 14 1_555 ? ? ? ? ? ? WATSON-CRICK ? ? ? 
hydrog9  hydrog ? ? A DG 5  O6 ? ? ? 1_555 D DC 13 N4 ? ? A DG 5  D DC 14 1_555 ? ? ? ? ? ? WATSON-CRICK ? ? ? 
hydrog10 hydrog ? ? A DA 6  N1 ? ? ? 1_555 D DT 12 N3 ? ? A DA 6  D DT 13 1_555 ? ? ? ? ? ? WATSON-CRICK ? ? ? 
hydrog11 hydrog ? ? A DA 6  N6 ? ? ? 1_555 D DT 12 O4 ? ? A DA 6  D DT 13 1_555 ? ? ? ? ? ? WATSON-CRICK ? ? ? 
hydrog12 hydrog ? ? A DC 7  N3 ? ? ? 1_555 D DG 11 N1 ? ? A DC 7  D DG 12 1_555 ? ? ? ? ? ? WATSON-CRICK ? ? ? 
hydrog13 hydrog ? ? A DC 7  N4 ? ? ? 1_555 D DG 11 O6 ? ? A DC 7  D DG 12 1_555 ? ? ? ? ? ? WATSON-CRICK ? ? ? 
hydrog14 hydrog ? ? A DC 7  O2 ? ? ? 1_555 D DG 11 N2 ? ? A DC 7  D DG 12 1_555 ? ? ? ? ? ? WATSON-CRICK ? ? ? 
hydrog15 hydrog ? ? A DA 8  N1 ? ? ? 1_555 D DT 10 N3 ? ? A DA 8  D DT 11 1_555 ? ? ? ? ? ? WATSON-CRICK ? ? ? 
hydrog16 hydrog ? ? A DA 8  N6 ? ? ? 1_555 D DT 10 O4 ? ? A DA 8  D DT 11 1_555 ? ? ? ? ? ? WATSON-CRICK ? ? ? 
hydrog17 hydrog ? ? A DC 9  N3 ? ? ? 1_555 D DG 9  N1 ? ? A DC 9  D DG 10 1_555 ? ? ? ? ? ? WATSON-CRICK ? ? ? 
hydrog18 hydrog ? ? A DC 9  N4 ? ? ? 1_555 D DG 9  O6 ? ? A DC 9  D DG 10 1_555 ? ? ? ? ? ? WATSON-CRICK ? ? ? 
hydrog19 hydrog ? ? A DC 9  O2 ? ? ? 1_555 D DG 9  N2 ? ? A DC 9  D DG 10 1_555 ? ? ? ? ? ? WATSON-CRICK ? ? ? 
hydrog20 hydrog ? ? A DT 10 N3 ? ? ? 1_555 C DA 3  N1 ? ? A DT 10 C DA 2  1_555 ? ? ? ? ? ? 'DT-DA PAIR' ? ? ? 
hydrog21 hydrog ? ? A DG 11 N1 ? ? ? 1_555 C DC 2  N3 ? ? A DG 11 C DC 1  1_555 ? ? ? ? ? ? WATSON-CRICK ? ? ? 
hydrog22 hydrog ? ? A DG 11 N2 ? ? ? 1_555 C DC 2  O2 ? ? A DG 11 C DC 1  1_555 ? ? ? ? ? ? WATSON-CRICK ? ? ? 
hydrog23 hydrog ? ? A DG 11 O6 ? ? ? 1_555 C DC 2  N4 ? ? A DG 11 C DC 1  1_555 ? ? ? ? ? ? WATSON-CRICK ? ? ? 
hydrog24 hydrog ? ? A DA 12 N1 ? ? ? 1_555 C DT 1  N3 ? ? A DA 12 C DT 0  1_555 ? ? ? ? ? ? WATSON-CRICK ? ? ? 
hydrog25 hydrog ? ? A DA 12 N6 ? ? ? 1_555 C DT 1  O4 ? ? A DA 12 C DT 0  1_555 ? ? ? ? ? ? WATSON-CRICK ? ? ? 
hydrog26 hydrog ? ? B DC 1  N3 ? ? ? 1_555 C DG 6  N1 ? ? B DC 12 C DG 5  1_555 ? ? ? ? ? ? WATSON-CRICK ? ? ? 
hydrog27 hydrog ? ? B DC 1  N4 ? ? ? 1_555 C DG 6  O6 ? ? B DC 12 C DG 5  1_555 ? ? ? ? ? ? WATSON-CRICK ? ? ? 
hydrog28 hydrog ? ? B DC 1  O2 ? ? ? 1_555 C DG 6  N2 ? ? B DC 12 C DG 5  1_555 ? ? ? ? ? ? WATSON-CRICK ? ? ? 
hydrog29 hydrog ? ? B DG 2  N1 ? ? ? 1_555 C DC 5  N3 ? ? B DG 13 C DC 4  1_555 ? ? ? ? ? ? WATSON-CRICK ? ? ? 
hydrog30 hydrog ? ? B DG 2  N2 ? ? ? 1_555 C DC 5  O2 ? ? B DG 13 C DC 4  1_555 ? ? ? ? ? ? WATSON-CRICK ? ? ? 
hydrog31 hydrog ? ? B DG 2  O6 ? ? ? 1_555 C DC 5  N4 ? ? B DG 13 C DC 4  1_555 ? ? ? ? ? ? WATSON-CRICK ? ? ? 
hydrog32 hydrog ? ? B DG 3  N1 ? ? ? 1_555 C DC 4  N3 ? ? B DG 14 C DC 3  1_555 ? ? ? ? ? ? WATSON-CRICK ? ? ? 
hydrog33 hydrog ? ? B DG 3  N2 ? ? ? 1_555 C DC 4  O2 ? ? B DG 14 C DC 3  1_555 ? ? ? ? ? ? WATSON-CRICK ? ? ? 
hydrog34 hydrog ? ? B DG 3  O6 ? ? ? 1_555 C DC 4  N4 ? ? B DG 14 C DC 3  1_555 ? ? ? ? ? ? WATSON-CRICK ? ? ? 
hydrog35 hydrog ? ? B DG 4  N1 ? ? ? 1_555 D DC 8  N3 ? ? B DG 15 D DC 9  1_555 ? ? ? ? ? ? WATSON-CRICK ? ? ? 
hydrog36 hydrog ? ? B DG 4  N2 ? ? ? 1_555 D DC 8  O2 ? ? B DG 15 D DC 9  1_555 ? ? ? ? ? ? WATSON-CRICK ? ? ? 
hydrog37 hydrog ? ? B DG 4  O6 ? ? ? 1_555 D DC 8  N4 ? ? B DG 15 D DC 9  1_555 ? ? ? ? ? ? WATSON-CRICK ? ? ? 
hydrog38 hydrog ? ? B DG 5  N1 ? ? ? 1_555 D DC 7  N3 ? ? B DG 16 D DC 8  1_555 ? ? ? ? ? ? WATSON-CRICK ? ? ? 
hydrog39 hydrog ? ? B DG 5  N2 ? ? ? 1_555 D DC 7  O2 ? ? B DG 16 D DC 8  1_555 ? ? ? ? ? ? WATSON-CRICK ? ? ? 
hydrog40 hydrog ? ? B DG 5  O6 ? ? ? 1_555 D DC 7  N4 ? ? B DG 16 D DC 8  1_555 ? ? ? ? ? ? WATSON-CRICK ? ? ? 
hydrog41 hydrog ? ? B DA 6  N1 ? ? ? 1_555 D DT 6  N3 ? ? B DA 17 D DT 7  1_555 ? ? ? ? ? ? WATSON-CRICK ? ? ? 
hydrog42 hydrog ? ? B DA 6  N6 ? ? ? 1_555 D DT 6  O4 ? ? B DA 17 D DT 7  1_555 ? ? ? ? ? ? WATSON-CRICK ? ? ? 
hydrog43 hydrog ? ? B DC 7  N3 ? ? ? 1_555 D DG 5  N1 ? ? B DC 18 D DG 6  1_555 ? ? ? ? ? ? WATSON-CRICK ? ? ? 
hydrog44 hydrog ? ? B DC 7  N4 ? ? ? 1_555 D DG 5  O6 ? ? B DC 18 D DG 6  1_555 ? ? ? ? ? ? WATSON-CRICK ? ? ? 
hydrog45 hydrog ? ? B DC 7  O2 ? ? ? 1_555 D DG 5  N2 ? ? B DC 18 D DG 6  1_555 ? ? ? ? ? ? WATSON-CRICK ? ? ? 
hydrog46 hydrog ? ? B DT 8  N3 ? ? ? 1_555 D DA 4  N1 ? ? B DT 19 D DA 5  1_555 ? ? ? ? ? ? WATSON-CRICK ? ? ? 
hydrog47 hydrog ? ? B DT 8  O4 ? ? ? 1_555 D DA 4  N6 ? ? B DT 19 D DA 5  1_555 ? ? ? ? ? ? WATSON-CRICK ? ? ? 
hydrog48 hydrog ? ? B DC 9  N3 ? ? ? 1_555 D DG 3  N1 ? ? B DC 20 D DG 4  1_555 ? ? ? ? ? ? WATSON-CRICK ? ? ? 
hydrog49 hydrog ? ? B DC 9  N4 ? ? ? 1_555 D DG 3  O6 ? ? B DC 20 D DG 4  1_555 ? ? ? ? ? ? WATSON-CRICK ? ? ? 
hydrog50 hydrog ? ? B DC 9  O2 ? ? ? 1_555 D DG 3  N2 ? ? B DC 20 D DG 4  1_555 ? ? ? ? ? ? WATSON-CRICK ? ? ? 
# 
_struct_conn_type.id          hydrog 
_struct_conn_type.criteria    ? 
_struct_conn_type.reference   ? 
# 
_atom_sites.entry_id                    7JI9 
_atom_sites.Cartn_transf_matrix[1][1]   ? 
_atom_sites.Cartn_transf_matrix[1][2]   ? 
_atom_sites.Cartn_transf_matrix[1][3]   ? 
_atom_sites.Cartn_transf_matrix[2][1]   ? 
_atom_sites.Cartn_transf_matrix[2][2]   ? 
_atom_sites.Cartn_transf_matrix[2][3]   ? 
_atom_sites.Cartn_transf_matrix[3][1]   ? 
_atom_sites.Cartn_transf_matrix[3][2]   ? 
_atom_sites.Cartn_transf_matrix[3][3]   ? 
_atom_sites.Cartn_transf_vector[1]      ? 
_atom_sites.Cartn_transf_vector[2]      ? 
_atom_sites.Cartn_transf_vector[3]      ? 
_atom_sites.fract_transf_matrix[1][1]   0.00396760 
_atom_sites.fract_transf_matrix[1][2]   0.00602618 
_atom_sites.fract_transf_matrix[1][3]   0.00702178 
_atom_sites.fract_transf_matrix[2][1]   -0.00582162 
_atom_sites.fract_transf_matrix[2][2]   0.00369683 
_atom_sites.fract_transf_matrix[2][3]   0.00733394 
_atom_sites.fract_transf_matrix[3][1]   0.00411770 
_atom_sites.fract_transf_matrix[3][2]   -0.01579951 
_atom_sites.fract_transf_matrix[3][3]   0.01123268 
_atom_sites.fract_transf_vector[1]      1.161007 
_atom_sites.fract_transf_vector[2]      0.325535 
_atom_sites.fract_transf_vector[3]      0.096935 
_atom_sites.solution_primary            ? 
_atom_sites.solution_secondary          ? 
_atom_sites.solution_hydrogens          ? 
_atom_sites.special_details             ? 
# 
loop_
_atom_type.symbol 
AS 
C  
N  
O  
P  
# 
loop_
_atom_site.group_PDB 
_atom_site.id 
_atom_site.type_symbol 
_atom_site.label_atom_id 
_atom_site.label_alt_id 
_atom_site.label_comp_id 
_atom_site.label_asym_id 
_atom_site.label_entity_id 
_atom_site.label_seq_id 
_atom_site.pdbx_PDB_ins_code 
_atom_site.Cartn_x 
_atom_site.Cartn_y 
_atom_site.Cartn_z 
_atom_site.occupancy 
_atom_site.B_iso_or_equiv 
_atom_site.pdbx_formal_charge 
_atom_site.auth_seq_id 
_atom_site.auth_comp_id 
_atom_site.auth_asym_id 
_atom_site.auth_atom_id 
_atom_site.pdbx_PDB_model_num 
ATOM   1   O  "O5'" . DG  A 1 1  ? 11.045  14.744  -18.937 1.00 148.50 ? 1   DG  A "O5'" 1 
ATOM   2   C  "C5'" . DG  A 1 1  ? 11.552  16.026  -18.568 1.00 155.98 ? 1   DG  A "C5'" 1 
ATOM   3   C  "C4'" . DG  A 1 1  ? 12.921  15.901  -17.919 1.00 150.50 ? 1   DG  A "C4'" 1 
ATOM   4   O  "O4'" . DG  A 1 1  ? 13.221  17.115  -17.214 1.00 136.55 ? 1   DG  A "O4'" 1 
ATOM   5   C  "C3'" . DG  A 1 1  ? 13.033  14.801  -16.873 1.00 149.32 ? 1   DG  A "C3'" 1 
ATOM   6   O  "O3'" . DG  A 1 1  ? 13.495  13.613  -17.486 1.00 158.38 ? 1   DG  A "O3'" 1 
ATOM   7   C  "C2'" . DG  A 1 1  ? 14.057  15.339  -15.868 1.00 138.24 ? 1   DG  A "C2'" 1 
ATOM   8   C  "C1'" . DG  A 1 1  ? 14.147  16.835  -16.192 1.00 132.13 ? 1   DG  A "C1'" 1 
ATOM   9   N  N9    . DG  A 1 1  ? 13.868  17.721  -15.060 1.00 128.61 ? 1   DG  A N9    1 
ATOM   10  C  C8    . DG  A 1 1  ? 13.097  18.858  -15.082 1.00 128.92 ? 1   DG  A C8    1 
ATOM   11  N  N7    . DG  A 1 1  ? 13.039  19.470  -13.933 1.00 124.75 ? 1   DG  A N7    1 
ATOM   12  C  C5    . DG  A 1 1  ? 13.822  18.693  -13.093 1.00 125.83 ? 1   DG  A C5    1 
ATOM   13  C  C6    . DG  A 1 1  ? 14.128  18.864  -11.725 1.00 128.73 ? 1   DG  A C6    1 
ATOM   14  O  O6    . DG  A 1 1  ? 13.752  19.766  -10.964 1.00 130.00 ? 1   DG  A O6    1 
ATOM   15  N  N1    . DG  A 1 1  ? 14.959  17.852  -11.248 1.00 129.48 ? 1   DG  A N1    1 
ATOM   16  C  C2    . DG  A 1 1  ? 15.435  16.805  -12.001 1.00 129.43 ? 1   DG  A C2    1 
ATOM   17  N  N2    . DG  A 1 1  ? 16.225  15.928  -11.363 1.00 129.43 ? 1   DG  A N2    1 
ATOM   18  N  N3    . DG  A 1 1  ? 15.159  16.631  -13.290 1.00 127.70 ? 1   DG  A N3    1 
ATOM   19  C  C4    . DG  A 1 1  ? 14.346  17.610  -13.770 1.00 127.81 ? 1   DG  A C4    1 
ATOM   20  P  P     . DA  A 1 2  ? 12.583  12.293  -17.473 1.00 167.33 ? 2   DA  A P     1 
ATOM   21  O  OP1   . DA  A 1 2  ? 13.010  11.440  -18.608 1.00 148.87 ? 2   DA  A OP1   1 
ATOM   22  O  OP2   . DA  A 1 2  ? 11.169  12.726  -17.369 1.00 152.06 ? 2   DA  A OP2   1 
ATOM   23  O  "O5'" . DA  A 1 2  ? 12.981  11.578  -16.101 1.00 151.48 ? 2   DA  A "O5'" 1 
ATOM   24  C  "C5'" . DA  A 1 2  ? 14.343  11.345  -15.795 1.00 149.48 ? 2   DA  A "C5'" 1 
ATOM   25  C  "C4'" . DA  A 1 2  ? 14.534  11.234  -14.296 1.00 151.06 ? 2   DA  A "C4'" 1 
ATOM   26  O  "O4'" . DA  A 1 2  ? 14.353  12.538  -13.685 1.00 143.46 ? 2   DA  A "O4'" 1 
ATOM   27  C  "C3'" . DA  A 1 2  ? 13.547  10.301  -13.598 1.00 146.77 ? 2   DA  A "C3'" 1 
ATOM   28  O  "O3'" . DA  A 1 2  ? 14.212  9.552   -12.602 1.00 150.44 ? 2   DA  A "O3'" 1 
ATOM   29  C  "C2'" . DA  A 1 2  ? 12.535  11.259  -12.986 1.00 141.03 ? 2   DA  A "C2'" 1 
ATOM   30  C  "C1'" . DA  A 1 2  ? 13.422  12.436  -12.635 1.00 136.54 ? 2   DA  A "C1'" 1 
ATOM   31  N  N9    . DA  A 1 2  ? 12.695  13.689  -12.546 1.00 133.73 ? 2   DA  A N9    1 
ATOM   32  C  C8    . DA  A 1 2  ? 11.920  14.268  -13.515 1.00 134.00 ? 2   DA  A C8    1 
ATOM   33  N  N7    . DA  A 1 2  ? 11.380  15.405  -13.146 1.00 128.71 ? 2   DA  A N7    1 
ATOM   34  C  C5    . DA  A 1 2  ? 11.833  15.578  -11.846 1.00 132.78 ? 2   DA  A C5    1 
ATOM   35  C  C6    . DA  A 1 2  ? 11.619  16.594  -10.890 1.00 134.36 ? 2   DA  A C6    1 
ATOM   36  N  N6    . DA  A 1 2  ? 10.858  17.672  -11.115 1.00 130.46 ? 2   DA  A N6    1 
ATOM   37  N  N1    . DA  A 1 2  ? 12.221  16.457  -9.686  1.00 132.56 ? 2   DA  A N1    1 
ATOM   38  C  C2    . DA  A 1 2  ? 12.983  15.377  -9.464  1.00 132.81 ? 2   DA  A C2    1 
ATOM   39  N  N3    . DA  A 1 2  ? 13.254  14.360  -10.282 1.00 128.94 ? 2   DA  A N3    1 
ATOM   40  C  C4    . DA  A 1 2  ? 12.644  14.526  -11.466 1.00 129.77 ? 2   DA  A C4    1 
ATOM   41  P  P     . DA  A 1 3  ? 13.661  8.100   -12.198 1.00 156.87 ? 3   DA  A P     1 
ATOM   42  O  OP1   . DA  A 1 3  ? 14.680  7.096   -12.581 1.00 149.49 ? 3   DA  A OP1   1 
ATOM   43  O  OP2   . DA  A 1 3  ? 12.288  7.986   -12.739 1.00 154.27 ? 3   DA  A OP2   1 
ATOM   44  O  "O5'" . DA  A 1 3  ? 13.551  8.166   -10.607 1.00 143.68 ? 3   DA  A "O5'" 1 
ATOM   45  C  "C5'" . DA  A 1 3  ? 14.722  8.227   -9.821  1.00 134.69 ? 3   DA  A "C5'" 1 
ATOM   46  C  "C4'" . DA  A 1 3  ? 14.401  8.753   -8.439  1.00 138.15 ? 3   DA  A "C4'" 1 
ATOM   47  O  "O4'" . DA  A 1 3  ? 13.868  10.097  -8.549  1.00 134.20 ? 3   DA  A "O4'" 1 
ATOM   48  C  "C3'" . DA  A 1 3  ? 13.357  7.947   -7.662  1.00 136.66 ? 3   DA  A "C3'" 1 
ATOM   49  O  "O3'" . DA  A 1 3  ? 13.756  7.844   -6.300  1.00 140.87 ? 3   DA  A "O3'" 1 
ATOM   50  C  "C2'" . DA  A 1 3  ? 12.086  8.784   -7.815  1.00 129.18 ? 3   DA  A "C2'" 1 
ATOM   51  C  "C1'" . DA  A 1 3  ? 12.663  10.188  -7.826  1.00 127.81 ? 3   DA  A "C1'" 1 
ATOM   52  N  N9    . DA  A 1 3  ? 11.820  11.175  -8.482  1.00 125.08 ? 3   DA  A N9    1 
ATOM   53  C  C8    . DA  A 1 3  ? 11.357  11.142  -9.767  1.00 131.65 ? 3   DA  A C8    1 
ATOM   54  N  N7    . DA  A 1 3  ? 10.631  12.186  -10.093 1.00 129.34 ? 3   DA  A N7    1 
ATOM   55  C  C5    . DA  A 1 3  ? 10.628  12.960  -8.943  1.00 127.45 ? 3   DA  A C5    1 
ATOM   56  C  C6    . DA  A 1 3  ? 10.033  14.203  -8.628  1.00 131.58 ? 3   DA  A C6    1 
ATOM   57  N  N6    . DA  A 1 3  ? 9.294   14.910  -9.494  1.00 130.44 ? 3   DA  A N6    1 
ATOM   58  N  N1    . DA  A 1 3  ? 10.232  14.694  -7.385  1.00 131.31 ? 3   DA  A N1    1 
ATOM   59  C  C2    . DA  A 1 3  ? 10.970  13.985  -6.521  1.00 128.25 ? 3   DA  A C2    1 
ATOM   60  N  N3    . DA  A 1 3  ? 11.574  12.811  -6.700  1.00 120.66 ? 3   DA  A N3    1 
ATOM   61  C  C4    . DA  A 1 3  ? 11.362  12.351  -7.944  1.00 122.30 ? 3   DA  A C4    1 
ATOM   62  P  P     . DC  A 1 4  ? 13.145  6.697   -5.357  1.00 145.79 ? 4   DC  A P     1 
ATOM   63  O  OP1   . DC  A 1 4  ? 14.240  6.145   -4.528  1.00 134.24 ? 4   DC  A OP1   1 
ATOM   64  O  OP2   . DC  A 1 4  ? 12.321  5.813   -6.216  1.00 135.17 ? 4   DC  A OP2   1 
ATOM   65  O  "O5'" . DC  A 1 4  ? 12.174  7.496   -4.378  1.00 137.69 ? 4   DC  A "O5'" 1 
ATOM   66  C  "C5'" . DC  A 1 4  ? 12.719  8.339   -3.385  1.00 131.76 ? 4   DC  A "C5'" 1 
ATOM   67  C  "C4'" . DC  A 1 4  ? 11.639  9.208   -2.780  1.00 134.97 ? 4   DC  A "C4'" 1 
ATOM   68  O  "O4'" . DC  A 1 4  ? 11.131  10.101  -3.781  1.00 132.19 ? 4   DC  A "O4'" 1 
ATOM   69  C  "C3'" . DC  A 1 4  ? 10.425  8.443   -2.254  1.00 140.16 ? 4   DC  A "C3'" 1 
ATOM   70  O  "O3'" . DC  A 1 4  ? 10.488  8.371   -0.829  1.00 144.67 ? 4   DC  A "O3'" 1 
ATOM   71  C  "C2'" . DC  A 1 4  ? 9.202   9.251   -2.745  1.00 136.13 ? 4   DC  A "C2'" 1 
ATOM   72  C  "C1'" . DC  A 1 4  ? 9.825   10.469  -3.430  1.00 130.85 ? 4   DC  A "C1'" 1 
ATOM   73  N  N1    . DC  A 1 4  ? 9.128   10.908  -4.675  1.00 128.09 ? 4   DC  A N1    1 
ATOM   74  C  C2    . DC  A 1 4  ? 8.503   12.158  -4.712  1.00 124.41 ? 4   DC  A C2    1 
ATOM   75  O  O2    . DC  A 1 4  ? 8.514   12.864  -3.697  1.00 119.59 ? 4   DC  A O2    1 
ATOM   76  N  N3    . DC  A 1 4  ? 7.892   12.556  -5.857  1.00 124.06 ? 4   DC  A N3    1 
ATOM   77  C  C4    . DC  A 1 4  ? 7.902   11.764  -6.932  1.00 120.22 ? 4   DC  A C4    1 
ATOM   78  N  N4    . DC  A 1 4  ? 7.288   12.201  -8.037  1.00 111.24 ? 4   DC  A N4    1 
ATOM   79  C  C5    . DC  A 1 4  ? 8.544   10.489  -6.919  1.00 120.64 ? 4   DC  A C5    1 
ATOM   80  C  C6    . DC  A 1 4  ? 9.143   10.107  -5.783  1.00 125.25 ? 4   DC  A C6    1 
ATOM   81  P  P     . DG  A 1 5  ? 9.567   7.331   -0.022  1.00 148.14 ? 5   DG  A P     1 
ATOM   82  O  OP1   . DG  A 1 5  ? 10.310  6.915   1.192   1.00 138.29 ? 5   DG  A OP1   1 
ATOM   83  O  OP2   . DG  A 1 5  ? 9.111   6.291   -0.975  1.00 139.54 ? 5   DG  A OP2   1 
ATOM   84  O  "O5'" . DG  A 1 5  ? 8.318   8.228   0.418   1.00 141.36 ? 5   DG  A "O5'" 1 
ATOM   85  C  "C5'" . DG  A 1 5  ? 8.548   9.466   1.077   1.00 136.42 ? 5   DG  A "C5'" 1 
ATOM   86  C  "C4'" . DG  A 1 5  ? 7.372   10.414  0.906   1.00 141.02 ? 5   DG  A "C4'" 1 
ATOM   87  O  "O4'" . DG  A 1 5  ? 7.152   10.691  -0.501  1.00 133.73 ? 5   DG  A "O4'" 1 
ATOM   88  C  "C3'" . DG  A 1 5  ? 6.030   9.908   1.456   1.00 139.93 ? 5   DG  A "C3'" 1 
ATOM   89  O  "O3'" . DG  A 1 5  ? 5.475   10.884  2.327   1.00 136.41 ? 5   DG  A "O3'" 1 
ATOM   90  C  "C2'" . DG  A 1 5  ? 5.170   9.726   0.200   1.00 134.80 ? 5   DG  A "C2'" 1 
ATOM   91  C  "C1'" . DG  A 1 5  ? 5.767   10.769  -0.723  1.00 130.47 ? 5   DG  A "C1'" 1 
ATOM   92  N  N9    . DG  A 1 5  ? 5.508   10.527  -2.136  1.00 121.69 ? 5   DG  A N9    1 
ATOM   93  C  C8    . DG  A 1 5  ? 5.826   9.401   -2.855  1.00 124.92 ? 5   DG  A C8    1 
ATOM   94  N  N7    . DG  A 1 5  ? 5.478   9.470   -4.111  1.00 120.92 ? 5   DG  A N7    1 
ATOM   95  C  C5    . DG  A 1 5  ? 4.894   10.722  -4.233  1.00 116.93 ? 5   DG  A C5    1 
ATOM   96  C  C6    . DG  A 1 5  ? 4.330   11.355  -5.367  1.00 115.72 ? 5   DG  A C6    1 
ATOM   97  O  O6    . DG  A 1 5  ? 4.235   10.916  -6.524  1.00 113.89 ? 5   DG  A O6    1 
ATOM   98  N  N1    . DG  A 1 5  ? 3.847   12.624  -5.058  1.00 116.44 ? 5   DG  A N1    1 
ATOM   99  C  C2    . DG  A 1 5  ? 3.903   13.208  -3.812  1.00 121.11 ? 5   DG  A C2    1 
ATOM   100 N  N2    . DG  A 1 5  ? 3.382   14.441  -3.711  1.00 121.66 ? 5   DG  A N2    1 
ATOM   101 N  N3    . DG  A 1 5  ? 4.432   12.624  -2.740  1.00 116.33 ? 5   DG  A N3    1 
ATOM   102 C  C4    . DG  A 1 5  ? 4.905   11.387  -3.025  1.00 118.11 ? 5   DG  A C4    1 
ATOM   103 P  P     . DA  A 1 6  ? 4.545   10.439  3.558   1.00 148.90 ? 6   DA  A P     1 
ATOM   104 O  OP1   . DA  A 1 6  ? 5.257   10.787  4.810   1.00 147.65 ? 6   DA  A OP1   1 
ATOM   105 O  OP2   . DA  A 1 6  ? 4.145   9.030   3.325   1.00 145.04 ? 6   DA  A OP2   1 
ATOM   106 O  "O5'" . DA  A 1 6  ? 3.251   11.376  3.408   1.00 137.92 ? 6   DA  A "O5'" 1 
ATOM   107 C  "C5'" . DA  A 1 6  ? 3.397   12.793  3.366   1.00 130.26 ? 6   DA  A "C5'" 1 
ATOM   108 C  "C4'" . DA  A 1 6  ? 2.231   13.441  2.637   1.00 131.45 ? 6   DA  A "C4'" 1 
ATOM   109 O  "O4'" . DA  A 1 6  ? 2.309   13.148  1.217   1.00 121.99 ? 6   DA  A "O4'" 1 
ATOM   110 C  "C3'" . DA  A 1 6  ? 0.841   12.990  3.098   1.00 137.08 ? 6   DA  A "C3'" 1 
ATOM   111 O  "O3'" . DA  A 1 6  ? -0.007  14.126  3.280   1.00 146.61 ? 6   DA  A "O3'" 1 
ATOM   112 C  "C2'" . DA  A 1 6  ? 0.357   12.092  1.958   1.00 126.62 ? 6   DA  A "C2'" 1 
ATOM   113 C  "C1'" . DA  A 1 6  ? 1.056   12.699  0.750   1.00 123.68 ? 6   DA  A "C1'" 1 
ATOM   114 N  N9    . DA  A 1 6  ? 1.282   11.733  -0.326  1.00 123.34 ? 6   DA  A N9    1 
ATOM   115 C  C8    . DA  A 1 6  ? 1.821   10.481  -0.206  1.00 118.82 ? 6   DA  A C8    1 
ATOM   116 N  N7    . DA  A 1 6  ? 1.909   9.829   -1.340  1.00 113.60 ? 6   DA  A N7    1 
ATOM   117 C  C5    . DA  A 1 6  ? 1.393   10.711  -2.274  1.00 112.00 ? 6   DA  A C5    1 
ATOM   118 C  C6    . DA  A 1 6  ? 1.208   10.611  -3.669  1.00 111.99 ? 6   DA  A C6    1 
ATOM   119 N  N6    . DA  A 1 6  ? 1.541   9.531   -4.379  1.00 112.76 ? 6   DA  A N6    1 
ATOM   120 N  N1    . DA  A 1 6  ? 0.665   11.669  -4.305  1.00 111.55 ? 6   DA  A N1    1 
ATOM   121 C  C2    . DA  A 1 6  ? 0.332   12.750  -3.587  1.00 117.90 ? 6   DA  A C2    1 
ATOM   122 N  N3    . DA  A 1 6  ? 0.456   12.959  -2.273  1.00 114.05 ? 6   DA  A N3    1 
ATOM   123 C  C4    . DA  A 1 6  ? 1.000   11.890  -1.669  1.00 113.83 ? 6   DA  A C4    1 
ATOM   124 P  P     . DC  A 1 7  ? -1.543  13.942  3.724   1.00 151.86 ? 7   DC  A P     1 
ATOM   125 O  OP1   . DC  A 1 7  ? -1.986  15.219  4.331   1.00 145.04 ? 7   DC  A OP1   1 
ATOM   126 O  OP2   . DC  A 1 7  ? -1.631  12.700  4.528   1.00 138.21 ? 7   DC  A OP2   1 
ATOM   127 O  "O5'" . DC  A 1 7  ? -2.316  13.728  2.332   1.00 133.72 ? 7   DC  A "O5'" 1 
ATOM   128 C  "C5'" . DC  A 1 7  ? -2.066  14.615  1.237   1.00 124.59 ? 7   DC  A "C5'" 1 
ATOM   129 C  "C4'" . DC  A 1 7  ? -2.854  14.207  0.000   1.00 132.41 ? 7   DC  A "C4'" 1 
ATOM   130 O  "O4'" . DC  A 1 7  ? -2.166  13.162  -0.711  1.00 127.64 ? 7   DC  A "O4'" 1 
ATOM   131 C  "C3'" . DC  A 1 7  ? -4.257  13.655  0.261   1.00 131.40 ? 7   DC  A "C3'" 1 
ATOM   132 O  "O3'" . DC  A 1 7  ? -5.224  14.664  -0.001  1.00 137.70 ? 7   DC  A "O3'" 1 
ATOM   133 C  "C2'" . DC  A 1 7  ? -4.392  12.469  -0.720  1.00 123.80 ? 7   DC  A "C2'" 1 
ATOM   134 C  "C1'" . DC  A 1 7  ? -3.104  12.531  -1.537  1.00 118.80 ? 7   DC  A "C1'" 1 
ATOM   135 N  N1    . DC  A 1 7  ? -2.577  11.191  -1.924  1.00 113.24 ? 7   DC  A N1    1 
ATOM   136 C  C2    . DC  A 1 7  ? -2.557  10.813  -3.277  1.00 116.59 ? 7   DC  A C2    1 
ATOM   137 O  O2    . DC  A 1 7  ? -2.978  11.602  -4.134  1.00 116.63 ? 7   DC  A O2    1 
ATOM   138 N  N3    . DC  A 1 7  ? -2.070  9.590   -3.608  1.00 110.47 ? 7   DC  A N3    1 
ATOM   139 C  C4    . DC  A 1 7  ? -1.622  8.769   -2.654  1.00 106.76 ? 7   DC  A C4    1 
ATOM   140 N  N4    . DC  A 1 7  ? -1.154  7.575   -3.025  1.00 104.64 ? 7   DC  A N4    1 
ATOM   141 C  C5    . DC  A 1 7  ? -1.638  9.137   -1.274  1.00 104.00 ? 7   DC  A C5    1 
ATOM   142 C  C6    . DC  A 1 7  ? -2.120  10.344  -0.959  1.00 108.13 ? 7   DC  A C6    1 
ATOM   143 P  P     . DA  A 1 8  ? -6.792  14.312  -0.057  1.00 151.02 ? 8   DA  A P     1 
ATOM   144 O  OP1   . DA  A 1 8  ? -7.517  15.558  0.277   1.00 144.76 ? 8   DA  A OP1   1 
ATOM   145 O  OP2   . DA  A 1 8  ? -7.045  13.090  0.745   1.00 144.61 ? 8   DA  A OP2   1 
ATOM   146 O  "O5'" . DA  A 1 8  ? -7.051  13.974  -1.600  1.00 132.28 ? 8   DA  A "O5'" 1 
ATOM   147 C  "C5'" . DA  A 1 8  ? -6.723  14.934  -2.599  1.00 124.26 ? 8   DA  A "C5'" 1 
ATOM   148 C  "C4'" . DA  A 1 8  ? -7.030  14.394  -3.979  1.00 126.36 ? 8   DA  A "C4'" 1 
ATOM   149 O  "O4'" . DA  A 1 8  ? -6.214  13.221  -4.230  1.00 122.18 ? 8   DA  A "O4'" 1 
ATOM   150 C  "C3'" . DA  A 1 8  ? -8.482  13.969  -4.186  1.00 127.90 ? 8   DA  A "C3'" 1 
ATOM   151 O  "O3'" . DA  A 1 8  ? -8.989  14.521  -5.390  1.00 136.50 ? 8   DA  A "O3'" 1 
ATOM   152 C  "C2'" . DA  A 1 8  ? -8.422  12.443  -4.245  1.00 125.82 ? 8   DA  A "C2'" 1 
ATOM   153 C  "C1'" . DA  A 1 8  ? -7.009  12.180  -4.741  1.00 117.05 ? 8   DA  A "C1'" 1 
ATOM   154 N  N9    . DA  A 1 8  ? -6.461  10.913  -4.257  1.00 115.65 ? 8   DA  A N9    1 
ATOM   155 C  C8    . DA  A 1 8  ? -6.217  10.565  -2.957  1.00 114.16 ? 8   DA  A C8    1 
ATOM   156 N  N7    . DA  A 1 8  ? -5.724  9.356   -2.814  1.00 109.39 ? 8   DA  A N7    1 
ATOM   157 C  C5    . DA  A 1 8  ? -5.636  8.877   -4.110  1.00 108.53 ? 8   DA  A C5    1 
ATOM   158 C  C6    . DA  A 1 8  ? -5.186  7.648   -4.641  1.00 109.66 ? 8   DA  A C6    1 
ATOM   159 N  N6    . DA  A 1 8  ? -4.725  6.643   -3.888  1.00 107.82 ? 8   DA  A N6    1 
ATOM   160 N  N1    . DA  A 1 8  ? -5.232  7.493   -5.980  1.00 111.46 ? 8   DA  A N1    1 
ATOM   161 C  C2    . DA  A 1 8  ? -5.706  8.495   -6.729  1.00 111.87 ? 8   DA  A C2    1 
ATOM   162 N  N3    . DA  A 1 8  ? -6.149  9.694   -6.348  1.00 110.21 ? 8   DA  A N3    1 
ATOM   163 C  C4    . DA  A 1 8  ? -6.086  9.823   -5.014  1.00 110.93 ? 8   DA  A C4    1 
ATOM   164 P  P     . DC  A 1 9  ? -10.516 14.261  -5.814  1.00 149.15 ? 9   DC  A P     1 
ATOM   165 O  OP1   . DC  A 1 9  ? -10.961 15.422  -6.618  1.00 140.49 ? 9   DC  A OP1   1 
ATOM   166 O  OP2   . DC  A 1 9  ? -11.274 13.886  -4.598  1.00 125.97 ? 9   DC  A OP2   1 
ATOM   167 O  "O5'" . DC  A 1 9  ? -10.425 12.985  -6.772  1.00 124.89 ? 9   DC  A "O5'" 1 
ATOM   168 C  "C5'" . DC  A 1 9  ? -9.673  13.070  -7.965  1.00 114.47 ? 9   DC  A "C5'" 1 
ATOM   169 C  "C4'" . DC  A 1 9  ? -9.525  11.710  -8.611  1.00 122.41 ? 9   DC  A "C4'" 1 
ATOM   170 O  "O4'" . DC  A 1 9  ? -8.875  10.796  -7.693  1.00 123.70 ? 9   DC  A "O4'" 1 
ATOM   171 C  "C3'" . DC  A 1 9  ? -10.838 11.032  -9.024  1.00 121.25 ? 9   DC  A "C3'" 1 
ATOM   172 O  "O3'" . DC  A 1 9  ? -10.758 10.639  -10.384 1.00 124.68 ? 9   DC  A "O3'" 1 
ATOM   173 C  "C2'" . DC  A 1 9  ? -10.917 9.814   -8.100  1.00 124.18 ? 9   DC  A "C2'" 1 
ATOM   174 C  "C1'" . DC  A 1 9  ? -9.448  9.529   -7.873  1.00 121.90 ? 9   DC  A "C1'" 1 
ATOM   175 N  N1    . DC  A 1 9  ? -9.169  8.695   -6.671  1.00 117.62 ? 9   DC  A N1    1 
ATOM   176 C  C2    . DC  A 1 9  ? -8.719  7.376   -6.831  1.00 114.32 ? 9   DC  A C2    1 
ATOM   177 O  O2    . DC  A 1 9  ? -8.560  6.923   -7.972  1.00 120.19 ? 9   DC  A O2    1 
ATOM   178 N  N3    . DC  A 1 9  ? -8.461  6.633   -5.726  1.00 105.81 ? 9   DC  A N3    1 
ATOM   179 C  C4    . DC  A 1 9  ? -8.644  7.159   -4.513  1.00 109.78 ? 9   DC  A C4    1 
ATOM   180 N  N4    . DC  A 1 9  ? -8.381  6.393   -3.450  1.00 110.18 ? 9   DC  A N4    1 
ATOM   181 C  C5    . DC  A 1 9  ? -9.105  8.496   -4.332  1.00 112.50 ? 9   DC  A C5    1 
ATOM   182 C  C6    . DC  A 1 9  ? -9.353  9.220   -5.428  1.00 116.29 ? 9   DC  A C6    1 
ATOM   183 P  P     . DT  A 1 10 ? -11.908 9.725   -11.036 1.00 148.34 ? 10  DT  A P     1 
ATOM   184 O  OP1   . DT  A 1 10 ? -11.950 10.039  -12.484 1.00 145.59 ? 10  DT  A OP1   1 
ATOM   185 O  OP2   . DT  A 1 10 ? -13.139 9.864   -10.224 1.00 133.41 ? 10  DT  A OP2   1 
ATOM   186 O  "O5'" . DT  A 1 10 ? -11.349 8.236   -10.888 1.00 123.23 ? 10  DT  A "O5'" 1 
ATOM   187 C  "C5'" . DT  A 1 10 ? -10.459 7.733   -11.863 1.00 124.92 ? 10  DT  A "C5'" 1 
ATOM   188 C  "C4'" . DT  A 1 10 ? -10.525 6.218   -11.935 1.00 130.94 ? 10  DT  A "C4'" 1 
ATOM   189 O  "O4'" . DT  A 1 10 ? -10.094 5.642   -10.674 1.00 132.11 ? 10  DT  A "O4'" 1 
ATOM   190 C  "C3'" . DT  A 1 10 ? -11.908 5.625   -12.223 1.00 125.70 ? 10  DT  A "C3'" 1 
ATOM   191 O  "O3'" . DT  A 1 10 ? -11.779 4.590   -13.191 1.00 132.32 ? 10  DT  A "O3'" 1 
ATOM   192 C  "C2'" . DT  A 1 10 ? -12.336 5.067   -10.862 1.00 126.59 ? 10  DT  A "C2'" 1 
ATOM   193 C  "C1'" . DT  A 1 10 ? -10.993 4.624   -10.305 1.00 124.64 ? 10  DT  A "C1'" 1 
ATOM   194 N  N1    . DT  A 1 10 ? -10.939 4.460   -8.807  1.00 119.37 ? 10  DT  A N1    1 
ATOM   195 C  C2    . DT  A 1 10 ? -10.397 3.306   -8.281  1.00 113.24 ? 10  DT  A C2    1 
ATOM   196 O  O2    . DT  A 1 10 ? -9.973  2.390   -8.968  1.00 115.97 ? 10  DT  A O2    1 
ATOM   197 N  N3    . DT  A 1 10 ? -10.376 3.255   -6.911  1.00 104.97 ? 10  DT  A N3    1 
ATOM   198 C  C4    . DT  A 1 10 ? -10.827 4.219   -6.031  1.00 107.73 ? 10  DT  A C4    1 
ATOM   199 O  O4    . DT  A 1 10 ? -10.764 4.080   -4.812  1.00 105.03 ? 10  DT  A O4    1 
ATOM   200 C  C5    . DT  A 1 10 ? -11.374 5.405   -6.641  1.00 111.19 ? 10  DT  A C5    1 
ATOM   201 C  C7    . DT  A 1 10 ? -11.890 6.519   -5.779  1.00 108.29 ? 10  DT  A C7    1 
ATOM   202 C  C6    . DT  A 1 10 ? -11.401 5.473   -7.986  1.00 112.52 ? 10  DT  A C6    1 
ATOM   203 P  P     . DG  A 1 11 ? -13.025 4.178   -14.115 1.00 146.78 ? 11  DG  A P     1 
ATOM   204 O  OP1   . DG  A 1 11 ? -12.535 4.032   -15.509 1.00 132.85 ? 11  DG  A OP1   1 
ATOM   205 O  OP2   . DG  A 1 11 ? -14.118 5.121   -13.783 1.00 135.76 ? 11  DG  A OP2   1 
ATOM   206 O  "O5'" . DG  A 1 11 ? -13.431 2.722   -13.586 1.00 129.79 ? 11  DG  A "O5'" 1 
ATOM   207 C  "C5'" . DG  A 1 11 ? -12.599 1.601   -13.879 1.00 123.10 ? 11  DG  A "C5'" 1 
ATOM   208 C  "C4'" . DG  A 1 11 ? -12.923 0.438   -12.957 1.00 126.51 ? 11  DG  A "C4'" 1 
ATOM   209 O  "O4'" . DG  A 1 11 ? -12.646 0.804   -11.577 1.00 133.73 ? 11  DG  A "O4'" 1 
ATOM   210 C  "C3'" . DG  A 1 11 ? -14.385 -0.029  -12.977 1.00 123.81 ? 11  DG  A "C3'" 1 
ATOM   211 O  "O3'" . DG  A 1 11 ? -14.411 -1.441  -12.987 1.00 124.04 ? 11  DG  A "O3'" 1 
ATOM   212 C  "C2'" . DG  A 1 11 ? -14.938 0.523   -11.661 1.00 104.67 ? 11  DG  A "C2'" 1 
ATOM   213 C  "C1'" . DG  A 1 11 ? -13.716 0.353   -10.783 1.00 116.01 ? 11  DG  A "C1'" 1 
ATOM   214 N  N9    . DG  A 1 11 ? -13.743 1.109   -9.532  1.00 107.71 ? 11  DG  A N9    1 
ATOM   215 C  C8    . DG  A 1 11 ? -14.174 2.398   -9.341  1.00 107.82 ? 11  DG  A C8    1 
ATOM   216 N  N7    . DG  A 1 11 ? -14.071 2.800   -8.103  1.00 100.09 ? 11  DG  A N7    1 
ATOM   217 C  C5    . DG  A 1 11 ? -13.540 1.704   -7.432  1.00 97.95  ? 11  DG  A C5    1 
ATOM   218 C  C6    . DG  A 1 11 ? -13.204 1.544   -6.066  1.00 100.44 ? 11  DG  A C6    1 
ATOM   219 O  O6    . DG  A 1 11 ? -13.314 2.367   -5.145  1.00 105.97 ? 11  DG  A O6    1 
ATOM   220 N  N1    . DG  A 1 11 ? -12.691 0.275   -5.808  1.00 93.48  ? 11  DG  A N1    1 
ATOM   221 C  C2    . DG  A 1 11 ? -12.528 -0.712  -6.751  1.00 97.29  ? 11  DG  A C2    1 
ATOM   222 N  N2    . DG  A 1 11 ? -12.021 -1.873  -6.312  1.00 96.27  ? 11  DG  A N2    1 
ATOM   223 N  N3    . DG  A 1 11 ? -12.839 -0.574  -8.032  1.00 100.21 ? 11  DG  A N3    1 
ATOM   224 C  C4    . DG  A 1 11 ? -13.336 0.657   -8.299  1.00 99.47  ? 11  DG  A C4    1 
ATOM   225 P  P     . DA  A 1 12 ? -15.632 -2.239  -13.657 1.00 123.10 ? 12  DA  A P     1 
ATOM   226 O  OP1   . DA  A 1 12 ? -15.561 -2.071  -15.123 1.00 118.04 ? 12  DA  A OP1   1 
ATOM   227 O  OP2   . DA  A 1 12 ? -16.861 -1.870  -12.924 1.00 126.66 ? 12  DA  A OP2   1 
ATOM   228 O  "O5'" . DA  A 1 12 ? -15.301 -3.755  -13.302 1.00 120.06 ? 12  DA  A "O5'" 1 
ATOM   229 C  "C5'" . DA  A 1 12 ? -14.101 -4.057  -12.614 1.00 117.72 ? 12  DA  A "C5'" 1 
ATOM   230 C  "C4'" . DA  A 1 12 ? -14.383 -4.900  -11.389 1.00 118.25 ? 12  DA  A "C4'" 1 
ATOM   231 O  "O4'" . DA  A 1 12 ? -14.415 -4.066  -10.202 1.00 108.94 ? 12  DA  A "O4'" 1 
ATOM   232 C  "C3'" . DA  A 1 12 ? -15.706 -5.642  -11.413 1.00 123.98 ? 12  DA  A "C3'" 1 
ATOM   233 O  "O3'" . DA  A 1 12 ? -15.526 -6.892  -10.810 1.00 120.67 ? 12  DA  A "O3'" 1 
ATOM   234 C  "C2'" . DA  A 1 12 ? -16.619 -4.737  -10.584 1.00 117.23 ? 12  DA  A "C2'" 1 
ATOM   235 C  "C1'" . DA  A 1 12 ? -15.646 -4.225  -9.534  1.00 109.36 ? 12  DA  A "C1'" 1 
ATOM   236 N  N9    . DA  A 1 12 ? -15.999 -2.927  -8.977  1.00 108.04 ? 12  DA  A N9    1 
ATOM   237 C  C8    . DA  A 1 12 ? -16.490 -1.846  -9.656  1.00 110.64 ? 12  DA  A C8    1 
ATOM   238 N  N7    . DA  A 1 12 ? -16.684 -0.791  -8.901  1.00 105.30 ? 12  DA  A N7    1 
ATOM   239 C  C5    . DA  A 1 12 ? -16.274 -1.201  -7.643  1.00 102.38 ? 12  DA  A C5    1 
ATOM   240 C  C6    . DA  A 1 12 ? -16.227 -0.539  -6.397  1.00 100.89 ? 12  DA  A C6    1 
ATOM   241 N  N6    . DA  A 1 12 ? -16.613 0.730   -6.219  1.00 96.85  ? 12  DA  A N6    1 
ATOM   242 N  N1    . DA  A 1 12 ? -15.766 -1.234  -5.338  1.00 99.41  ? 12  DA  A N1    1 
ATOM   243 C  C2    . DA  A 1 12 ? -15.379 -2.504  -5.519  1.00 101.00 ? 12  DA  A C2    1 
ATOM   244 N  N3    . DA  A 1 12 ? -15.374 -3.229  -6.638  1.00 102.79 ? 12  DA  A N3    1 
ATOM   245 C  C4    . DA  A 1 12 ? -15.840 -2.511  -7.673  1.00 104.89 ? 12  DA  A C4    1 
ATOM   246 P  P     . DC  B 2 1  ? -14.456 -18.939 4.150   1.00 143.64 ? 12  DC  B P     1 
ATOM   247 O  OP1   . DC  B 2 1  ? -14.450 -19.068 5.628   1.00 140.55 ? 12  DC  B OP1   1 
ATOM   248 O  OP2   . DC  B 2 1  ? -14.480 -17.605 3.500   1.00 125.03 ? 12  DC  B OP2   1 
ATOM   249 O  "O5'" . DC  B 2 1  ? -13.230 -19.764 3.522   1.00 125.96 ? 12  DC  B "O5'" 1 
ATOM   250 C  "C5'" . DC  B 2 1  ? -12.265 -19.101 2.721   1.00 113.64 ? 12  DC  B "C5'" 1 
ATOM   251 C  "C4'" . DC  B 2 1  ? -10.945 -19.840 2.715   1.00 115.27 ? 12  DC  B "C4'" 1 
ATOM   252 O  "O4'" . DC  B 2 1  ? -10.289 -19.596 1.453   1.00 109.07 ? 12  DC  B "O4'" 1 
ATOM   253 C  "C3'" . DC  B 2 1  ? -9.973  -19.389 3.805   1.00 123.09 ? 12  DC  B "C3'" 1 
ATOM   254 O  "O3'" . DC  B 2 1  ? -9.577  -20.475 4.625   1.00 126.57 ? 12  DC  B "O3'" 1 
ATOM   255 C  "C2'" . DC  B 2 1  ? -8.784  -18.788 3.054   1.00 116.18 ? 12  DC  B "C2'" 1 
ATOM   256 C  "C1'" . DC  B 2 1  ? -8.920  -19.362 1.657   1.00 109.07 ? 12  DC  B "C1'" 1 
ATOM   257 N  N1    . DC  B 2 1  ? -8.457  -18.425 0.600   1.00 109.07 ? 12  DC  B N1    1 
ATOM   258 C  C2    . DC  B 2 1  ? -7.270  -18.687 -0.099  1.00 109.07 ? 12  DC  B C2    1 
ATOM   259 O  O2    . DC  B 2 1  ? -6.621  -19.704 0.168   1.00 109.07 ? 12  DC  B O2    1 
ATOM   260 N  N3    . DC  B 2 1  ? -6.871  -17.817 -1.057  1.00 109.07 ? 12  DC  B N3    1 
ATOM   261 C  C4    . DC  B 2 1  ? -7.598  -16.735 -1.320  1.00 109.07 ? 12  DC  B C4    1 
ATOM   262 N  N4    . DC  B 2 1  ? -7.165  -15.908 -2.276  1.00 109.07 ? 12  DC  B N4    1 
ATOM   263 C  C5    . DC  B 2 1  ? -8.803  -16.450 -0.616  1.00 109.07 ? 12  DC  B C5    1 
ATOM   264 C  C6    . DC  B 2 1  ? -9.189  -17.313 0.326   1.00 109.07 ? 12  DC  B C6    1 
ATOM   265 P  P     . DG  B 2 2  ? -8.893  -20.173 6.048   1.00 134.44 ? 13  DG  B P     1 
ATOM   266 O  OP1   . DG  B 2 2  ? -9.170  -21.325 6.931   1.00 126.45 ? 13  DG  B OP1   1 
ATOM   267 O  OP2   . DG  B 2 2  ? -9.291  -18.809 6.477   1.00 114.64 ? 13  DG  B OP2   1 
ATOM   268 O  "O5'" . DG  B 2 2  ? -7.335  -20.154 5.715   1.00 110.22 ? 13  DG  B "O5'" 1 
ATOM   269 C  "C5'" . DG  B 2 2  ? -6.684  -21.362 5.378   1.00 110.36 ? 13  DG  B "C5'" 1 
ATOM   270 C  "C4'" . DG  B 2 2  ? -5.322  -21.081 4.783   1.00 122.33 ? 13  DG  B "C4'" 1 
ATOM   271 O  "O4'" . DG  B 2 2  ? -5.461  -20.160 3.670   1.00 121.99 ? 13  DG  B "O4'" 1 
ATOM   272 C  "C3'" . DG  B 2 2  ? -4.321  -20.431 5.746   1.00 130.78 ? 13  DG  B "C3'" 1 
ATOM   273 O  "O3'" . DG  B 2 2  ? -3.089  -21.135 5.716   1.00 125.13 ? 13  DG  B "O3'" 1 
ATOM   274 C  "C2'" . DG  B 2 2  ? -4.167  -19.010 5.202   1.00 130.45 ? 13  DG  B "C2'" 1 
ATOM   275 C  "C1'" . DG  B 2 2  ? -4.406  -19.237 3.724   1.00 117.56 ? 13  DG  B "C1'" 1 
ATOM   276 N  N9    . DG  B 2 2  ? -4.786  -18.031 2.998   1.00 110.22 ? 13  DG  B N9    1 
ATOM   277 C  C8    . DG  B 2 2  ? -5.874  -17.226 3.226   1.00 110.22 ? 13  DG  B C8    1 
ATOM   278 N  N7    . DG  B 2 2  ? -5.947  -16.210 2.413   1.00 110.22 ? 13  DG  B N7    1 
ATOM   279 C  C5    . DG  B 2 2  ? -4.833  -16.349 1.598   1.00 110.22 ? 13  DG  B C5    1 
ATOM   280 C  C6    . DG  B 2 2  ? -4.381  -15.546 0.526   1.00 110.22 ? 13  DG  B C6    1 
ATOM   281 O  O6    . DG  B 2 2  ? -4.892  -14.516 0.070   1.00 110.22 ? 13  DG  B O6    1 
ATOM   282 N  N1    . DG  B 2 2  ? -3.205  -16.047 -0.033  1.00 110.22 ? 13  DG  B N1    1 
ATOM   283 C  C2    . DG  B 2 2  ? -2.553  -17.180 0.393   1.00 110.22 ? 13  DG  B C2    1 
ATOM   284 N  N2    . DG  B 2 2  ? -1.435  -17.504 -0.264  1.00 110.22 ? 13  DG  B N2    1 
ATOM   285 N  N3    . DG  B 2 2  ? -2.966  -17.941 1.396   1.00 110.22 ? 13  DG  B N3    1 
ATOM   286 C  C4    . DG  B 2 2  ? -4.110  -17.466 1.949   1.00 110.22 ? 13  DG  B C4    1 
ATOM   287 P  P     . DG  B 2 3  ? -1.943  -20.788 6.785   1.00 130.29 ? 14  DG  B P     1 
ATOM   288 O  OP1   . DG  B 2 3  ? -1.193  -22.035 7.050   1.00 127.22 ? 14  DG  B OP1   1 
ATOM   289 O  OP2   . DG  B 2 3  ? -2.575  -20.039 7.895   1.00 132.39 ? 14  DG  B OP2   1 
ATOM   290 O  "O5'" . DG  B 2 3  ? -0.973  -19.801 5.997   1.00 116.15 ? 14  DG  B "O5'" 1 
ATOM   291 C  "C5'" . DG  B 2 3  ? -0.191  -20.310 4.942   1.00 128.61 ? 14  DG  B "C5'" 1 
ATOM   292 C  "C4'" . DG  B 2 3  ? 0.490   -19.187 4.194   1.00 124.90 ? 14  DG  B "C4'" 1 
ATOM   293 O  "O4'" . DG  B 2 3  ? -0.501  -18.278 3.661   1.00 124.87 ? 14  DG  B "O4'" 1 
ATOM   294 C  "C3'" . DG  B 2 3  ? 1.437   -18.334 5.039   1.00 120.61 ? 14  DG  B "C3'" 1 
ATOM   295 O  "O3'" . DG  B 2 3  ? 2.708   -18.346 4.451   1.00 127.20 ? 14  DG  B "O3'" 1 
ATOM   296 C  "C2'" . DG  B 2 3  ? 0.818   -16.934 4.990   1.00 117.07 ? 14  DG  B "C2'" 1 
ATOM   297 C  "C1'" . DG  B 2 3  ? 0.038   -16.990 3.692   1.00 115.04 ? 14  DG  B "C1'" 1 
ATOM   298 N  N9    . DG  B 2 3  ? -1.044  -16.020 3.617   1.00 114.73 ? 14  DG  B N9    1 
ATOM   299 C  C8    . DG  B 2 3  ? -2.183  -15.978 4.384   1.00 113.50 ? 14  DG  B C8    1 
ATOM   300 N  N7    . DG  B 2 3  ? -2.968  -14.978 4.089   1.00 109.30 ? 14  DG  B N7    1 
ATOM   301 C  C5    . DG  B 2 3  ? -2.300  -14.317 3.066   1.00 109.30 ? 14  DG  B C5    1 
ATOM   302 C  C6    . DG  B 2 3  ? -2.660  -13.159 2.340   1.00 109.30 ? 14  DG  B C6    1 
ATOM   303 O  O6    . DG  B 2 3  ? -3.672  -12.463 2.463   1.00 109.30 ? 14  DG  B O6    1 
ATOM   304 N  N1    . DG  B 2 3  ? -1.701  -12.829 1.387   1.00 109.30 ? 14  DG  B N1    1 
ATOM   305 C  C2    . DG  B 2 3  ? -0.542  -13.531 1.163   1.00 109.30 ? 14  DG  B C2    1 
ATOM   306 N  N2    . DG  B 2 3  ? 0.265   -13.059 0.202   1.00 109.30 ? 14  DG  B N2    1 
ATOM   307 N  N3    . DG  B 2 3  ? -0.194  -14.616 1.835   1.00 109.30 ? 14  DG  B N3    1 
ATOM   308 C  C4    . DG  B 2 3  ? -1.118  -14.948 2.767   1.00 109.30 ? 14  DG  B C4    1 
ATOM   309 P  P     . DG  B 2 4  ? 4.015   -18.155 5.353   1.00 128.49 ? 15  DG  B P     1 
ATOM   310 O  OP1   . DG  B 2 4  ? 4.574   -19.497 5.641   1.00 123.46 ? 15  DG  B OP1   1 
ATOM   311 O  OP2   . DG  B 2 4  ? 3.651   -17.232 6.452   1.00 127.12 ? 15  DG  B OP2   1 
ATOM   312 O  "O5'" . DG  B 2 4  ? 5.013   -17.388 4.378   1.00 120.60 ? 15  DG  B "O5'" 1 
ATOM   313 C  "C5'" . DG  B 2 4  ? 4.741   -17.358 2.988   1.00 121.30 ? 15  DG  B "C5'" 1 
ATOM   314 C  "C4'" . DG  B 2 4  ? 5.194   -16.042 2.399   1.00 125.23 ? 15  DG  B "C4'" 1 
ATOM   315 O  "O4'" . DG  B 2 4  ? 4.042   -15.183 2.167   1.00 118.60 ? 15  DG  B "O4'" 1 
ATOM   316 C  "C3'" . DG  B 2 4  ? 6.135   -15.248 3.297   1.00 128.93 ? 15  DG  B "C3'" 1 
ATOM   317 O  "O3'" . DG  B 2 4  ? 7.146   -14.646 2.514   1.00 139.63 ? 15  DG  B "O3'" 1 
ATOM   318 C  "C2'" . DG  B 2 4  ? 5.209   -14.208 3.923   1.00 123.00 ? 15  DG  B "C2'" 1 
ATOM   319 C  "C1'" . DG  B 2 4  ? 4.272   -13.929 2.766   1.00 116.11 ? 15  DG  B "C1'" 1 
ATOM   320 N  N9    . DG  B 2 4  ? 2.988   -13.350 3.165   1.00 112.25 ? 15  DG  B N9    1 
ATOM   321 C  C8    . DG  B 2 4  ? 2.094   -13.860 4.076   1.00 118.84 ? 15  DG  B C8    1 
ATOM   322 N  N7    . DG  B 2 4  ? 1.026   -13.121 4.229   1.00 113.01 ? 15  DG  B N7    1 
ATOM   323 C  C5    . DG  B 2 4  ? 1.225   -12.054 3.362   1.00 107.71 ? 15  DG  B C5    1 
ATOM   324 C  C6    . DG  B 2 4  ? 0.405   -10.936 3.090   1.00 107.71 ? 15  DG  B C6    1 
ATOM   325 O  O6    . DG  B 2 4  ? -0.692  -10.657 3.581   1.00 107.71 ? 15  DG  B O6    1 
ATOM   326 N  N1    . DG  B 2 4  ? 0.978   -10.092 2.144   1.00 107.71 ? 15  DG  B N1    1 
ATOM   327 C  C2    . DG  B 2 4  ? 2.192   -10.300 1.536   1.00 110.17 ? 15  DG  B C2    1 
ATOM   328 N  N2    . DG  B 2 4  ? 2.582   -9.371  0.650   1.00 107.71 ? 15  DG  B N2    1 
ATOM   329 N  N3    . DG  B 2 4  ? 2.970   -11.347 1.779   1.00 112.61 ? 15  DG  B N3    1 
ATOM   330 C  C4    . DG  B 2 4  ? 2.426   -12.180 2.699   1.00 108.85 ? 15  DG  B C4    1 
ATOM   331 P  P     . DG  B 2 5  ? 8.419   -13.977 3.225   1.00 141.49 ? 16  DG  B P     1 
ATOM   332 O  OP1   . DG  B 2 5  ? 9.627   -14.508 2.557   1.00 132.29 ? 16  DG  B OP1   1 
ATOM   333 O  OP2   . DG  B 2 5  ? 8.253   -14.127 4.688   1.00 141.39 ? 16  DG  B OP2   1 
ATOM   334 O  "O5'" . DG  B 2 5  ? 8.278   -12.427 2.874   1.00 125.96 ? 16  DG  B "O5'" 1 
ATOM   335 C  "C5'" . DG  B 2 5  ? 8.391   -11.996 1.527   1.00 131.03 ? 16  DG  B "C5'" 1 
ATOM   336 C  "C4'" . DG  B 2 5  ? 8.307   -10.485 1.434   1.00 132.67 ? 16  DG  B "C4'" 1 
ATOM   337 O  "O4'" . DG  B 2 5  ? 6.975   -10.043 1.798   1.00 131.98 ? 16  DG  B "O4'" 1 
ATOM   338 C  "C3'" . DG  B 2 5  ? 9.254   -9.728  2.350   1.00 134.84 ? 16  DG  B "C3'" 1 
ATOM   339 O  "O3'" . DG  B 2 5  ? 9.629   -8.517  1.730   1.00 138.31 ? 16  DG  B "O3'" 1 
ATOM   340 C  "C2'" . DG  B 2 5  ? 8.397   -9.479  3.591   1.00 133.47 ? 16  DG  B "C2'" 1 
ATOM   341 C  "C1'" . DG  B 2 5  ? 7.018   -9.268  2.984   1.00 125.62 ? 16  DG  B "C1'" 1 
ATOM   342 N  N9    . DG  B 2 5  ? 5.927   -9.715  3.841   1.00 119.37 ? 16  DG  B N9    1 
ATOM   343 C  C8    . DG  B 2 5  ? 5.878   -10.874 4.577   1.00 122.43 ? 16  DG  B C8    1 
ATOM   344 N  N7    . DG  B 2 5  ? 4.763   -11.023 5.239   1.00 118.42 ? 16  DG  B N7    1 
ATOM   345 C  C5    . DG  B 2 5  ? 4.020   -9.894  4.915   1.00 115.82 ? 16  DG  B C5    1 
ATOM   346 C  C6    . DG  B 2 5  ? 2.721   -9.506  5.332   1.00 119.61 ? 16  DG  B C6    1 
ATOM   347 O  O6    . DG  B 2 5  ? 1.947   -10.102 6.100   1.00 122.25 ? 16  DG  B O6    1 
ATOM   348 N  N1    . DG  B 2 5  ? 2.342   -8.288  4.768   1.00 110.89 ? 16  DG  B N1    1 
ATOM   349 C  C2    . DG  B 2 5  ? 3.116   -7.546  3.911   1.00 114.16 ? 16  DG  B C2    1 
ATOM   350 N  N2    . DG  B 2 5  ? 2.578   -6.401  3.470   1.00 110.89 ? 16  DG  B N2    1 
ATOM   351 N  N3    . DG  B 2 5  ? 4.334   -7.899  3.511   1.00 120.17 ? 16  DG  B N3    1 
ATOM   352 C  C4    . DG  B 2 5  ? 4.720   -9.080  4.051   1.00 116.07 ? 16  DG  B C4    1 
ATOM   353 P  P     . DA  B 2 6  ? 10.786  -7.609  2.371   1.00 145.94 ? 17  DA  B P     1 
ATOM   354 O  OP1   . DA  B 2 6  ? 11.710  -7.266  1.267   1.00 146.00 ? 17  DA  B OP1   1 
ATOM   355 O  OP2   . DA  B 2 6  ? 11.273  -8.286  3.597   1.00 136.81 ? 17  DA  B OP2   1 
ATOM   356 O  "O5'" . DA  B 2 6  ? 10.025  -6.278  2.820   1.00 138.46 ? 17  DA  B "O5'" 1 
ATOM   357 C  "C5'" . DA  B 2 6  ? 9.408   -5.454  1.845   1.00 134.55 ? 17  DA  B "C5'" 1 
ATOM   358 C  "C4'" . DA  B 2 6  ? 8.593   -4.351  2.500   1.00 133.99 ? 17  DA  B "C4'" 1 
ATOM   359 O  "O4'" . DA  B 2 6  ? 7.445   -4.924  3.180   1.00 125.54 ? 17  DA  B "O4'" 1 
ATOM   360 C  "C3'" . DA  B 2 6  ? 9.341   -3.530  3.544   1.00 134.72 ? 17  DA  B "C3'" 1 
ATOM   361 O  "O3'" . DA  B 2 6  ? 8.993   -2.158  3.414   1.00 136.74 ? 17  DA  B "O3'" 1 
ATOM   362 C  "C2'" . DA  B 2 6  ? 8.852   -4.119  4.870   1.00 136.01 ? 17  DA  B "C2'" 1 
ATOM   363 C  "C1'" . DA  B 2 6  ? 7.425   -4.515  4.530   1.00 126.49 ? 17  DA  B "C1'" 1 
ATOM   364 N  N9    . DA  B 2 6  ? 6.919   -5.632  5.322   1.00 127.62 ? 17  DA  B N9    1 
ATOM   365 C  C8    . DA  B 2 6  ? 7.582   -6.786  5.642   1.00 131.18 ? 17  DA  B C8    1 
ATOM   366 N  N7    . DA  B 2 6  ? 6.867   -7.627  6.355   1.00 125.11 ? 17  DA  B N7    1 
ATOM   367 C  C5    . DA  B 2 6  ? 5.647   -6.985  6.504   1.00 121.94 ? 17  DA  B C5    1 
ATOM   368 C  C6    . DA  B 2 6  ? 4.453   -7.352  7.160   1.00 120.31 ? 17  DA  B C6    1 
ATOM   369 N  N6    . DA  B 2 6  ? 4.298   -8.508  7.816   1.00 116.48 ? 17  DA  B N6    1 
ATOM   370 N  N1    . DA  B 2 6  ? 3.421   -6.479  7.118   1.00 119.08 ? 17  DA  B N1    1 
ATOM   371 C  C2    . DA  B 2 6  ? 3.584   -5.322  6.462   1.00 118.09 ? 17  DA  B C2    1 
ATOM   372 N  N3    . DA  B 2 6  ? 4.657   -4.868  5.810   1.00 119.94 ? 17  DA  B N3    1 
ATOM   373 C  C4    . DA  B 2 6  ? 5.662   -5.755  5.870   1.00 123.61 ? 17  DA  B C4    1 
ATOM   374 P  P     . DC  B 2 7  ? 9.737   -1.046  4.305   1.00 149.97 ? 18  DC  B P     1 
ATOM   375 O  OP1   . DC  B 2 7  ? 9.891   0.167   3.470   1.00 146.33 ? 18  DC  B OP1   1 
ATOM   376 O  OP2   . DC  B 2 7  ? 10.927  -1.664  4.932   1.00 137.52 ? 18  DC  B OP2   1 
ATOM   377 O  "O5'" . DC  B 2 7  ? 8.680   -0.717  5.449   1.00 124.18 ? 18  DC  B "O5'" 1 
ATOM   378 C  "C5'" . DC  B 2 7  ? 7.446   -0.139  5.098   1.00 125.59 ? 18  DC  B "C5'" 1 
ATOM   379 C  "C4'" . DC  B 2 7  ? 6.502   -0.162  6.275   1.00 133.64 ? 18  DC  B "C4'" 1 
ATOM   380 O  "O4'" . DC  B 2 7  ? 6.174   -1.522  6.609   1.00 131.26 ? 18  DC  B "O4'" 1 
ATOM   381 C  "C3'" . DC  B 2 7  ? 7.068   0.443   7.555   1.00 132.81 ? 18  DC  B "C3'" 1 
ATOM   382 O  "O3'" . DC  B 2 7  ? 6.510   1.731   7.756   1.00 133.61 ? 18  DC  B "O3'" 1 
ATOM   383 C  "C2'" . DC  B 2 7  ? 6.657   -0.546  8.666   1.00 133.19 ? 18  DC  B "C2'" 1 
ATOM   384 C  "C1'" . DC  B 2 7  ? 5.753   -1.534  7.941   1.00 124.92 ? 18  DC  B "C1'" 1 
ATOM   385 N  N1    . DC  B 2 7  ? 5.838   -2.926  8.453   1.00 122.13 ? 18  DC  B N1    1 
ATOM   386 C  C2    . DC  B 2 7  ? 4.711   -3.512  9.037   1.00 122.27 ? 18  DC  B C2    1 
ATOM   387 O  O2    . DC  B 2 7  ? 3.668   -2.855  9.118   1.00 123.11 ? 18  DC  B O2    1 
ATOM   388 N  N3    . DC  B 2 7  ? 4.793   -4.785  9.496   1.00 118.47 ? 18  DC  B N3    1 
ATOM   389 C  C4    . DC  B 2 7  ? 5.937   -5.459  9.388   1.00 124.81 ? 18  DC  B C4    1 
ATOM   390 N  N4    . DC  B 2 7  ? 5.969   -6.712  9.854   1.00 124.94 ? 18  DC  B N4    1 
ATOM   391 C  C5    . DC  B 2 7  ? 7.100   -4.878  8.792   1.00 127.59 ? 18  DC  B C5    1 
ATOM   392 C  C6    . DC  B 2 7  ? 7.006   -3.622  8.341   1.00 123.29 ? 18  DC  B C6    1 
ATOM   393 P  P     . DT  B 2 8  ? 6.816   2.545   9.105   1.00 142.75 ? 19  DT  B P     1 
ATOM   394 O  OP1   . DT  B 2 8  ? 6.667   3.988   8.800   1.00 140.73 ? 19  DT  B OP1   1 
ATOM   395 O  OP2   . DT  B 2 8  ? 8.084   2.025   9.669   1.00 141.05 ? 19  DT  B OP2   1 
ATOM   396 O  "O5'" . DT  B 2 8  ? 5.627   2.110   10.074  1.00 130.24 ? 19  DT  B "O5'" 1 
ATOM   397 C  "C5'" . DT  B 2 8  ? 4.307   2.037   9.566   1.00 133.02 ? 19  DT  B "C5'" 1 
ATOM   398 C  "C4'" . DT  B 2 8  ? 3.293   1.873   10.687  1.00 140.57 ? 19  DT  B "C4'" 1 
ATOM   399 O  "O4'" . DT  B 2 8  ? 3.202   0.481   11.081  1.00 133.17 ? 19  DT  B "O4'" 1 
ATOM   400 C  "C3'" . DT  B 2 8  ? 3.594   2.643   11.963  1.00 150.13 ? 19  DT  B "C3'" 1 
ATOM   401 O  "O3'" . DT  B 2 8  ? 2.376   3.045   12.557  1.00 148.89 ? 19  DT  B "O3'" 1 
ATOM   402 C  "C2'" . DT  B 2 8  ? 4.323   1.606   12.819  1.00 145.42 ? 19  DT  B "C2'" 1 
ATOM   403 C  "C1'" . DT  B 2 8  ? 3.584   0.331   12.436  1.00 134.58 ? 19  DT  B "C1'" 1 
ATOM   404 N  N1    . DT  B 2 8  ? 4.404   -0.907  12.531  1.00 126.40 ? 19  DT  B N1    1 
ATOM   405 C  C2    . DT  B 2 8  ? 3.818   -2.059  12.998  1.00 124.57 ? 19  DT  B C2    1 
ATOM   406 O  O2    . DT  B 2 8  ? 2.660   -2.114  13.369  1.00 126.28 ? 19  DT  B O2    1 
ATOM   407 N  N3    . DT  B 2 8  ? 4.642   -3.151  13.023  1.00 122.17 ? 19  DT  B N3    1 
ATOM   408 C  C4    . DT  B 2 8  ? 5.964   -3.210  12.626  1.00 126.17 ? 19  DT  B C4    1 
ATOM   409 O  O4    . DT  B 2 8  ? 6.621   -4.244  12.684  1.00 125.69 ? 19  DT  B O4    1 
ATOM   410 C  C5    . DT  B 2 8  ? 6.518   -1.971  12.136  1.00 124.94 ? 19  DT  B C5    1 
ATOM   411 C  C7    . DT  B 2 8  ? 7.945   -1.916  11.679  1.00 119.99 ? 19  DT  B C7    1 
ATOM   412 C  C6    . DT  B 2 8  ? 5.719   -0.890  12.107  1.00 125.06 ? 19  DT  B C6    1 
ATOM   413 P  P     . DC  B 2 9  ? 2.382   4.099   13.763  1.00 145.78 ? 20  DC  B P     1 
ATOM   414 O  OP1   . DC  B 2 9  ? 1.163   4.926   13.611  1.00 150.44 ? 20  DC  B OP1   1 
ATOM   415 O  OP2   . DC  B 2 9  ? 3.725   4.726   13.810  1.00 137.81 ? 20  DC  B OP2   1 
ATOM   416 O  "O5'" . DC  B 2 9  ? 2.219   3.181   15.056  1.00 140.32 ? 20  DC  B "O5'" 1 
ATOM   417 C  "C5'" . DC  B 2 9  ? 1.013   2.467   15.270  1.00 140.85 ? 20  DC  B "C5'" 1 
ATOM   418 C  "C4'" . DC  B 2 9  ? 1.030   1.815   16.636  1.00 141.46 ? 20  DC  B "C4'" 1 
ATOM   419 O  "O4'" . DC  B 2 9  ? 1.430   0.436   16.501  1.00 137.89 ? 20  DC  B "O4'" 1 
ATOM   420 C  "C3'" . DC  B 2 9  ? 2.027   2.425   17.604  1.00 146.28 ? 20  DC  B "C3'" 1 
ATOM   421 O  "O3'" . DC  B 2 9  ? 1.429   3.517   18.300  1.00 152.80 ? 20  DC  B "O3'" 1 
ATOM   422 C  "C2'" . DC  B 2 9  ? 2.334   1.260   18.543  1.00 142.47 ? 20  DC  B "C2'" 1 
ATOM   423 C  "C1'" . DC  B 2 9  ? 2.170   0.035   17.636  1.00 133.27 ? 20  DC  B "C1'" 1 
ATOM   424 N  N1    . DC  B 2 9  ? 3.462   -0.571  17.178  1.00 133.41 ? 20  DC  B N1    1 
ATOM   425 C  C2    . DC  B 2 9  ? 3.616   -1.959  17.217  1.00 128.70 ? 20  DC  B C2    1 
ATOM   426 O  O2    . DC  B 2 9  ? 2.680   -2.657  17.627  1.00 125.76 ? 20  DC  B O2    1 
ATOM   427 N  N3    . DC  B 2 9  ? 4.789   -2.502  16.805  1.00 124.20 ? 20  DC  B N3    1 
ATOM   428 C  C4    . DC  B 2 9  ? 5.775   -1.715  16.371  1.00 125.80 ? 20  DC  B C4    1 
ATOM   429 N  N4    . DC  B 2 9  ? 6.910   -2.297  15.976  1.00 128.56 ? 20  DC  B N4    1 
ATOM   430 C  C5    . DC  B 2 9  ? 5.640   -0.296  16.323  1.00 125.08 ? 20  DC  B C5    1 
ATOM   431 C  C6    . DC  B 2 9  ? 4.478   0.228   16.731  1.00 131.72 ? 20  DC  B C6    1 
ATOM   432 P  P     . DT  C 3 1  ? -16.021 1.945   6.372   1.00 145.73 ? 0   DT  C P     1 
ATOM   433 O  OP1   . DT  C 3 1  ? -14.701 2.610   6.460   1.00 131.12 ? 0   DT  C OP1   1 
ATOM   434 O  OP2   . DT  C 3 1  ? -17.267 2.747   6.462   1.00 138.58 ? 0   DT  C OP2   1 
ATOM   435 O  "O5'" . DT  C 3 1  ? -16.058 1.081   5.023   1.00 116.87 ? 0   DT  C "O5'" 1 
ATOM   436 C  "C5'" . DT  C 3 1  ? -14.861 0.881   4.288   1.00 117.56 ? 0   DT  C "C5'" 1 
ATOM   437 C  "C4'" . DT  C 3 1  ? -14.842 -0.485  3.631   1.00 112.98 ? 0   DT  C "C4'" 1 
ATOM   438 O  "O4'" . DT  C 3 1  ? -15.502 -0.416  2.334   1.00 111.63 ? 0   DT  C "O4'" 1 
ATOM   439 C  "C3'" . DT  C 3 1  ? -13.440 -1.019  3.352   1.00 110.23 ? 0   DT  C "C3'" 1 
ATOM   440 O  "O3'" . DT  C 3 1  ? -13.388 -2.422  3.595   1.00 111.91 ? 0   DT  C "O3'" 1 
ATOM   441 C  "C2'" . DT  C 3 1  ? -13.249 -0.696  1.875   1.00 107.92 ? 0   DT  C "C2'" 1 
ATOM   442 C  "C1'" . DT  C 3 1  ? -14.644 -0.952  1.352   1.00 102.45 ? 0   DT  C "C1'" 1 
ATOM   443 N  N1    . DT  C 3 1  ? -14.933 -0.297  0.038   1.00 95.38  ? 0   DT  C N1    1 
ATOM   444 C  C2    . DT  C 3 1  ? -14.953 -1.064  -1.106  1.00 99.13  ? 0   DT  C C2    1 
ATOM   445 O  O2    . DT  C 3 1  ? -14.741 -2.263  -1.109  1.00 106.33 ? 0   DT  C O2    1 
ATOM   446 N  N3    . DT  C 3 1  ? -15.232 -0.377  -2.260  1.00 93.07  ? 0   DT  C N3    1 
ATOM   447 C  C4    . DT  C 3 1  ? -15.490 0.977   -2.382  1.00 103.33 ? 0   DT  C C4    1 
ATOM   448 O  O4    . DT  C 3 1  ? -15.732 1.509   -3.467  1.00 103.07 ? 0   DT  C O4    1 
ATOM   449 C  C5    . DT  C 3 1  ? -15.454 1.725   -1.142  1.00 102.22 ? 0   DT  C C5    1 
ATOM   450 C  C7    . DT  C 3 1  ? -15.718 3.202   -1.149  1.00 93.86  ? 0   DT  C C7    1 
ATOM   451 C  C6    . DT  C 3 1  ? -15.179 1.058   -0.006  1.00 98.50  ? 0   DT  C C6    1 
ATOM   452 P  P     . DC  C 3 2  ? -11.972 -3.126  3.883   1.00 122.96 ? 1   DC  C P     1 
ATOM   453 O  OP1   . DC  C 3 2  ? -12.207 -4.375  4.643   1.00 120.28 ? 1   DC  C OP1   1 
ATOM   454 O  OP2   . DC  C 3 2  ? -11.096 -2.075  4.452   1.00 114.74 ? 1   DC  C OP2   1 
ATOM   455 O  "O5'" . DC  C 3 2  ? -11.442 -3.520  2.424   1.00 109.36 ? 1   DC  C "O5'" 1 
ATOM   456 C  "C5'" . DC  C 3 2  ? -12.354 -4.029  1.464   1.00 108.22 ? 1   DC  C "C5'" 1 
ATOM   457 C  "C4'" . DC  C 3 2  ? -11.628 -4.676  0.292   1.00 110.43 ? 1   DC  C "C4'" 1 
ATOM   458 O  "O4'" . DC  C 3 2  ? -11.882 -3.927  -0.927  1.00 112.61 ? 1   DC  C "O4'" 1 
ATOM   459 C  "C3'" . DC  C 3 2  ? -10.120 -4.753  0.399   1.00 98.15  ? 1   DC  C "C3'" 1 
ATOM   460 O  "O3'" . DC  C 3 2  ? -9.674  -5.843  -0.394  1.00 90.72  ? 1   DC  C "O3'" 1 
ATOM   461 C  "C2'" . DC  C 3 2  ? -9.701  -3.415  -0.207  1.00 105.80 ? 1   DC  C "C2'" 1 
ATOM   462 C  "C1'" . DC  C 3 2  ? -10.697 -3.279  -1.357  1.00 104.51 ? 1   DC  C "C1'" 1 
ATOM   463 N  N1    . DC  C 3 2  ? -11.064 -1.870  -1.703  1.00 101.57 ? 1   DC  C N1    1 
ATOM   464 C  C2    . DC  C 3 2  ? -11.447 -1.552  -3.017  1.00 102.31 ? 1   DC  C C2    1 
ATOM   465 O  O2    . DC  C 3 2  ? -11.450 -2.441  -3.881  1.00 96.50  ? 1   DC  C O2    1 
ATOM   466 N  N3    . DC  C 3 2  ? -11.802 -0.271  -3.305  1.00 101.39 ? 1   DC  C N3    1 
ATOM   467 C  C4    . DC  C 3 2  ? -11.793 0.657   -2.345  1.00 97.42  ? 1   DC  C C4    1 
ATOM   468 N  N4    . DC  C 3 2  ? -12.155 1.903   -2.672  1.00 92.12  ? 1   DC  C N4    1 
ATOM   469 C  C5    . DC  C 3 2  ? -11.413 0.350   -1.006  1.00 94.88  ? 1   DC  C C5    1 
ATOM   470 C  C6    . DC  C 3 2  ? -11.063 -0.915  -0.732  1.00 93.83  ? 1   DC  C C6    1 
ATOM   471 P  P     . DA  C 3 3  ? -8.166  -6.374  -0.286  1.00 109.13 ? 2   DA  C P     1 
ATOM   472 O  OP1   . DA  C 3 3  ? -8.144  -7.827  -0.575  1.00 79.09  ? 2   DA  C OP1   1 
ATOM   473 O  OP2   . DA  C 3 3  ? -7.606  -5.847  0.982   1.00 99.73  ? 2   DA  C OP2   1 
ATOM   474 O  "O5'" . DA  C 3 3  ? -7.434  -5.671  -1.512  1.00 101.26 ? 2   DA  C "O5'" 1 
ATOM   475 C  "C5'" . DA  C 3 3  ? -6.911  -6.478  -2.554  1.00 102.12 ? 2   DA  C "C5'" 1 
ATOM   476 C  "C4'" . DA  C 3 3  ? -6.738  -5.676  -3.822  1.00 98.99  ? 2   DA  C "C4'" 1 
ATOM   477 O  "O4'" . DA  C 3 3  ? -7.693  -4.596  -3.846  1.00 100.35 ? 2   DA  C "O4'" 1 
ATOM   478 C  "C3'" . DA  C 3 3  ? -5.412  -4.976  -3.948  1.00 93.12  ? 2   DA  C "C3'" 1 
ATOM   479 O  "O3'" . DA  C 3 3  ? -4.399  -5.887  -4.390  1.00 93.02  ? 2   DA  C "O3'" 1 
ATOM   480 C  "C2'" . DA  C 3 3  ? -5.734  -3.913  -4.981  1.00 90.90  ? 2   DA  C "C2'" 1 
ATOM   481 C  "C1'" . DA  C 3 3  ? -7.180  -3.549  -4.641  1.00 90.89  ? 2   DA  C "C1'" 1 
ATOM   482 N  N9    . DA  C 3 3  ? -7.319  -2.304  -3.902  1.00 90.78  ? 2   DA  C N9    1 
ATOM   483 C  C8    . DA  C 3 3  ? -6.967  -2.069  -2.603  1.00 94.85  ? 2   DA  C C8    1 
ATOM   484 N  N7    . DA  C 3 3  ? -7.225  -0.844  -2.199  1.00 92.01  ? 2   DA  C N7    1 
ATOM   485 C  C5    . DA  C 3 3  ? -7.786  -0.241  -3.311  1.00 94.36  ? 2   DA  C C5    1 
ATOM   486 C  C6    . DA  C 3 3  ? -8.277  1.059   -3.539  1.00 93.76  ? 2   DA  C C6    1 
ATOM   487 N  N6    . DA  C 3 3  ? -8.279  2.018   -2.612  1.00 100.31 ? 2   DA  C N6    1 
ATOM   488 N  N1    . DA  C 3 3  ? -8.766  1.339   -4.764  1.00 92.52  ? 2   DA  C N1    1 
ATOM   489 C  C2    . DA  C 3 3  ? -8.766  0.374   -5.693  1.00 101.73 ? 2   DA  C C2    1 
ATOM   490 N  N3    . DA  C 3 3  ? -8.335  -0.886  -5.596  1.00 101.29 ? 2   DA  C N3    1 
ATOM   491 C  C4    . DA  C 3 3  ? -7.850  -1.128  -4.368  1.00 97.19  ? 2   DA  C C4    1 
ATOM   492 P  P     . DC  C 3 4  ? -4.543  -6.745  -5.748  1.00 111.70 ? 3   DC  C P     1 
ATOM   493 O  OP1   . DC  C 3 4  ? -4.684  -5.842  -6.912  1.00 104.02 ? 3   DC  C OP1   1 
ATOM   494 O  OP2   . DC  C 3 4  ? -5.503  -7.850  -5.531  1.00 104.13 ? 3   DC  C OP2   1 
ATOM   495 O  "O5'" . DC  C 3 4  ? -3.100  -7.403  -5.884  1.00 105.95 ? 3   DC  C "O5'" 1 
ATOM   496 C  "C5'" . DC  C 3 4  ? -1.960  -6.611  -5.573  1.00 109.28 ? 3   DC  C "C5'" 1 
ATOM   497 C  "C4'" . DC  C 3 4  ? -0.946  -7.391  -4.764  1.00 100.18 ? 3   DC  C "C4'" 1 
ATOM   498 O  "O4'" . DC  C 3 4  ? -1.325  -7.406  -3.381  1.00 82.04  ? 3   DC  C "O4'" 1 
ATOM   499 C  "C3'" . DC  C 3 4  ? -0.845  -8.849  -5.120  1.00 102.46 ? 3   DC  C "C3'" 1 
ATOM   500 O  "O3'" . DC  C 3 4  ? -0.050  -8.996  -6.266  1.00 107.81 ? 3   DC  C "O3'" 1 
ATOM   501 C  "C2'" . DC  C 3 4  ? -0.174  -9.425  -3.880  1.00 88.84  ? 3   DC  C "C2'" 1 
ATOM   502 C  "C1'" . DC  C 3 4  ? -0.731  -8.532  -2.761  1.00 83.50  ? 3   DC  C "C1'" 1 
ATOM   503 N  N1    . DC  C 3 4  ? -1.764  -9.171  -1.883  1.00 83.81  ? 3   DC  C N1    1 
ATOM   504 C  C2    . DC  C 3 4  ? -1.500  -10.384 -1.226  1.00 92.78  ? 3   DC  C C2    1 
ATOM   505 O  O2    . DC  C 3 4  ? -0.414  -10.948 -1.395  1.00 99.04  ? 3   DC  C O2    1 
ATOM   506 N  N3    . DC  C 3 4  ? -2.455  -10.915 -0.423  1.00 92.08  ? 3   DC  C N3    1 
ATOM   507 C  C4    . DC  C 3 4  ? -3.614  -10.286 -0.256  1.00 88.64  ? 3   DC  C C4    1 
ATOM   508 N  N4    . DC  C 3 4  ? -4.524  -10.850 0.547   1.00 89.73  ? 3   DC  C N4    1 
ATOM   509 C  C5    . DC  C 3 4  ? -3.895  -9.049  -0.902  1.00 86.49  ? 3   DC  C C5    1 
ATOM   510 C  C6    . DC  C 3 4  ? -2.950  -8.533  -1.693  1.00 82.86  ? 3   DC  C C6    1 
ATOM   511 P  P     . DC  C 3 5  ? -0.562  -9.929  -7.461  1.00 101.44 ? 4   DC  C P     1 
ATOM   512 O  OP1   . DC  C 3 5  ? 0.084   -9.459  -8.713  1.00 107.42 ? 4   DC  C OP1   1 
ATOM   513 O  OP2   . DC  C 3 5  ? -2.037  -9.985  -7.359  1.00 102.84 ? 4   DC  C OP2   1 
ATOM   514 O  "O5'" . DC  C 3 5  ? 0.042   -11.350 -7.073  1.00 95.67  ? 4   DC  C "O5'" 1 
ATOM   515 C  "C5'" . DC  C 3 5  ? 1.447   -11.479 -6.900  1.00 108.70 ? 4   DC  C "C5'" 1 
ATOM   516 C  "C4'" . DC  C 3 5  ? 1.794   -12.804 -6.256  1.00 110.98 ? 4   DC  C "C4'" 1 
ATOM   517 O  "O4'" . DC  C 3 5  ? 1.410   -12.768 -4.866  1.00 107.64 ? 4   DC  C "O4'" 1 
ATOM   518 C  "C3'" . DC  C 3 5  ? 1.081   -14.002 -6.857  1.00 108.95 ? 4   DC  C "C3'" 1 
ATOM   519 O  "O3'" . DC  C 3 5  ? 1.896   -14.580 -7.866  1.00 108.37 ? 4   DC  C "O3'" 1 
ATOM   520 C  "C2'" . DC  C 3 5  ? 0.907   -14.945 -5.668  1.00 105.90 ? 4   DC  C "C2'" 1 
ATOM   521 C  "C1'" . DC  C 3 5  ? 0.820   -13.996 -4.484  1.00 105.71 ? 4   DC  C "C1'" 1 
ATOM   522 N  N1    . DC  C 3 5  ? -0.561  -13.712 -4.007  1.00 100.91 ? 4   DC  C N1    1 
ATOM   523 C  C2    . DC  C 3 5  ? -1.109  -14.488 -2.985  1.00 99.12  ? 4   DC  C C2    1 
ATOM   524 O  O2    . DC  C 3 5  ? -0.449  -15.425 -2.527  1.00 103.57 ? 4   DC  C O2    1 
ATOM   525 N  N3    . DC  C 3 5  ? -2.354  -14.197 -2.536  1.00 97.64  ? 4   DC  C N3    1 
ATOM   526 C  C4    . DC  C 3 5  ? -3.030  -13.174 -3.060  1.00 94.27  ? 4   DC  C C4    1 
ATOM   527 N  N4    . DC  C 3 5  ? -4.256  -12.924 -2.584  1.00 91.29  ? 4   DC  C N4    1 
ATOM   528 C  C5    . DC  C 3 5  ? -2.483  -12.364 -4.095  1.00 93.53  ? 4   DC  C C5    1 
ATOM   529 C  C6    . DC  C 3 5  ? -1.254  -12.662 -4.529  1.00 96.85  ? 4   DC  C C6    1 
ATOM   530 P  P     . DG  C 3 6  ? 1.584   -16.058 -8.411  1.00 134.08 ? 5   DG  C P     1 
ATOM   531 O  OP1   . DG  C 3 6  ? 2.299   -16.194 -9.701  1.00 137.64 ? 5   DG  C OP1   1 
ATOM   532 O  OP2   . DG  C 3 6  ? 0.114   -16.266 -8.377  1.00 117.32 ? 5   DG  C OP2   1 
ATOM   533 O  "O5'" . DG  C 3 6  ? 2.276   -17.023 -7.332  1.00 116.00 ? 5   DG  C "O5'" 1 
ATOM   534 C  "C5'" . DG  C 3 6  ? 2.370   -18.415 -7.579  1.00 116.76 ? 5   DG  C "C5'" 1 
ATOM   535 C  "C4'" . DG  C 3 6  ? 1.546   -19.200 -6.577  1.00 107.54 ? 5   DG  C "C4'" 1 
ATOM   536 O  "O4'" . DG  C 3 6  ? 0.898   -18.301 -5.659  1.00 104.82 ? 5   DG  C "O4'" 1 
ATOM   537 C  "C3'" . DG  C 3 6  ? 0.396   -19.986 -7.163  1.00 122.67 ? 5   DG  C "C3'" 1 
ATOM   538 O  "O3'" . DG  C 3 6  ? 0.869   -21.200 -7.738  1.00 126.60 ? 5   DG  C "O3'" 1 
ATOM   539 C  "C2'" . DG  C 3 6  ? -0.461  -20.234 -5.923  1.00 109.10 ? 5   DG  C "C2'" 1 
ATOM   540 C  "C1'" . DG  C 3 6  ? -0.244  -18.951 -5.115  1.00 104.56 ? 5   DG  C "C1'" 1 
ATOM   541 N  N9    . DG  C 3 6  ? -1.373  -18.033 -5.164  1.00 102.47 ? 5   DG  C N9    1 
ATOM   542 C  C8    . DG  C 3 6  ? -1.556  -17.000 -6.048  1.00 106.90 ? 5   DG  C C8    1 
ATOM   543 N  N7    . DG  C 3 6  ? -2.660  -16.336 -5.852  1.00 104.99 ? 5   DG  C N7    1 
ATOM   544 C  C5    . DG  C 3 6  ? -3.252  -16.972 -4.771  1.00 96.61  ? 5   DG  C C5    1 
ATOM   545 C  C6    . DG  C 3 6  ? -4.465  -16.691 -4.109  1.00 99.97  ? 5   DG  C C6    1 
ATOM   546 O  O6    . DG  C 3 6  ? -5.287  -15.797 -4.362  1.00 105.75 ? 5   DG  C O6    1 
ATOM   547 N  N1    . DG  C 3 6  ? -4.696  -17.574 -3.058  1.00 100.92 ? 5   DG  C N1    1 
ATOM   548 C  C2    . DG  C 3 6  ? -3.860  -18.599 -2.694  1.00 102.47 ? 5   DG  C C2    1 
ATOM   549 N  N2    . DG  C 3 6  ? -4.262  -19.346 -1.653  1.00 100.11 ? 5   DG  C N2    1 
ATOM   550 N  N3    . DG  C 3 6  ? -2.713  -18.875 -3.307  1.00 99.42  ? 5   DG  C N3    1 
ATOM   551 C  C4    . DG  C 3 6  ? -2.475  -18.022 -4.334  1.00 97.94  ? 5   DG  C C4    1 
ATOM   552 O  "O5'" . DT  D 4 1  ? 18.655  -6.097  17.208  1.00 147.22 ? 2   DT  D "O5'" 1 
ATOM   553 C  "C5'" . DT  D 4 1  ? 17.562  -5.523  17.917  1.00 146.64 ? 2   DT  D "C5'" 1 
ATOM   554 C  "C4'" . DT  D 4 1  ? 17.074  -6.460  19.009  1.00 147.85 ? 2   DT  D "C4'" 1 
ATOM   555 O  "O4'" . DT  D 4 1  ? 16.280  -5.708  19.969  1.00 142.35 ? 2   DT  D "O4'" 1 
ATOM   556 C  "C3'" . DT  D 4 1  ? 16.182  -7.608  18.528  1.00 141.73 ? 2   DT  D "C3'" 1 
ATOM   557 O  "O3'" . DT  D 4 1  ? 16.495  -8.813  19.259  1.00 141.90 ? 2   DT  D "O3'" 1 
ATOM   558 C  "C2'" . DT  D 4 1  ? 14.783  -7.084  18.829  1.00 146.05 ? 2   DT  D "C2'" 1 
ATOM   559 C  "C1'" . DT  D 4 1  ? 15.024  -6.326  20.120  1.00 135.02 ? 2   DT  D "C1'" 1 
ATOM   560 N  N1    . DT  D 4 1  ? 14.011  -5.283  20.382  1.00 134.88 ? 2   DT  D N1    1 
ATOM   561 C  C2    . DT  D 4 1  ? 12.926  -5.590  21.167  1.00 136.95 ? 2   DT  D C2    1 
ATOM   562 O  O2    . DT  D 4 1  ? 12.753  -6.689  21.664  1.00 137.04 ? 2   DT  D O2    1 
ATOM   563 N  N3    . DT  D 4 1  ? 12.042  -4.558  21.354  1.00 132.30 ? 2   DT  D N3    1 
ATOM   564 C  C4    . DT  D 4 1  ? 12.137  -3.277  20.837  1.00 130.32 ? 2   DT  D C4    1 
ATOM   565 O  O4    . DT  D 4 1  ? 11.293  -2.417  21.060  1.00 130.70 ? 2   DT  D O4    1 
ATOM   566 C  C5    . DT  D 4 1  ? 13.303  -3.022  20.021  1.00 131.57 ? 2   DT  D C5    1 
ATOM   567 C  C7    . DT  D 4 1  ? 13.511  -1.670  19.406  1.00 129.85 ? 2   DT  D C7    1 
ATOM   568 C  C6    . DT  D 4 1  ? 14.172  -4.027  19.833  1.00 134.44 ? 2   DT  D C6    1 
ATOM   569 P  P     . DC  D 4 2  ? 15.376  -9.925  19.606  1.00 163.34 ? 3   DC  D P     1 
ATOM   570 O  OP1   . DC  D 4 2  ? 14.497  -9.379  20.675  1.00 150.96 ? 3   DC  D OP1   1 
ATOM   571 O  OP2   . DC  D 4 2  ? 16.134  -11.166 19.883  1.00 162.08 ? 3   DC  D OP2   1 
ATOM   572 O  "O5'" . DC  D 4 2  ? 14.619  -10.214 18.214  1.00 148.08 ? 3   DC  D "O5'" 1 
ATOM   573 C  "C5'" . DC  D 4 2  ? 13.183  -10.078 18.074  1.00 145.47 ? 3   DC  D "C5'" 1 
ATOM   574 C  "C4'" . DC  D 4 2  ? 12.408  -10.814 19.163  1.00 145.99 ? 3   DC  D "C4'" 1 
ATOM   575 O  "O4'" . DC  D 4 2  ? 11.852  -9.837  20.085  1.00 139.83 ? 3   DC  D "O4'" 1 
ATOM   576 C  "C3'" . DC  D 4 2  ? 11.200  -11.584 18.665  1.00 148.15 ? 3   DC  D "C3'" 1 
ATOM   577 O  "O3'" . DC  D 4 2  ? 10.801  -12.576 19.613  1.00 157.94 ? 3   DC  D "O3'" 1 
ATOM   578 C  "C2'" . DC  D 4 2  ? 10.160  -10.481 18.556  1.00 147.80 ? 3   DC  D "C2'" 1 
ATOM   579 C  "C1'" . DC  D 4 2  ? 10.489  -9.601  19.763  1.00 138.45 ? 3   DC  D "C1'" 1 
ATOM   580 N  N1    . DC  D 4 2  ? 10.296  -8.143  19.480  1.00 135.86 ? 3   DC  D N1    1 
ATOM   581 C  C2    . DC  D 4 2  ? 9.203   -7.464  20.037  1.00 136.21 ? 3   DC  D C2    1 
ATOM   582 O  O2    . DC  D 4 2  ? 8.419   -8.079  20.776  1.00 134.46 ? 3   DC  D O2    1 
ATOM   583 N  N3    . DC  D 4 2  ? 9.039   -6.146  19.755  1.00 131.53 ? 3   DC  D N3    1 
ATOM   584 C  C4    . DC  D 4 2  ? 9.907   -5.521  18.952  1.00 130.07 ? 3   DC  D C4    1 
ATOM   585 N  N4    . DC  D 4 2  ? 9.708   -4.225  18.702  1.00 128.83 ? 3   DC  D N4    1 
ATOM   586 C  C5    . DC  D 4 2  ? 11.016  -6.199  18.370  1.00 123.30 ? 3   DC  D C5    1 
ATOM   587 C  C6    . DC  D 4 2  ? 11.169  -7.493  18.655  1.00 128.56 ? 3   DC  D C6    1 
ATOM   588 P  P     . DG  D 4 3  ? 9.588   -13.579 19.268  1.00 171.26 ? 4   DG  D P     1 
ATOM   589 O  OP1   . DG  D 4 3  ? 9.544   -14.637 20.303  1.00 159.37 ? 4   DG  D OP1   1 
ATOM   590 O  OP2   . DG  D 4 3  ? 9.698   -13.935 17.833  1.00 158.96 ? 4   DG  D OP2   1 
ATOM   591 O  "O5'" . DG  D 4 3  ? 8.277   -12.687 19.464  1.00 152.90 ? 4   DG  D "O5'" 1 
ATOM   592 C  "C5'" . DG  D 4 3  ? 7.044   -13.126 18.935  1.00 146.72 ? 4   DG  D "C5'" 1 
ATOM   593 C  "C4'" . DG  D 4 3  ? 5.894   -12.617 19.775  1.00 145.44 ? 4   DG  D "C4'" 1 
ATOM   594 O  "O4'" . DG  D 4 3  ? 6.033   -11.189 19.962  1.00 144.75 ? 4   DG  D "O4'" 1 
ATOM   595 C  "C3'" . DG  D 4 3  ? 4.530   -12.798 19.149  1.00 142.19 ? 4   DG  D "C3'" 1 
ATOM   596 O  "O3'" . DG  D 4 3  ? 3.543   -12.816 20.155  1.00 152.55 ? 4   DG  D "O3'" 1 
ATOM   597 C  "C2'" . DG  D 4 3  ? 4.409   -11.558 18.273  1.00 135.79 ? 4   DG  D "C2'" 1 
ATOM   598 C  "C1'" . DG  D 4 3  ? 5.136   -10.500 19.106  1.00 137.11 ? 4   DG  D "C1'" 1 
ATOM   599 N  N9    . DG  D 4 3  ? 5.906   -9.558  18.296  1.00 130.84 ? 4   DG  D N9    1 
ATOM   600 C  C8    . DG  D 4 3  ? 7.030   -9.832  17.554  1.00 127.59 ? 4   DG  D C8    1 
ATOM   601 N  N7    . DG  D 4 3  ? 7.507   -8.794  16.926  1.00 121.44 ? 4   DG  D N7    1 
ATOM   602 C  C5    . DG  D 4 3  ? 6.644   -7.763  17.269  1.00 120.89 ? 4   DG  D C5    1 
ATOM   603 C  C6    . DG  D 4 3  ? 6.657   -6.403  16.888  1.00 121.98 ? 4   DG  D C6    1 
ATOM   604 O  O6    . DG  D 4 3  ? 7.463   -5.824  16.146  1.00 121.00 ? 4   DG  D O6    1 
ATOM   605 N  N1    . DG  D 4 3  ? 5.600   -5.696  17.460  1.00 115.90 ? 4   DG  D N1    1 
ATOM   606 C  C2    . DG  D 4 3  ? 4.651   -6.240  18.295  1.00 121.88 ? 4   DG  D C2    1 
ATOM   607 N  N2    . DG  D 4 3  ? 3.709   -5.400  18.749  1.00 118.14 ? 4   DG  D N2    1 
ATOM   608 N  N3    . DG  D 4 3  ? 4.629   -7.516  18.663  1.00 125.43 ? 4   DG  D N3    1 
ATOM   609 C  C4    . DG  D 4 3  ? 5.652   -8.216  18.112  1.00 125.75 ? 4   DG  D C4    1 
ATOM   610 P  P     . DA  D 4 4  ? 2.101   -13.442 19.841  1.00 160.99 ? 5   DA  D P     1 
ATOM   611 O  OP1   . DA  D 4 4  ? 1.500   -13.862 21.129  1.00 149.80 ? 5   DA  D OP1   1 
ATOM   612 O  OP2   . DA  D 4 4  ? 2.279   -14.419 18.742  1.00 148.24 ? 5   DA  D OP2   1 
ATOM   613 O  "O5'" . DA  D 4 4  ? 1.281   -12.210 19.244  1.00 148.38 ? 5   DA  D "O5'" 1 
ATOM   614 C  "C5'" . DA  D 4 4  ? 1.245   -10.977 19.947  1.00 146.53 ? 5   DA  D "C5'" 1 
ATOM   615 C  "C4'" . DA  D 4 4  ? 0.568   -9.914  19.108  1.00 141.87 ? 5   DA  D "C4'" 1 
ATOM   616 O  "O4'" . DA  D 4 4  ? 1.572   -9.119  18.424  1.00 137.16 ? 5   DA  D "O4'" 1 
ATOM   617 C  "C3'" . DA  D 4 4  ? -0.355  -10.460 18.015  1.00 132.19 ? 5   DA  D "C3'" 1 
ATOM   618 O  "O3'" . DA  D 4 4  ? -1.582  -9.759  18.020  1.00 134.88 ? 5   DA  D "O3'" 1 
ATOM   619 C  "C2'" . DA  D 4 4  ? 0.426   -10.199 16.733  1.00 127.10 ? 5   DA  D "C2'" 1 
ATOM   620 C  "C1'" . DA  D 4 4  ? 1.158   -8.926  17.098  1.00 125.46 ? 5   DA  D "C1'" 1 
ATOM   621 N  N9    . DA  D 4 4  ? 2.322   -8.675  16.260  1.00 120.41 ? 5   DA  D N9    1 
ATOM   622 C  C8    . DA  D 4 4  ? 3.270   -9.579  15.869  1.00 118.32 ? 5   DA  D C8    1 
ATOM   623 N  N7    . DA  D 4 4  ? 4.199   -9.069  15.096  1.00 116.58 ? 5   DA  D N7    1 
ATOM   624 C  C5    . DA  D 4 4  ? 3.829   -7.741  14.965  1.00 112.26 ? 5   DA  D C5    1 
ATOM   625 C  C6    . DA  D 4 4  ? 4.403   -6.660  14.267  1.00 115.16 ? 5   DA  D C6    1 
ATOM   626 N  N6    . DA  D 4 4  ? 5.522   -6.764  13.542  1.00 114.64 ? 5   DA  D N6    1 
ATOM   627 N  N1    . DA  D 4 4  ? 3.780   -5.464  14.345  1.00 112.47 ? 5   DA  D N1    1 
ATOM   628 C  C2    . DA  D 4 4  ? 2.660   -5.365  15.070  1.00 111.44 ? 5   DA  D C2    1 
ATOM   629 N  N3    . DA  D 4 4  ? 2.027   -6.309  15.769  1.00 110.47 ? 5   DA  D N3    1 
ATOM   630 C  C4    . DA  D 4 4  ? 2.672   -7.483  15.674  1.00 114.81 ? 5   DA  D C4    1 
ATOM   631 P  P     . DG  D 4 5  ? -2.917  -10.479 17.493  1.00 153.39 ? 6   DG  D P     1 
ATOM   632 O  OP1   . DG  D 4 5  ? -3.568  -11.141 18.648  1.00 146.86 ? 6   DG  D OP1   1 
ATOM   633 O  OP2   . DG  D 4 5  ? -2.553  -11.274 16.299  1.00 137.63 ? 6   DG  D OP2   1 
ATOM   634 O  "O5'" . DG  D 4 5  ? -3.841  -9.265  17.012  1.00 135.70 ? 6   DG  D "O5'" 1 
ATOM   635 C  "C5'" . DG  D 4 5  ? -3.985  -8.991  15.624  1.00 133.11 ? 6   DG  D "C5'" 1 
ATOM   636 C  "C4'" . DG  D 4 5  ? -3.348  -7.662  15.256  1.00 126.30 ? 6   DG  D "C4'" 1 
ATOM   637 O  "O4'" . DG  D 4 5  ? -1.928  -7.829  15.145  1.00 118.31 ? 6   DG  D "O4'" 1 
ATOM   638 C  "C3'" . DG  D 4 5  ? -3.764  -7.123  13.899  1.00 126.18 ? 6   DG  D "C3'" 1 
ATOM   639 O  "O3'" . DG  D 4 5  ? -4.938  -6.339  14.024  1.00 128.98 ? 6   DG  D "O3'" 1 
ATOM   640 C  "C2'" . DG  D 4 5  ? -2.565  -6.273  13.463  1.00 114.81 ? 6   DG  D "C2'" 1 
ATOM   641 C  "C1'" . DG  D 4 5  ? -1.417  -6.805  14.319  1.00 109.00 ? 6   DG  D "C1'" 1 
ATOM   642 N  N9    . DG  D 4 5  ? -0.287  -7.331  13.564  1.00 104.03 ? 6   DG  D N9    1 
ATOM   643 C  C8    . DG  D 4 5  ? 0.212   -8.612  13.601  1.00 112.55 ? 6   DG  D C8    1 
ATOM   644 N  N7    . DG  D 4 5  ? 1.255   -8.789  12.837  1.00 107.28 ? 6   DG  D N7    1 
ATOM   645 C  C5    . DG  D 4 5  ? 1.466   -7.545  12.262  1.00 104.41 ? 6   DG  D C5    1 
ATOM   646 C  C6    . DG  D 4 5  ? 2.458   -7.124  11.343  1.00 107.34 ? 6   DG  D C6    1 
ATOM   647 O  O6    . DG  D 4 5  ? 3.375   -7.793  10.843  1.00 106.66 ? 6   DG  D O6    1 
ATOM   648 N  N1    . DG  D 4 5  ? 2.313   -5.777  11.013  1.00 109.72 ? 6   DG  D N1    1 
ATOM   649 C  C2    . DG  D 4 5  ? 1.331   -4.943  11.509  1.00 108.95 ? 6   DG  D C2    1 
ATOM   650 N  N2    . DG  D 4 5  ? 1.353   -3.675  11.074  1.00 107.49 ? 6   DG  D N2    1 
ATOM   651 N  N3    . DG  D 4 5  ? 0.395   -5.327  12.371  1.00 103.22 ? 6   DG  D N3    1 
ATOM   652 C  C4    . DG  D 4 5  ? 0.524   -6.635  12.701  1.00 102.94 ? 6   DG  D C4    1 
ATOM   653 P  P     . DT  D 4 6  ? -5.996  -6.303  12.818  1.00 140.39 ? 7   DT  D P     1 
ATOM   654 O  OP1   . DT  D 4 6  ? -7.212  -5.583  13.270  1.00 122.14 ? 7   DT  D OP1   1 
ATOM   655 O  OP2   . DT  D 4 6  ? -6.108  -7.692  12.308  1.00 132.76 ? 7   DT  D OP2   1 
ATOM   656 O  "O5'" . DT  D 4 6  ? -5.258  -5.423  11.705  1.00 123.51 ? 7   DT  D "O5'" 1 
ATOM   657 C  "C5'" . DT  D 4 6  ? -4.831  -4.102  12.012  1.00 114.25 ? 7   DT  D "C5'" 1 
ATOM   658 C  "C4'" . DT  D 4 6  ? -4.169  -3.468  10.807  1.00 115.63 ? 7   DT  D "C4'" 1 
ATOM   659 O  "O4'" . DT  D 4 6  ? -2.861  -4.057  10.602  1.00 113.59 ? 7   DT  D "O4'" 1 
ATOM   660 C  "C3'" . DT  D 4 6  ? -4.933  -3.654  9.496   1.00 114.07 ? 7   DT  D "C3'" 1 
ATOM   661 O  "O3'" . DT  D 4 6  ? -5.085  -2.408  8.849   1.00 117.98 ? 7   DT  D "O3'" 1 
ATOM   662 C  "C2'" . DT  D 4 6  ? -4.057  -4.612  8.687   1.00 104.54 ? 7   DT  D "C2'" 1 
ATOM   663 C  "C1'" . DT  D 4 6  ? -2.676  -4.310  9.233   1.00 101.15 ? 7   DT  D "C1'" 1 
ATOM   664 N  N1    . DT  D 4 6  ? -1.714  -5.441  9.098   1.00 97.04  ? 7   DT  D N1    1 
ATOM   665 C  C2    . DT  D 4 6  ? -0.546  -5.243  8.402   1.00 100.44 ? 7   DT  D C2    1 
ATOM   666 O  O2    . DT  D 4 6  ? -0.255  -4.182  7.885   1.00 105.76 ? 7   DT  D O2    1 
ATOM   667 N  N3    . DT  D 4 6  ? 0.279   -6.336  8.336   1.00 99.67  ? 7   DT  D N3    1 
ATOM   668 C  C4    . DT  D 4 6  ? 0.054   -7.584  8.887   1.00 101.27 ? 7   DT  D C4    1 
ATOM   669 O  O4    . DT  D 4 6  ? 0.854   -8.509  8.774   1.00 99.21  ? 7   DT  D O4    1 
ATOM   670 C  C5    . DT  D 4 6  ? -1.193  -7.726  9.603   1.00 97.35  ? 7   DT  D C5    1 
ATOM   671 C  C7    . DT  D 4 6  ? -1.541  -9.036  10.240  1.00 105.01 ? 7   DT  D C7    1 
ATOM   672 C  C6    . DT  D 4 6  ? -2.010  -6.661  9.674   1.00 95.57  ? 7   DT  D C6    1 
ATOM   673 P  P     . DC  D 4 7  ? -6.042  -2.284  7.569   1.00 120.19 ? 8   DC  D P     1 
ATOM   674 O  OP1   . DC  D 4 7  ? -6.791  -1.004  7.653   1.00 107.87 ? 8   DC  D OP1   1 
ATOM   675 O  OP2   . DC  D 4 7  ? -6.796  -3.549  7.460   1.00 124.19 ? 8   DC  D OP2   1 
ATOM   676 O  "O5'" . DC  D 4 7  ? -5.011  -2.253  6.347   1.00 114.42 ? 8   DC  D "O5'" 1 
ATOM   677 C  "C5'" . DC  D 4 7  ? -4.087  -1.182  6.223   1.00 101.64 ? 8   DC  D "C5'" 1 
ATOM   678 C  "C4'" . DC  D 4 7  ? -3.142  -1.422  5.058   1.00 109.43 ? 8   DC  D "C4'" 1 
ATOM   679 O  "O4'" . DC  D 4 7  ? -2.315  -2.583  5.330   1.00 104.98 ? 8   DC  D "O4'" 1 
ATOM   680 C  "C3'" . DC  D 4 7  ? -3.819  -1.686  3.706   1.00 107.43 ? 8   DC  D "C3'" 1 
ATOM   681 O  "O3'" . DC  D 4 7  ? -3.215  -0.866  2.703   1.00 109.99 ? 8   DC  D "O3'" 1 
ATOM   682 C  "C2'" . DC  D 4 7  ? -3.564  -3.180  3.456   1.00 101.67 ? 8   DC  D "C2'" 1 
ATOM   683 C  "C1'" . DC  D 4 7  ? -2.239  -3.380  4.170   1.00 98.41  ? 8   DC  D "C1'" 1 
ATOM   684 N  N1    . DC  D 4 7  ? -1.950  -4.789  4.592   1.00 88.10  ? 8   DC  D N1    1 
ATOM   685 C  C2    . DC  D 4 7  ? -0.750  -5.389  4.199   1.00 97.38  ? 8   DC  D C2    1 
ATOM   686 O  O2    . DC  D 4 7  ? 0.038   -4.754  3.485   1.00 100.87 ? 8   DC  D O2    1 
ATOM   687 N  N3    . DC  D 4 7  ? -0.483  -6.656  4.603   1.00 97.24  ? 8   DC  D N3    1 
ATOM   688 C  C4    . DC  D 4 7  ? -1.354  -7.311  5.368   1.00 100.03 ? 8   DC  D C4    1 
ATOM   689 N  N4    . DC  D 4 7  ? -1.045  -8.561  5.741   1.00 103.47 ? 8   DC  D N4    1 
ATOM   690 C  C5    . DC  D 4 7  ? -2.579  -6.712  5.788   1.00 92.51  ? 8   DC  D C5    1 
ATOM   691 C  C6    . DC  D 4 7  ? -2.832  -5.461  5.384   1.00 90.49  ? 8   DC  D C6    1 
ATOM   692 P  P     . DC  D 4 8  ? -3.826  -0.809  1.219   1.00 105.40 ? 9   DC  D P     1 
ATOM   693 O  OP1   . DC  D 4 8  ? -3.489  0.505   0.620   1.00 93.92  ? 9   DC  D OP1   1 
ATOM   694 O  OP2   . DC  D 4 8  ? -5.239  -1.238  1.310   1.00 96.81  ? 9   DC  D OP2   1 
ATOM   695 O  "O5'" . DC  D 4 8  ? -2.988  -1.913  0.429   1.00 89.62  ? 9   DC  D "O5'" 1 
ATOM   696 C  "C5'" . DC  D 4 8  ? -1.699  -1.585  -0.065  1.00 100.68 ? 9   DC  D "C5'" 1 
ATOM   697 C  "C4'" . DC  D 4 8  ? -1.134  -2.725  -0.884  1.00 99.07  ? 9   DC  D "C4'" 1 
ATOM   698 O  "O4'" . DC  D 4 8  ? -0.959  -3.900  -0.042  1.00 95.60  ? 9   DC  D "O4'" 1 
ATOM   699 C  "C3'" . DC  D 4 8  ? -2.019  -3.175  -2.043  1.00 92.02  ? 9   DC  D "C3'" 1 
ATOM   700 O  "O3'" . DC  D 4 8  ? -1.228  -3.354  -3.201  1.00 99.53  ? 9   DC  D "O3'" 1 
ATOM   701 C  "C2'" . DC  D 4 8  ? -2.579  -4.506  -1.549  1.00 94.59  ? 9   DC  D "C2'" 1 
ATOM   702 C  "C1'" . DC  D 4 8  ? -1.403  -5.020  -0.751  1.00 81.02  ? 9   DC  D "C1'" 1 
ATOM   703 N  N1    . DC  D 4 8  ? -1.757  -6.085  0.204   1.00 79.20  ? 9   DC  D N1    1 
ATOM   704 C  C2    . DC  D 4 8  ? -0.864  -7.137  0.426   1.00 90.86  ? 9   DC  D C2    1 
ATOM   705 O  O2    . DC  D 4 8  ? 0.215   -7.151  -0.186  1.00 91.57  ? 9   DC  D O2    1 
ATOM   706 N  N3    . DC  D 4 8  ? -1.205  -8.113  1.306   1.00 85.69  ? 9   DC  D N3    1 
ATOM   707 C  C4    . DC  D 4 8  ? -2.371  -8.051  1.947   1.00 83.42  ? 9   DC  D C4    1 
ATOM   708 N  N4    . DC  D 4 8  ? -2.665  -9.028  2.804   1.00 94.37  ? 9   DC  D N4    1 
ATOM   709 C  C5    . DC  D 4 8  ? -3.291  -6.985  1.736   1.00 78.81  ? 9   DC  D C5    1 
ATOM   710 C  C6    . DC  D 4 8  ? -2.947  -6.034  0.863   1.00 81.02  ? 9   DC  D C6    1 
ATOM   711 P  P     . DG  D 4 9  ? -0.835  -2.087  -4.098  1.00 101.75 ? 10  DG  D P     1 
ATOM   712 O  OP1   . DG  D 4 9  ? 0.623   -1.911  -3.935  1.00 88.67  ? 10  DG  D OP1   1 
ATOM   713 O  OP2   . DG  D 4 9  ? -1.807  -1.017  -3.785  1.00 88.80  ? 10  DG  D OP2   1 
ATOM   714 O  "O5'" . DG  D 4 9  ? -1.119  -2.546  -5.608  1.00 108.25 ? 10  DG  D "O5'" 1 
ATOM   715 C  "C5'" . DG  D 4 9  ? -2.333  -3.195  -5.936  1.00 98.97  ? 10  DG  D "C5'" 1 
ATOM   716 C  "C4'" . DG  D 4 9  ? -3.221  -2.328  -6.822  1.00 102.06 ? 10  DG  D "C4'" 1 
ATOM   717 O  "O4'" . DG  D 4 9  ? -4.213  -1.665  -6.022  1.00 99.16  ? 10  DG  D "O4'" 1 
ATOM   718 C  "C3'" . DG  D 4 9  ? -2.535  -1.202  -7.558  1.00 103.22 ? 10  DG  D "C3'" 1 
ATOM   719 O  "O3'" . DG  D 4 9  ? -1.959  -1.705  -8.768  1.00 110.94 ? 10  DG  D "O3'" 1 
ATOM   720 C  "C2'" . DG  D 4 9  ? -3.701  -0.232  -7.838  1.00 95.45  ? 10  DG  D "C2'" 1 
ATOM   721 C  "C1'" . DG  D 4 9  ? -4.734  -0.576  -6.748  1.00 88.98  ? 10  DG  D "C1'" 1 
ATOM   722 N  N9    . DG  D 4 9  ? -4.978  0.496   -5.793  1.00 88.39  ? 10  DG  D N9    1 
ATOM   723 C  C8    . DG  D 4 9  ? -4.638  0.490   -4.463  1.00 97.27  ? 10  DG  D C8    1 
ATOM   724 N  N7    . DG  D 4 9  ? -4.968  1.581   -3.830  1.00 88.78  ? 10  DG  D N7    1 
ATOM   725 C  C5    . DG  D 4 9  ? -5.567  2.365   -4.803  1.00 90.35  ? 10  DG  D C5    1 
ATOM   726 C  C6    . DG  D 4 9  ? -6.121  3.662   -4.704  1.00 93.90  ? 10  DG  D C6    1 
ATOM   727 O  O6    . DG  D 4 9  ? -6.189  4.393   -3.703  1.00 89.33  ? 10  DG  D O6    1 
ATOM   728 N  N1    . DG  D 4 9  ? -6.630  4.096   -5.925  1.00 97.27  ? 10  DG  D N1    1 
ATOM   729 C  C2    . DG  D 4 9  ? -6.602  3.367   -7.093  1.00 101.53 ? 10  DG  D C2    1 
ATOM   730 N  N2    . DG  D 4 9  ? -7.144  3.953   -8.174  1.00 106.09 ? 10  DG  D N2    1 
ATOM   731 N  N3    . DG  D 4 9  ? -6.081  2.145   -7.200  1.00 88.15  ? 10  DG  D N3    1 
ATOM   732 C  C4    . DG  D 4 9  ? -5.586  1.710   -6.018  1.00 86.13  ? 10  DG  D C4    1 
ATOM   733 P  P     . DT  D 4 10 ? -0.860  -0.850  -9.575  1.00 112.70 ? 11  DT  D P     1 
ATOM   734 O  OP1   . DT  D 4 10 ? -0.426  -1.669  -10.735 1.00 89.24  ? 11  DT  D OP1   1 
ATOM   735 O  OP2   . DT  D 4 10 ? 0.146   -0.336  -8.616  1.00 96.02  ? 11  DT  D OP2   1 
ATOM   736 O  "O5'" . DT  D 4 10 ? -1.684  0.392   -10.149 1.00 89.38  ? 11  DT  D "O5'" 1 
ATOM   737 C  "C5'" . DT  D 4 10 ? -2.443  0.220   -11.333 1.00 94.28  ? 11  DT  D "C5'" 1 
ATOM   738 C  "C4'" . DT  D 4 10 ? -3.165  1.496   -11.690 1.00 98.62  ? 11  DT  D "C4'" 1 
ATOM   739 O  "O4'" . DT  D 4 10 ? -3.679  2.094   -10.480 1.00 91.25  ? 11  DT  D "O4'" 1 
ATOM   740 C  "C3'" . DT  D 4 10 ? -2.290  2.562   -12.350 1.00 109.82 ? 11  DT  D "C3'" 1 
ATOM   741 O  "O3'" . DT  D 4 10 ? -2.986  3.158   -13.435 1.00 123.87 ? 11  DT  D "O3'" 1 
ATOM   742 C  "C2'" . DT  D 4 10 ? -2.046  3.565   -11.227 1.00 110.71 ? 11  DT  D "C2'" 1 
ATOM   743 C  "C1'" . DT  D 4 10 ? -3.328  3.451   -10.434 1.00 93.74  ? 11  DT  D "C1'" 1 
ATOM   744 N  N1    . DT  D 4 10 ? -3.177  3.827   -9.018  1.00 93.25  ? 11  DT  D N1    1 
ATOM   745 C  C2    . DT  D 4 10 ? -3.749  4.994   -8.574  1.00 99.36  ? 11  DT  D C2    1 
ATOM   746 O  O2    . DT  D 4 10 ? -4.372  5.745   -9.299  1.00 108.59 ? 11  DT  D O2    1 
ATOM   747 N  N3    . DT  D 4 10 ? -3.566  5.256   -7.247  1.00 94.85  ? 11  DT  D N3    1 
ATOM   748 C  C4    . DT  D 4 10 ? -2.882  4.482   -6.332  1.00 93.58  ? 11  DT  D C4    1 
ATOM   749 O  O4    . DT  D 4 10 ? -2.770  4.803   -5.153  1.00 93.82  ? 11  DT  D O4    1 
ATOM   750 C  C5    . DT  D 4 10 ? -2.304  3.270   -6.861  1.00 94.81  ? 11  DT  D C5    1 
ATOM   751 C  C7    . DT  D 4 10 ? -1.536  2.355   -5.953  1.00 96.44  ? 11  DT  D C7    1 
ATOM   752 C  C6    . DT  D 4 10 ? -2.477  3.002   -8.168  1.00 89.15  ? 11  DT  D C6    1 
ATOM   753 P  P     . DG  D 4 11 ? -2.229  4.182   -14.415 1.00 126.90 ? 12  DG  D P     1 
ATOM   754 O  OP1   . DG  D 4 11 ? -2.855  4.071   -15.754 1.00 115.85 ? 12  DG  D OP1   1 
ATOM   755 O  OP2   . DG  D 4 11 ? -0.774  3.951   -14.262 1.00 119.62 ? 12  DG  D OP2   1 
ATOM   756 O  "O5'" . DG  D 4 11 ? -2.576  5.619   -13.805 1.00 109.22 ? 12  DG  D "O5'" 1 
ATOM   757 C  "C5'" . DG  D 4 11 ? -3.732  6.302   -14.242 1.00 98.00  ? 12  DG  D "C5'" 1 
ATOM   758 C  "C4'" . DG  D 4 11 ? -3.925  7.575   -13.449 1.00 116.01 ? 12  DG  D "C4'" 1 
ATOM   759 O  "O4'" . DG  D 4 11 ? -3.656  7.324   -12.054 1.00 107.01 ? 12  DG  D "O4'" 1 
ATOM   760 C  "C3'" . DG  D 4 11 ? -3.013  8.732   -13.855 1.00 128.81 ? 12  DG  D "C3'" 1 
ATOM   761 O  "O3'" . DG  D 4 11 ? -3.812  9.832   -14.256 1.00 138.30 ? 12  DG  D "O3'" 1 
ATOM   762 C  "C2'" . DG  D 4 11 ? -2.201  9.039   -12.582 1.00 125.07 ? 12  DG  D "C2'" 1 
ATOM   763 C  "C1'" . DG  D 4 11 ? -3.096  8.476   -11.496 1.00 112.48 ? 12  DG  D "C1'" 1 
ATOM   764 N  N9    . DG  D 4 11 ? -2.397  8.084   -10.278 1.00 114.07 ? 12  DG  D N9    1 
ATOM   765 C  C8    . DG  D 4 11 ? -1.525  7.031   -10.124 1.00 112.59 ? 12  DG  D C8    1 
ATOM   766 N  N7    . DG  D 4 11 ? -1.073  6.907   -8.904  1.00 112.74 ? 12  DG  D N7    1 
ATOM   767 C  C5    . DG  D 4 11 ? -1.693  7.934   -8.204  1.00 111.53 ? 12  DG  D C5    1 
ATOM   768 C  C6    . DG  D 4 11 ? -1.592  8.298   -6.839  1.00 113.85 ? 12  DG  D C6    1 
ATOM   769 O  O6    . DG  D 4 11 ? -0.907  7.765   -5.953  1.00 114.34 ? 12  DG  D O6    1 
ATOM   770 N  N1    . DG  D 4 11 ? -2.389  9.400   -6.536  1.00 111.98 ? 12  DG  D N1    1 
ATOM   771 C  C2    . DG  D 4 11 ? -3.174  10.072  -7.444  1.00 113.18 ? 12  DG  D C2    1 
ATOM   772 N  N2    . DG  D 4 11 ? -3.877  11.110  -6.965  1.00 108.23 ? 12  DG  D N2    1 
ATOM   773 N  N3    . DG  D 4 11 ? -3.284  9.736   -8.725  1.00 112.94 ? 12  DG  D N3    1 
ATOM   774 C  C4    . DG  D 4 11 ? -2.515  8.664   -9.035  1.00 113.14 ? 12  DG  D C4    1 
ATOM   775 P  P     . DT  D 4 12 ? -3.143  11.126  -14.931 1.00 151.25 ? 13  DT  D P     1 
ATOM   776 O  OP1   . DT  D 4 12 ? -4.149  11.703  -15.853 1.00 142.24 ? 13  DT  D OP1   1 
ATOM   777 O  OP2   . DT  D 4 12 ? -1.810  10.749  -15.460 1.00 131.82 ? 13  DT  D OP2   1 
ATOM   778 O  "O5'" . DT  D 4 12 ? -2.951  12.114  -13.691 1.00 130.96 ? 13  DT  D "O5'" 1 
ATOM   779 C  "C5'" . DT  D 4 12 ? -4.007  12.268  -12.763 1.00 123.90 ? 13  DT  D "C5'" 1 
ATOM   780 C  "C4'" . DT  D 4 12 ? -3.618  13.236  -11.669 1.00 133.42 ? 13  DT  D "C4'" 1 
ATOM   781 O  "O4'" . DT  D 4 12 ? -3.016  12.514  -10.565 1.00 134.92 ? 13  DT  D "O4'" 1 
ATOM   782 C  "C3'" . DT  D 4 12 ? -2.595  14.305  -12.080 1.00 144.20 ? 13  DT  D "C3'" 1 
ATOM   783 O  "O3'" . DT  D 4 12 ? -3.057  15.597  -11.685 1.00 155.48 ? 13  DT  D "O3'" 1 
ATOM   784 C  "C2'" . DT  D 4 12 ? -1.342  13.904  -11.303 1.00 138.90 ? 13  DT  D "C2'" 1 
ATOM   785 C  "C1'" . DT  D 4 12 ? -1.969  13.299  -10.066 1.00 135.28 ? 13  DT  D "C1'" 1 
ATOM   786 N  N1    . DT  D 4 12 ? -1.047  12.448  -9.272  1.00 134.66 ? 13  DT  D N1    1 
ATOM   787 C  C2    . DT  D 4 12 ? -1.017  12.589  -7.900  1.00 133.47 ? 13  DT  D C2    1 
ATOM   788 O  O2    . DT  D 4 12 ? -1.726  13.377  -7.292  1.00 134.34 ? 13  DT  D O2    1 
ATOM   789 N  N3    . DT  D 4 12 ? -0.128  11.767  -7.258  1.00 126.17 ? 13  DT  D N3    1 
ATOM   790 C  C4    . DT  D 4 12 ? 0.718   10.839  -7.840  1.00 125.48 ? 13  DT  D C4    1 
ATOM   791 O  O4    . DT  D 4 12 ? 1.482   10.143  -7.178  1.00 121.58 ? 13  DT  D O4    1 
ATOM   792 C  C5    . DT  D 4 12 ? 0.641   10.746  -9.283  1.00 126.89 ? 13  DT  D C5    1 
ATOM   793 C  C7    . DT  D 4 12 ? 1.511   9.777   -10.025 1.00 124.08 ? 13  DT  D C7    1 
ATOM   794 C  C6    . DT  D 4 12 ? -0.228  11.547  -9.921  1.00 129.18 ? 13  DT  D C6    1 
ATOM   795 P  P     . DC  D 4 13 ? -2.544  16.913  -12.453 1.00 162.31 ? 14  DC  D P     1 
ATOM   796 O  OP1   . DC  D 4 13 ? -3.280  18.074  -11.893 1.00 144.36 ? 14  DC  D OP1   1 
ATOM   797 O  OP2   . DC  D 4 13 ? -2.594  16.621  -13.907 1.00 156.41 ? 14  DC  D OP2   1 
ATOM   798 O  "O5'" . DC  D 4 13 ? -0.998  17.017  -12.051 1.00 150.66 ? 14  DC  D "O5'" 1 
ATOM   799 C  "C5'" . DC  D 4 13 ? -0.494  18.197  -11.437 1.00 153.39 ? 14  DC  D "C5'" 1 
ATOM   800 C  "C4'" . DC  D 4 13 ? -0.848  18.239  -9.956  1.00 155.60 ? 14  DC  D "C4'" 1 
ATOM   801 O  "O4'" . DC  D 4 13 ? -0.896  16.895  -9.425  1.00 151.71 ? 14  DC  D "O4'" 1 
ATOM   802 C  "C3'" . DC  D 4 13 ? 0.145   19.000  -9.097  1.00 160.28 ? 14  DC  D "C3'" 1 
ATOM   803 O  "O3'" . DC  D 4 13 ? -0.286  20.342  -8.961  1.00 169.20 ? 14  DC  D "O3'" 1 
ATOM   804 C  "C2'" . DC  D 4 13 ? 0.114   18.264  -7.756  1.00 151.81 ? 14  DC  D "C2'" 1 
ATOM   805 C  "C1'" . DC  D 4 13 ? -0.291  16.843  -8.144  1.00 147.67 ? 14  DC  D "C1'" 1 
ATOM   806 N  N1    . DC  D 4 13 ? 0.841   15.851  -8.192  1.00 145.98 ? 14  DC  D N1    1 
ATOM   807 C  C2    . DC  D 4 13 ? 1.436   15.410  -7.001  1.00 141.25 ? 14  DC  D C2    1 
ATOM   808 O  O2    . DC  D 4 13 ? 1.040   15.868  -5.920  1.00 139.66 ? 14  DC  D O2    1 
ATOM   809 N  N3    . DC  D 4 13 ? 2.441   14.497  -7.068  1.00 135.05 ? 14  DC  D N3    1 
ATOM   810 C  C4    . DC  D 4 13 ? 2.840   14.025  -8.253  1.00 136.65 ? 14  DC  D C4    1 
ATOM   811 N  N4    . DC  D 4 13 ? 3.833   13.126  -8.266  1.00 132.39 ? 14  DC  D N4    1 
ATOM   812 C  C5    . DC  D 4 13 ? 2.240   14.455  -9.474  1.00 138.70 ? 14  DC  D C5    1 
ATOM   813 C  C6    . DC  D 4 13 ? 1.252   15.355  -9.397  1.00 142.54 ? 14  DC  D C6    1 
ATOM   814 P  P     . DG  D 4 14 ? 0.772   21.541  -9.070  1.00 172.65 ? 15  DG  D P     1 
ATOM   815 O  OP1   . DG  D 4 14 ? 0.030   22.751  -9.487  1.00 169.88 ? 15  DG  D OP1   1 
ATOM   816 O  OP2   . DG  D 4 14 ? 1.915   21.061  -9.883  1.00 163.34 ? 15  DG  D OP2   1 
ATOM   817 O  "O5'" . DG  D 4 14 ? 1.256   21.750  -7.563  1.00 149.98 ? 15  DG  D "O5'" 1 
ATOM   818 C  "C5'" . DG  D 4 14 ? 2.637   21.769  -7.271  1.00 150.84 ? 15  DG  D "C5'" 1 
ATOM   819 C  "C4'" . DG  D 4 14 ? 2.894   21.242  -5.875  1.00 155.11 ? 15  DG  D "C4'" 1 
ATOM   820 O  "O4'" . DG  D 4 14 ? 2.398   19.879  -5.772  1.00 149.03 ? 15  DG  D "O4'" 1 
ATOM   821 C  "C3'" . DG  D 4 14 ? 4.364   21.170  -5.473  1.00 150.65 ? 15  DG  D "C3'" 1 
ATOM   822 O  "O3'" . DG  D 4 14 ? 4.818   22.414  -4.859  1.00 151.37 ? 15  DG  D "O3'" 1 
ATOM   823 C  "C2'" . DG  D 4 14 ? 4.388   19.979  -4.526  1.00 145.72 ? 15  DG  D "C2'" 1 
ATOM   824 C  "C1'" . DG  D 4 14 ? 3.404   19.047  -5.222  1.00 147.93 ? 15  DG  D "C1'" 1 
ATOM   825 N  N9    . DG  D 4 14 ? 3.993   18.254  -6.309  1.00 145.66 ? 15  DG  D N9    1 
ATOM   826 C  C8    . DG  D 4 14 ? 3.742   18.383  -7.657  1.00 147.01 ? 15  DG  D C8    1 
ATOM   827 N  N7    . DG  D 4 14 ? 4.402   17.532  -8.397  1.00 142.07 ? 15  DG  D N7    1 
ATOM   828 C  C5    . DG  D 4 14 ? 5.134   16.783  -7.484  1.00 139.59 ? 15  DG  D C5    1 
ATOM   829 C  C6    . DG  D 4 14 ? 6.032   15.709  -7.698  1.00 135.53 ? 15  DG  D C6    1 
ATOM   830 O  O6    . DG  D 4 14 ? 6.370   15.189  -8.773  1.00 132.84 ? 15  DG  D O6    1 
ATOM   831 N  N1    . DG  D 4 14 ? 6.560   15.234  -6.499  1.00 131.01 ? 15  DG  D N1    1 
ATOM   832 C  C2    . DG  D 4 14 ? 6.260   15.735  -5.250  1.00 129.52 ? 15  DG  D C2    1 
ATOM   833 N  N2    . DG  D 4 14 ? 6.872   15.143  -4.214  1.00 122.97 ? 15  DG  D N2    1 
ATOM   834 N  N3    . DG  D 4 14 ? 5.421   16.743  -5.034  1.00 127.61 ? 15  DG  D N3    1 
ATOM   835 C  C4    . DG  D 4 14 ? 4.894   17.217  -6.191  1.00 137.43 ? 15  DG  D C4    1 
ATOM   836 P  P     . DT  D 4 15 ? 4.240   22.966  -3.455  1.00 166.59 ? 16  DT  D P     1 
ATOM   837 O  OP1   . DT  D 4 15 ? 2.773   22.796  -3.372  1.00 165.42 ? 16  DT  D OP1   1 
ATOM   838 O  OP2   . DT  D 4 15 ? 4.811   24.322  -3.297  1.00 160.83 ? 16  DT  D OP2   1 
ATOM   839 O  "O5'" . DT  D 4 15 ? 4.937   22.051  -2.345  1.00 154.44 ? 16  DT  D "O5'" 1 
ATOM   840 C  "C5'" . DT  D 4 15 ? 6.237   22.372  -1.876  1.00 145.10 ? 16  DT  D "C5'" 1 
ATOM   841 C  "C4'" . DT  D 4 15 ? 6.994   21.112  -1.510  1.00 151.22 ? 16  DT  D "C4'" 1 
ATOM   842 O  "O4'" . DT  D 4 15 ? 6.967   20.188  -2.628  1.00 150.15 ? 16  DT  D "O4'" 1 
ATOM   843 C  "C3'" . DT  D 4 15 ? 8.471   21.325  -1.160  1.00 150.07 ? 16  DT  D "C3'" 1 
ATOM   844 O  "O3'" . DT  D 4 15 ? 8.771   20.703  0.090   1.00 147.11 ? 16  DT  D "O3'" 1 
ATOM   845 C  "C2'" . DT  D 4 15 ? 9.227   20.666  -2.323  1.00 142.15 ? 16  DT  D "C2'" 1 
ATOM   846 C  "C1'" . DT  D 4 15 ? 8.238   19.611  -2.785  1.00 138.57 ? 16  DT  D "C1'" 1 
ATOM   847 N  N1    . DT  D 4 15 ? 8.399   19.207  -4.213  1.00 137.43 ? 16  DT  D N1    1 
ATOM   848 C  C2    . DT  D 4 15 ? 9.165   18.108  -4.515  1.00 140.00 ? 16  DT  D C2    1 
ATOM   849 O  O2    . DT  D 4 15 ? 9.736   17.443  -3.670  1.00 145.02 ? 16  DT  D O2    1 
ATOM   850 N  N3    . DT  D 4 15 ? 9.244   17.809  -5.854  1.00 134.23 ? 16  DT  D N3    1 
ATOM   851 C  C4    . DT  D 4 15 ? 8.639   18.485  -6.899  1.00 134.57 ? 16  DT  D C4    1 
ATOM   852 O  O4    . DT  D 4 15 ? 8.769   18.138  -8.072  1.00 131.47 ? 16  DT  D O4    1 
ATOM   853 C  C5    . DT  D 4 15 ? 7.846   19.628  -6.515  1.00 138.50 ? 16  DT  D C5    1 
ATOM   854 C  C7    . DT  D 4 15 ? 7.149   20.441  -7.565  1.00 139.05 ? 16  DT  D C7    1 
ATOM   855 C  C6    . DT  D 4 15 ? 7.765   19.933  -5.206  1.00 139.78 ? 16  DT  D C6    1 
HETATM 856 AS AS    . CAC E 5 .  ? -0.144  -21.210 0.103   1.00 219.53 ? 101 CAC B AS    1 
# 
loop_
_pdbx_poly_seq_scheme.asym_id 
_pdbx_poly_seq_scheme.entity_id 
_pdbx_poly_seq_scheme.seq_id 
_pdbx_poly_seq_scheme.mon_id 
_pdbx_poly_seq_scheme.ndb_seq_num 
_pdbx_poly_seq_scheme.pdb_seq_num 
_pdbx_poly_seq_scheme.auth_seq_num 
_pdbx_poly_seq_scheme.pdb_mon_id 
_pdbx_poly_seq_scheme.auth_mon_id 
_pdbx_poly_seq_scheme.pdb_strand_id 
_pdbx_poly_seq_scheme.pdb_ins_code 
_pdbx_poly_seq_scheme.hetero 
A 1 1  DG 1  1  1  DG DG A . n 
A 1 2  DA 2  2  2  DA DA A . n 
A 1 3  DA 3  3  3  DA DA A . n 
A 1 4  DC 4  4  4  DC DC A . n 
A 1 5  DG 5  5  5  DG DG A . n 
A 1 6  DA 6  6  6  DA DA A . n 
A 1 7  DC 7  7  7  DC DC A . n 
A 1 8  DA 8  8  8  DA DA A . n 
A 1 9  DC 9  9  9  DC DC A . n 
A 1 10 DT 10 10 10 DT DT A . n 
A 1 11 DG 11 11 11 DG DG A . n 
A 1 12 DA 12 12 12 DA DA A . n 
B 2 1  DC 1  12 12 DC DC B . n 
B 2 2  DG 2  13 13 DG DG B . n 
B 2 3  DG 3  14 14 DG DG B . n 
B 2 4  DG 4  15 15 DG DG B . n 
B 2 5  DG 5  16 16 DG DG B . n 
B 2 6  DA 6  17 17 DA DA B . n 
B 2 7  DC 7  18 18 DC DC B . n 
B 2 8  DT 8  19 19 DT DT B . n 
B 2 9  DC 9  20 20 DC DC B . n 
C 3 1  DT 1  0  0  DT DT C . n 
C 3 2  DC 2  1  1  DC DC C . n 
C 3 3  DA 3  2  2  DA DA C . n 
C 3 4  DC 4  3  3  DC DC C . n 
C 3 5  DC 5  4  4  DC DC C . n 
C 3 6  DG 6  5  5  DG DG C . n 
D 4 1  DT 1  2  2  DT DT D . n 
D 4 2  DC 2  3  3  DC DC D . n 
D 4 3  DG 3  4  4  DG DG D . n 
D 4 4  DA 4  5  5  DA DA D . n 
D 4 5  DG 5  6  6  DG DG D . n 
D 4 6  DT 6  7  7  DT DT D . n 
D 4 7  DC 7  8  8  DC DC D . n 
D 4 8  DC 8  9  9  DC DC D . n 
D 4 9  DG 9  10 10 DG DG D . n 
D 4 10 DT 10 11 11 DT DT D . n 
D 4 11 DG 11 12 12 DG DG D . n 
D 4 12 DT 12 13 13 DT DT D . n 
D 4 13 DC 13 14 14 DC DC D . n 
D 4 14 DG 14 15 15 DG DG D . n 
D 4 15 DT 15 16 16 DT DT D . n 
# 
_pdbx_nonpoly_scheme.asym_id         E 
_pdbx_nonpoly_scheme.entity_id       5 
_pdbx_nonpoly_scheme.mon_id          CAC 
_pdbx_nonpoly_scheme.ndb_seq_num     1 
_pdbx_nonpoly_scheme.pdb_seq_num     101 
_pdbx_nonpoly_scheme.auth_seq_num    1 
_pdbx_nonpoly_scheme.pdb_mon_id      CAC 
_pdbx_nonpoly_scheme.auth_mon_id     AS 
_pdbx_nonpoly_scheme.pdb_strand_id   B 
_pdbx_nonpoly_scheme.pdb_ins_code    . 
# 
_pdbx_struct_assembly.id                   1 
_pdbx_struct_assembly.details              author_and_software_defined_assembly 
_pdbx_struct_assembly.method_details       PISA 
_pdbx_struct_assembly.oligomeric_details   tetrameric 
_pdbx_struct_assembly.oligomeric_count     4 
# 
_pdbx_struct_assembly_gen.assembly_id       1 
_pdbx_struct_assembly_gen.oper_expression   1 
_pdbx_struct_assembly_gen.asym_id_list      A,B,C,D,E 
# 
loop_
_pdbx_struct_assembly_prop.biol_id 
_pdbx_struct_assembly_prop.type 
_pdbx_struct_assembly_prop.value 
_pdbx_struct_assembly_prop.details 
1 'ABSA (A^2)' 2460 ? 
1 MORE         -8   ? 
1 'SSA (A^2)'  8000 ? 
# 
_pdbx_struct_oper_list.id                   1 
_pdbx_struct_oper_list.type                 'identity operation' 
_pdbx_struct_oper_list.name                 1_555 
_pdbx_struct_oper_list.symmetry_operation   x,y,z 
_pdbx_struct_oper_list.matrix[1][1]         1.0000000000 
_pdbx_struct_oper_list.matrix[1][2]         0.0000000000 
_pdbx_struct_oper_list.matrix[1][3]         0.0000000000 
_pdbx_struct_oper_list.vector[1]            0.0000000000 
_pdbx_struct_oper_list.matrix[2][1]         0.0000000000 
_pdbx_struct_oper_list.matrix[2][2]         1.0000000000 
_pdbx_struct_oper_list.matrix[2][3]         0.0000000000 
_pdbx_struct_oper_list.vector[2]            0.0000000000 
_pdbx_struct_oper_list.matrix[3][1]         0.0000000000 
_pdbx_struct_oper_list.matrix[3][2]         0.0000000000 
_pdbx_struct_oper_list.matrix[3][3]         1.0000000000 
_pdbx_struct_oper_list.vector[3]            0.0000000000 
# 
loop_
_pdbx_audit_revision_history.ordinal 
_pdbx_audit_revision_history.data_content_type 
_pdbx_audit_revision_history.major_revision 
_pdbx_audit_revision_history.minor_revision 
_pdbx_audit_revision_history.revision_date 
1 'Structure model' 1 0 2021-07-14 
2 'Structure model' 1 1 2022-07-06 
3 'Structure model' 1 2 2023-10-18 
# 
_pdbx_audit_revision_details.ordinal             1 
_pdbx_audit_revision_details.revision_ordinal    1 
_pdbx_audit_revision_details.data_content_type   'Structure model' 
_pdbx_audit_revision_details.provider            repository 
_pdbx_audit_revision_details.type                'Initial release' 
_pdbx_audit_revision_details.description         ? 
_pdbx_audit_revision_details.details             ? 
# 
loop_
_pdbx_audit_revision_group.ordinal 
_pdbx_audit_revision_group.revision_ordinal 
_pdbx_audit_revision_group.data_content_type 
_pdbx_audit_revision_group.group 
1 2 'Structure model' 'Database references'    
2 3 'Structure model' 'Data collection'        
3 3 'Structure model' 'Refinement description' 
# 
loop_
_pdbx_audit_revision_category.ordinal 
_pdbx_audit_revision_category.revision_ordinal 
_pdbx_audit_revision_category.data_content_type 
_pdbx_audit_revision_category.category 
1 2 'Structure model' citation                      
2 2 'Structure model' citation_author               
3 2 'Structure model' database_2                    
4 3 'Structure model' chem_comp_atom                
5 3 'Structure model' chem_comp_bond                
6 3 'Structure model' pdbx_initial_refinement_model 
# 
loop_
_pdbx_audit_revision_item.ordinal 
_pdbx_audit_revision_item.revision_ordinal 
_pdbx_audit_revision_item.data_content_type 
_pdbx_audit_revision_item.item 
1  2 'Structure model' '_citation.country'                   
2  2 'Structure model' '_citation.journal_abbrev'            
3  2 'Structure model' '_citation.journal_id_CSD'            
4  2 'Structure model' '_citation.journal_id_ISSN'           
5  2 'Structure model' '_citation.journal_volume'            
6  2 'Structure model' '_citation.page_first'                
7  2 'Structure model' '_citation.page_last'                 
8  2 'Structure model' '_citation.pdbx_database_id_DOI'      
9  2 'Structure model' '_citation.pdbx_database_id_PubMed'   
10 2 'Structure model' '_citation.title'                     
11 2 'Structure model' '_citation.year'                      
12 2 'Structure model' '_database_2.pdbx_DOI'                
13 2 'Structure model' '_database_2.pdbx_database_accession' 
# 
loop_
_software.citation_id 
_software.classification 
_software.compiler_name 
_software.compiler_version 
_software.contact_author 
_software.contact_author_email 
_software.date 
_software.description 
_software.dependencies 
_software.hardware 
_software.language 
_software.location 
_software.mods 
_software.name 
_software.os 
_software.os_version 
_software.type 
_software.version 
_software.pdbx_ordinal 
? 'data reduction'  ? ? ? ? ? ? ? ? ? ? ? HKL-2000    ? ? ? .           1 
? 'data scaling'    ? ? ? ? ? ? ? ? ? ? ? HKL-2000    ? ? ? .           2 
? refinement        ? ? ? ? ? ? ? ? ? ? ? PHENIX      ? ? ? 1.11.1_2575 3 
? 'data extraction' ? ? ? ? ? ? ? ? ? ? ? PDB_EXTRACT ? ? ? 3.25        4 
? phasing           ? ? ? ? ? ? ? ? ? ? ? PHASER      ? ? ? .           5 
# 
_pdbx_entry_details.entry_id                 7JI9 
_pdbx_entry_details.has_ligand_of_interest   N 
_pdbx_entry_details.compound_details         ? 
_pdbx_entry_details.source_details           ? 
_pdbx_entry_details.nonpolymer_details       ? 
_pdbx_entry_details.sequence_details         ? 
# 
loop_
_pdbx_unobs_or_zero_occ_atoms.id 
_pdbx_unobs_or_zero_occ_atoms.PDB_model_num 
_pdbx_unobs_or_zero_occ_atoms.polymer_flag 
_pdbx_unobs_or_zero_occ_atoms.occupancy_flag 
_pdbx_unobs_or_zero_occ_atoms.auth_asym_id 
_pdbx_unobs_or_zero_occ_atoms.auth_comp_id 
_pdbx_unobs_or_zero_occ_atoms.auth_seq_id 
_pdbx_unobs_or_zero_occ_atoms.PDB_ins_code 
_pdbx_unobs_or_zero_occ_atoms.auth_atom_id 
_pdbx_unobs_or_zero_occ_atoms.label_alt_id 
_pdbx_unobs_or_zero_occ_atoms.label_asym_id 
_pdbx_unobs_or_zero_occ_atoms.label_comp_id 
_pdbx_unobs_or_zero_occ_atoms.label_seq_id 
_pdbx_unobs_or_zero_occ_atoms.label_atom_id 
1 1 N 1 B CAC 101 ? O1 ? E CAC 1 O1 
2 1 N 1 B CAC 101 ? O2 ? E CAC 1 O2 
3 1 N 1 B CAC 101 ? C1 ? E CAC 1 C1 
4 1 N 1 B CAC 101 ? C2 ? E CAC 1 C2 
# 
loop_
_chem_comp_atom.comp_id 
_chem_comp_atom.atom_id 
_chem_comp_atom.type_symbol 
_chem_comp_atom.pdbx_aromatic_flag 
_chem_comp_atom.pdbx_stereo_config 
_chem_comp_atom.pdbx_ordinal 
CAC AS     AS N N 1   
CAC O1     O  N N 2   
CAC O2     O  N N 3   
CAC C1     C  N N 4   
CAC C2     C  N N 5   
CAC H11    H  N N 6   
CAC H12    H  N N 7   
CAC H13    H  N N 8   
CAC H21    H  N N 9   
CAC H22    H  N N 10  
CAC H23    H  N N 11  
DA  OP3    O  N N 12  
DA  P      P  N N 13  
DA  OP1    O  N N 14  
DA  OP2    O  N N 15  
DA  "O5'"  O  N N 16  
DA  "C5'"  C  N N 17  
DA  "C4'"  C  N R 18  
DA  "O4'"  O  N N 19  
DA  "C3'"  C  N S 20  
DA  "O3'"  O  N N 21  
DA  "C2'"  C  N N 22  
DA  "C1'"  C  N R 23  
DA  N9     N  Y N 24  
DA  C8     C  Y N 25  
DA  N7     N  Y N 26  
DA  C5     C  Y N 27  
DA  C6     C  Y N 28  
DA  N6     N  N N 29  
DA  N1     N  Y N 30  
DA  C2     C  Y N 31  
DA  N3     N  Y N 32  
DA  C4     C  Y N 33  
DA  HOP3   H  N N 34  
DA  HOP2   H  N N 35  
DA  "H5'"  H  N N 36  
DA  "H5''" H  N N 37  
DA  "H4'"  H  N N 38  
DA  "H3'"  H  N N 39  
DA  "HO3'" H  N N 40  
DA  "H2'"  H  N N 41  
DA  "H2''" H  N N 42  
DA  "H1'"  H  N N 43  
DA  H8     H  N N 44  
DA  H61    H  N N 45  
DA  H62    H  N N 46  
DA  H2     H  N N 47  
DC  OP3    O  N N 48  
DC  P      P  N N 49  
DC  OP1    O  N N 50  
DC  OP2    O  N N 51  
DC  "O5'"  O  N N 52  
DC  "C5'"  C  N N 53  
DC  "C4'"  C  N R 54  
DC  "O4'"  O  N N 55  
DC  "C3'"  C  N S 56  
DC  "O3'"  O  N N 57  
DC  "C2'"  C  N N 58  
DC  "C1'"  C  N R 59  
DC  N1     N  N N 60  
DC  C2     C  N N 61  
DC  O2     O  N N 62  
DC  N3     N  N N 63  
DC  C4     C  N N 64  
DC  N4     N  N N 65  
DC  C5     C  N N 66  
DC  C6     C  N N 67  
DC  HOP3   H  N N 68  
DC  HOP2   H  N N 69  
DC  "H5'"  H  N N 70  
DC  "H5''" H  N N 71  
DC  "H4'"  H  N N 72  
DC  "H3'"  H  N N 73  
DC  "HO3'" H  N N 74  
DC  "H2'"  H  N N 75  
DC  "H2''" H  N N 76  
DC  "H1'"  H  N N 77  
DC  H41    H  N N 78  
DC  H42    H  N N 79  
DC  H5     H  N N 80  
DC  H6     H  N N 81  
DG  OP3    O  N N 82  
DG  P      P  N N 83  
DG  OP1    O  N N 84  
DG  OP2    O  N N 85  
DG  "O5'"  O  N N 86  
DG  "C5'"  C  N N 87  
DG  "C4'"  C  N R 88  
DG  "O4'"  O  N N 89  
DG  "C3'"  C  N S 90  
DG  "O3'"  O  N N 91  
DG  "C2'"  C  N N 92  
DG  "C1'"  C  N R 93  
DG  N9     N  Y N 94  
DG  C8     C  Y N 95  
DG  N7     N  Y N 96  
DG  C5     C  Y N 97  
DG  C6     C  N N 98  
DG  O6     O  N N 99  
DG  N1     N  N N 100 
DG  C2     C  N N 101 
DG  N2     N  N N 102 
DG  N3     N  N N 103 
DG  C4     C  Y N 104 
DG  HOP3   H  N N 105 
DG  HOP2   H  N N 106 
DG  "H5'"  H  N N 107 
DG  "H5''" H  N N 108 
DG  "H4'"  H  N N 109 
DG  "H3'"  H  N N 110 
DG  "HO3'" H  N N 111 
DG  "H2'"  H  N N 112 
DG  "H2''" H  N N 113 
DG  "H1'"  H  N N 114 
DG  H8     H  N N 115 
DG  H1     H  N N 116 
DG  H21    H  N N 117 
DG  H22    H  N N 118 
DT  OP3    O  N N 119 
DT  P      P  N N 120 
DT  OP1    O  N N 121 
DT  OP2    O  N N 122 
DT  "O5'"  O  N N 123 
DT  "C5'"  C  N N 124 
DT  "C4'"  C  N R 125 
DT  "O4'"  O  N N 126 
DT  "C3'"  C  N S 127 
DT  "O3'"  O  N N 128 
DT  "C2'"  C  N N 129 
DT  "C1'"  C  N R 130 
DT  N1     N  N N 131 
DT  C2     C  N N 132 
DT  O2     O  N N 133 
DT  N3     N  N N 134 
DT  C4     C  N N 135 
DT  O4     O  N N 136 
DT  C5     C  N N 137 
DT  C7     C  N N 138 
DT  C6     C  N N 139 
DT  HOP3   H  N N 140 
DT  HOP2   H  N N 141 
DT  "H5'"  H  N N 142 
DT  "H5''" H  N N 143 
DT  "H4'"  H  N N 144 
DT  "H3'"  H  N N 145 
DT  "HO3'" H  N N 146 
DT  "H2'"  H  N N 147 
DT  "H2''" H  N N 148 
DT  "H1'"  H  N N 149 
DT  H3     H  N N 150 
DT  H71    H  N N 151 
DT  H72    H  N N 152 
DT  H73    H  N N 153 
DT  H6     H  N N 154 
# 
loop_
_chem_comp_bond.comp_id 
_chem_comp_bond.atom_id_1 
_chem_comp_bond.atom_id_2 
_chem_comp_bond.value_order 
_chem_comp_bond.pdbx_aromatic_flag 
_chem_comp_bond.pdbx_stereo_config 
_chem_comp_bond.pdbx_ordinal 
CAC AS    O1     doub N N 1   
CAC AS    O2     sing N N 2   
CAC AS    C1     sing N N 3   
CAC AS    C2     sing N N 4   
CAC C1    H11    sing N N 5   
CAC C1    H12    sing N N 6   
CAC C1    H13    sing N N 7   
CAC C2    H21    sing N N 8   
CAC C2    H22    sing N N 9   
CAC C2    H23    sing N N 10  
DA  OP3   P      sing N N 11  
DA  OP3   HOP3   sing N N 12  
DA  P     OP1    doub N N 13  
DA  P     OP2    sing N N 14  
DA  P     "O5'"  sing N N 15  
DA  OP2   HOP2   sing N N 16  
DA  "O5'" "C5'"  sing N N 17  
DA  "C5'" "C4'"  sing N N 18  
DA  "C5'" "H5'"  sing N N 19  
DA  "C5'" "H5''" sing N N 20  
DA  "C4'" "O4'"  sing N N 21  
DA  "C4'" "C3'"  sing N N 22  
DA  "C4'" "H4'"  sing N N 23  
DA  "O4'" "C1'"  sing N N 24  
DA  "C3'" "O3'"  sing N N 25  
DA  "C3'" "C2'"  sing N N 26  
DA  "C3'" "H3'"  sing N N 27  
DA  "O3'" "HO3'" sing N N 28  
DA  "C2'" "C1'"  sing N N 29  
DA  "C2'" "H2'"  sing N N 30  
DA  "C2'" "H2''" sing N N 31  
DA  "C1'" N9     sing N N 32  
DA  "C1'" "H1'"  sing N N 33  
DA  N9    C8     sing Y N 34  
DA  N9    C4     sing Y N 35  
DA  C8    N7     doub Y N 36  
DA  C8    H8     sing N N 37  
DA  N7    C5     sing Y N 38  
DA  C5    C6     sing Y N 39  
DA  C5    C4     doub Y N 40  
DA  C6    N6     sing N N 41  
DA  C6    N1     doub Y N 42  
DA  N6    H61    sing N N 43  
DA  N6    H62    sing N N 44  
DA  N1    C2     sing Y N 45  
DA  C2    N3     doub Y N 46  
DA  C2    H2     sing N N 47  
DA  N3    C4     sing Y N 48  
DC  OP3   P      sing N N 49  
DC  OP3   HOP3   sing N N 50  
DC  P     OP1    doub N N 51  
DC  P     OP2    sing N N 52  
DC  P     "O5'"  sing N N 53  
DC  OP2   HOP2   sing N N 54  
DC  "O5'" "C5'"  sing N N 55  
DC  "C5'" "C4'"  sing N N 56  
DC  "C5'" "H5'"  sing N N 57  
DC  "C5'" "H5''" sing N N 58  
DC  "C4'" "O4'"  sing N N 59  
DC  "C4'" "C3'"  sing N N 60  
DC  "C4'" "H4'"  sing N N 61  
DC  "O4'" "C1'"  sing N N 62  
DC  "C3'" "O3'"  sing N N 63  
DC  "C3'" "C2'"  sing N N 64  
DC  "C3'" "H3'"  sing N N 65  
DC  "O3'" "HO3'" sing N N 66  
DC  "C2'" "C1'"  sing N N 67  
DC  "C2'" "H2'"  sing N N 68  
DC  "C2'" "H2''" sing N N 69  
DC  "C1'" N1     sing N N 70  
DC  "C1'" "H1'"  sing N N 71  
DC  N1    C2     sing N N 72  
DC  N1    C6     sing N N 73  
DC  C2    O2     doub N N 74  
DC  C2    N3     sing N N 75  
DC  N3    C4     doub N N 76  
DC  C4    N4     sing N N 77  
DC  C4    C5     sing N N 78  
DC  N4    H41    sing N N 79  
DC  N4    H42    sing N N 80  
DC  C5    C6     doub N N 81  
DC  C5    H5     sing N N 82  
DC  C6    H6     sing N N 83  
DG  OP3   P      sing N N 84  
DG  OP3   HOP3   sing N N 85  
DG  P     OP1    doub N N 86  
DG  P     OP2    sing N N 87  
DG  P     "O5'"  sing N N 88  
DG  OP2   HOP2   sing N N 89  
DG  "O5'" "C5'"  sing N N 90  
DG  "C5'" "C4'"  sing N N 91  
DG  "C5'" "H5'"  sing N N 92  
DG  "C5'" "H5''" sing N N 93  
DG  "C4'" "O4'"  sing N N 94  
DG  "C4'" "C3'"  sing N N 95  
DG  "C4'" "H4'"  sing N N 96  
DG  "O4'" "C1'"  sing N N 97  
DG  "C3'" "O3'"  sing N N 98  
DG  "C3'" "C2'"  sing N N 99  
DG  "C3'" "H3'"  sing N N 100 
DG  "O3'" "HO3'" sing N N 101 
DG  "C2'" "C1'"  sing N N 102 
DG  "C2'" "H2'"  sing N N 103 
DG  "C2'" "H2''" sing N N 104 
DG  "C1'" N9     sing N N 105 
DG  "C1'" "H1'"  sing N N 106 
DG  N9    C8     sing Y N 107 
DG  N9    C4     sing Y N 108 
DG  C8    N7     doub Y N 109 
DG  C8    H8     sing N N 110 
DG  N7    C5     sing Y N 111 
DG  C5    C6     sing N N 112 
DG  C5    C4     doub Y N 113 
DG  C6    O6     doub N N 114 
DG  C6    N1     sing N N 115 
DG  N1    C2     sing N N 116 
DG  N1    H1     sing N N 117 
DG  C2    N2     sing N N 118 
DG  C2    N3     doub N N 119 
DG  N2    H21    sing N N 120 
DG  N2    H22    sing N N 121 
DG  N3    C4     sing N N 122 
DT  OP3   P      sing N N 123 
DT  OP3   HOP3   sing N N 124 
DT  P     OP1    doub N N 125 
DT  P     OP2    sing N N 126 
DT  P     "O5'"  sing N N 127 
DT  OP2   HOP2   sing N N 128 
DT  "O5'" "C5'"  sing N N 129 
DT  "C5'" "C4'"  sing N N 130 
DT  "C5'" "H5'"  sing N N 131 
DT  "C5'" "H5''" sing N N 132 
DT  "C4'" "O4'"  sing N N 133 
DT  "C4'" "C3'"  sing N N 134 
DT  "C4'" "H4'"  sing N N 135 
DT  "O4'" "C1'"  sing N N 136 
DT  "C3'" "O3'"  sing N N 137 
DT  "C3'" "C2'"  sing N N 138 
DT  "C3'" "H3'"  sing N N 139 
DT  "O3'" "HO3'" sing N N 140 
DT  "C2'" "C1'"  sing N N 141 
DT  "C2'" "H2'"  sing N N 142 
DT  "C2'" "H2''" sing N N 143 
DT  "C1'" N1     sing N N 144 
DT  "C1'" "H1'"  sing N N 145 
DT  N1    C2     sing N N 146 
DT  N1    C6     sing N N 147 
DT  C2    O2     doub N N 148 
DT  C2    N3     sing N N 149 
DT  N3    C4     sing N N 150 
DT  N3    H3     sing N N 151 
DT  C4    O4     doub N N 152 
DT  C4    C5     sing N N 153 
DT  C5    C7     sing N N 154 
DT  C5    C6     doub N N 155 
DT  C7    H71    sing N N 156 
DT  C7    H72    sing N N 157 
DT  C7    H73    sing N N 158 
DT  C6    H6     sing N N 159 
# 
loop_
_ndb_struct_conf_na.entry_id 
_ndb_struct_conf_na.feature 
7JI9 'double helix'        
7JI9 'a-form double helix' 
7JI9 'b-form double helix' 
# 
loop_
_ndb_struct_na_base_pair.model_number 
_ndb_struct_na_base_pair.i_label_asym_id 
_ndb_struct_na_base_pair.i_label_comp_id 
_ndb_struct_na_base_pair.i_label_seq_id 
_ndb_struct_na_base_pair.i_symmetry 
_ndb_struct_na_base_pair.j_label_asym_id 
_ndb_struct_na_base_pair.j_label_comp_id 
_ndb_struct_na_base_pair.j_label_seq_id 
_ndb_struct_na_base_pair.j_symmetry 
_ndb_struct_na_base_pair.shear 
_ndb_struct_na_base_pair.stretch 
_ndb_struct_na_base_pair.stagger 
_ndb_struct_na_base_pair.buckle 
_ndb_struct_na_base_pair.propeller 
_ndb_struct_na_base_pair.opening 
_ndb_struct_na_base_pair.pair_number 
_ndb_struct_na_base_pair.pair_name 
_ndb_struct_na_base_pair.i_auth_asym_id 
_ndb_struct_na_base_pair.i_auth_seq_id 
_ndb_struct_na_base_pair.i_PDB_ins_code 
_ndb_struct_na_base_pair.j_auth_asym_id 
_ndb_struct_na_base_pair.j_auth_seq_id 
_ndb_struct_na_base_pair.j_PDB_ins_code 
_ndb_struct_na_base_pair.hbond_type_28 
_ndb_struct_na_base_pair.hbond_type_12 
1 A DA 3  1_555 D DT 15 1_555 0.807  0.576  0.785  10.907 -10.047 -6.921  1  A_DA3:DT16_D A 3  ? D 16 ? 20 1 
1 A DC 4  1_555 D DG 14 1_555 -0.455 0.057  0.460  12.009 -14.897 0.657   2  A_DC4:DG15_D A 4  ? D 15 ? 19 1 
1 A DG 5  1_555 D DC 13 1_555 0.765  -0.015 0.556  10.281 -23.146 -13.397 3  A_DG5:DC14_D A 5  ? D 14 ? 19 1 
1 A DA 6  1_555 D DT 12 1_555 0.614  0.042  -0.124 -0.563 -22.258 -9.941  4  A_DA6:DT13_D A 6  ? D 13 ? 20 1 
1 A DC 7  1_555 D DG 11 1_555 0.819  -0.298 0.236  0.552  -16.918 -3.327  5  A_DC7:DG12_D A 7  ? D 12 ? 19 1 
1 A DA 8  1_555 D DT 10 1_555 0.142  -0.042 0.713  -3.316 -11.104 -9.024  6  A_DA8:DT11_D A 8  ? D 11 ? 20 1 
1 A DC 9  1_555 D DG 9  1_555 -0.018 -0.057 0.975  -6.517 -12.563 -9.792  7  A_DC9:DG10_D A 9  ? D 10 ? 19 1 
1 A DT 10 1_555 C DA 3  1_555 -1.229 0.249  0.679  -1.202 -18.810 8.810   8  A_DT10:DA2_C A 10 ? C 2  ? ?  ? 
1 A DG 11 1_555 C DC 2  1_555 -0.083 -0.298 0.259  1.089  -7.054  0.395   9  A_DG11:DC1_C A 11 ? C 1  ? 19 1 
1 A DA 12 1_555 C DT 1  1_555 0.952  0.195  0.268  0.948  -9.118  -10.919 10 A_DA12:DT0_C A 12 ? C 0  ? 20 1 
1 B DC 1  1_555 C DG 6  1_555 -0.852 -0.106 0.145  -0.046 -7.166  -5.045  11 B_DC12:DG5_C B 12 ? C 5  ? 19 1 
1 B DG 2  1_555 C DC 5  1_555 -0.525 0.087  0.330  4.616  -8.139  -2.953  12 B_DG13:DC4_C B 13 ? C 4  ? 19 1 
1 B DG 3  1_555 C DC 4  1_555 -0.020 -0.388 0.768  6.603  -6.067  -4.706  13 B_DG14:DC3_C B 14 ? C 3  ? 19 1 
1 B DG 4  1_555 D DC 8  1_555 -0.268 -0.153 0.558  -0.977 -1.208  -10.791 14 B_DG15:DC9_D B 15 ? D 9  ? 19 1 
1 B DG 5  1_555 D DC 7  1_555 0.673  0.218  0.790  6.084  -5.649  1.556   15 B_DG16:DC8_D B 16 ? D 8  ? 19 1 
1 B DA 6  1_555 D DT 6  1_555 0.740  0.424  0.322  5.905  -8.853  0.698   16 B_DA17:DT7_D B 17 ? D 7  ? 20 1 
1 B DC 7  1_555 D DG 5  1_555 0.411  -0.023 0.072  13.249 -15.202 -4.341  17 B_DC18:DG6_D B 18 ? D 6  ? 19 1 
1 B DT 8  1_555 D DA 4  1_555 -0.163 -0.166 -0.231 6.529  -14.889 -1.451  18 B_DT19:DA5_D B 19 ? D 5  ? 20 1 
1 B DC 9  1_555 D DG 3  1_555 -0.060 0.402  -0.417 6.213  -16.014 5.961   19 B_DC20:DG4_D B 20 ? D 4  ? 19 1 
# 
loop_
_ndb_struct_na_base_pair_step.model_number 
_ndb_struct_na_base_pair_step.i_label_asym_id_1 
_ndb_struct_na_base_pair_step.i_label_comp_id_1 
_ndb_struct_na_base_pair_step.i_label_seq_id_1 
_ndb_struct_na_base_pair_step.i_symmetry_1 
_ndb_struct_na_base_pair_step.j_label_asym_id_1 
_ndb_struct_na_base_pair_step.j_label_comp_id_1 
_ndb_struct_na_base_pair_step.j_label_seq_id_1 
_ndb_struct_na_base_pair_step.j_symmetry_1 
_ndb_struct_na_base_pair_step.i_label_asym_id_2 
_ndb_struct_na_base_pair_step.i_label_comp_id_2 
_ndb_struct_na_base_pair_step.i_label_seq_id_2 
_ndb_struct_na_base_pair_step.i_symmetry_2 
_ndb_struct_na_base_pair_step.j_label_asym_id_2 
_ndb_struct_na_base_pair_step.j_label_comp_id_2 
_ndb_struct_na_base_pair_step.j_label_seq_id_2 
_ndb_struct_na_base_pair_step.j_symmetry_2 
_ndb_struct_na_base_pair_step.shift 
_ndb_struct_na_base_pair_step.slide 
_ndb_struct_na_base_pair_step.rise 
_ndb_struct_na_base_pair_step.tilt 
_ndb_struct_na_base_pair_step.roll 
_ndb_struct_na_base_pair_step.twist 
_ndb_struct_na_base_pair_step.x_displacement 
_ndb_struct_na_base_pair_step.y_displacement 
_ndb_struct_na_base_pair_step.helical_rise 
_ndb_struct_na_base_pair_step.inclination 
_ndb_struct_na_base_pair_step.tip 
_ndb_struct_na_base_pair_step.helical_twist 
_ndb_struct_na_base_pair_step.step_number 
_ndb_struct_na_base_pair_step.step_name 
_ndb_struct_na_base_pair_step.i_auth_asym_id_1 
_ndb_struct_na_base_pair_step.i_auth_seq_id_1 
_ndb_struct_na_base_pair_step.i_PDB_ins_code_1 
_ndb_struct_na_base_pair_step.j_auth_asym_id_1 
_ndb_struct_na_base_pair_step.j_auth_seq_id_1 
_ndb_struct_na_base_pair_step.j_PDB_ins_code_1 
_ndb_struct_na_base_pair_step.i_auth_asym_id_2 
_ndb_struct_na_base_pair_step.i_auth_seq_id_2 
_ndb_struct_na_base_pair_step.i_PDB_ins_code_2 
_ndb_struct_na_base_pair_step.j_auth_asym_id_2 
_ndb_struct_na_base_pair_step.j_auth_seq_id_2 
_ndb_struct_na_base_pair_step.j_PDB_ins_code_2 
1 A DA 3  1_555 D DT 15 1_555 A DC 4  1_555 D DG 14 1_555 0.293  -0.852 3.353 -0.733 0.438  30.306 -1.720 -0.712 3.333 0.837  
1.403  30.318 1  AA_DA3DC4:DG15DT16_DD A 3  ? D 16 ? A 4  ? D 15 ? 
1 A DC 4  1_555 D DG 14 1_555 A DG 5  1_555 D DC 13 1_555 -0.647 -0.190 3.589 -0.886 3.196  38.191 -0.729 0.863  3.576 4.873  
1.351  38.329 2  AA_DC4DG5:DC14DG15_DD A 4  ? D 15 ? A 5  ? D 14 ? 
1 A DG 5  1_555 D DC 13 1_555 A DA 6  1_555 D DT 12 1_555 -0.585 0.094  3.609 2.645  -1.171 36.768 0.323  1.317  3.555 -1.854 
-4.185 36.878 3  AA_DG5DA6:DT13DC14_DD A 5  ? D 14 ? A 6  ? D 13 ? 
1 A DA 6  1_555 D DT 12 1_555 A DC 7  1_555 D DG 11 1_555 0.699  -1.305 3.299 -2.638 -2.593 30.915 -1.928 -1.815 3.325 -4.842 
4.927  31.130 4  AA_DA6DC7:DG12DT13_DD A 6  ? D 13 ? A 7  ? D 12 ? 
1 A DC 7  1_555 D DG 11 1_555 A DA 8  1_555 D DT 10 1_555 -0.215 -0.713 3.233 -2.535 -3.913 35.626 -0.597 -0.014 3.298 -6.361 
4.122  35.920 5  AA_DC7DA8:DT11DG12_DD A 7  ? D 12 ? A 8  ? D 11 ? 
1 A DA 8  1_555 D DT 10 1_555 A DC 9  1_555 D DG 9  1_555 0.282  -1.012 3.380 -4.011 -2.719 35.907 -1.231 -1.040 3.395 -4.386 
6.470  36.222 6  AA_DA8DC9:DG10DT11_DD A 8  ? D 11 ? A 9  ? D 10 ? 
1 A DC 9  1_555 D DG 9  1_555 A DT 10 1_555 C DA 3  1_555 -0.498 -1.870 2.889 0.433  2.129  19.271 -6.451 1.662  2.657 6.334  
-1.287 19.392 7  AA_DC9DT10:DA2DG10_CD A 9  ? D 10 ? A 10 ? C 2  ? 
1 A DT 10 1_555 C DA 3  1_555 A DG 11 1_555 C DC 2  1_555 -0.454 0.673  3.427 -1.296 5.624  38.760 0.287  0.513  3.500 8.416  
1.940  39.171 8  AA_DT10DG11:DC1DA2_CC A 10 ? C 2  ? A 11 ? C 1  ? 
1 A DG 11 1_555 C DC 2  1_555 A DA 12 1_555 C DT 1  1_555 -0.771 0.275  3.400 -2.175 2.008  44.206 0.169  0.811  3.441 2.665  
2.886  44.300 9  AA_DG11DA12:DT0DC1_CC A 11 ? C 1  ? A 12 ? C 0  ? 
1 B DC 1  1_555 C DG 6  1_555 B DG 2  1_555 C DC 5  1_555 0.216  -0.187 3.401 -1.514 1.610  33.574 -0.596 -0.630 3.376 2.784  
2.617  33.644 10 BB_DC12DG13:DC4DG5_CC B 12 ? C 5  ? B 13 ? C 4  ? 
1 B DG 2  1_555 C DC 5  1_555 B DG 3  1_555 C DC 4  1_555 0.663  -0.795 3.256 -4.920 1.103  40.255 -1.268 -1.495 3.135 1.595  
7.115  40.557 11 BB_DG13DG14:DC3DC4_CC B 13 ? C 4  ? B 14 ? C 3  ? 
1 B DG 3  1_555 C DC 4  1_555 B DG 4  1_555 D DC 8  1_555 -1.545 -1.061 3.298 -1.319 -0.493 29.226 -1.992 2.767  3.380 -0.977 
2.612  29.259 12 BB_DG14DG15:DC9DC3_DC B 14 ? C 3  ? B 15 ? D 9  ? 
1 B DG 4  1_555 D DC 8  1_555 B DG 5  1_555 D DC 7  1_555 0.027  0.039  3.313 -3.278 5.699  40.064 -0.587 -0.409 3.276 8.250  
4.746  40.578 13 BB_DG15DG16:DC8DC9_DD B 15 ? D 9  ? B 16 ? D 8  ? 
1 B DG 5  1_555 D DC 7  1_555 B DA 6  1_555 D DT 6  1_555 -0.241 -0.037 3.298 1.722  4.447  35.752 -0.695 0.635  3.256 7.204  
-2.789 36.058 14 BB_DG16DA17:DT7DC8_DD B 16 ? D 8  ? B 17 ? D 7  ? 
1 B DA 6  1_555 D DT 6  1_555 B DC 7  1_555 D DG 5  1_555 0.027  -1.059 3.032 -1.785 4.417  31.423 -2.666 -0.345 2.855 8.097  
3.271  31.773 15 BB_DA17DC18:DG6DT7_DD B 17 ? D 7  ? B 18 ? D 6  ? 
1 B DC 7  1_555 D DG 5  1_555 B DT 8  1_555 D DA 4  1_555 -0.294 -0.420 3.509 4.422  0.754  31.652 -0.908 1.387  3.427 1.374  
-8.057 31.961 16 BB_DC18DT19:DA5DG6_DD B 18 ? D 6  ? B 19 ? D 5  ? 
1 B DT 8  1_555 D DA 4  1_555 B DC 9  1_555 D DG 3  1_555 0.045  -0.149 3.407 5.086  3.318  34.464 -0.768 0.723  3.351 5.547  
-8.502 34.979 17 BB_DT19DC20:DG4DA5_DD B 19 ? D 5  ? B 20 ? D 4  ? 
# 
loop_
_pdbx_audit_support.funding_organization 
_pdbx_audit_support.country 
_pdbx_audit_support.grant_number 
_pdbx_audit_support.ordinal 
'National Science Foundation (NSF, United States)'                                         'United States' 1360635     1 
'National Institutes of Health/National Institute of General Medical Sciences (NIH/NIGMS)' 'United States' R01GM104960 2 
'National Science Foundation (NSF, United States)'                                         'United States' NSF2004250  3 
# 
_pdbx_entity_nonpoly.entity_id   5 
_pdbx_entity_nonpoly.name        'CACODYLATE ION' 
_pdbx_entity_nonpoly.comp_id     CAC 
# 
_pdbx_initial_refinement_model.id               1 
_pdbx_initial_refinement_model.entity_id_list   ? 
_pdbx_initial_refinement_model.type             'experimental model' 
_pdbx_initial_refinement_model.source_name      PDB 
_pdbx_initial_refinement_model.accession_code   6XNA 
_pdbx_initial_refinement_model.details          ? 
# 
_pdbx_struct_assembly_auth_evidence.id                     1 
_pdbx_struct_assembly_auth_evidence.assembly_id            1 
_pdbx_struct_assembly_auth_evidence.experimental_support   none 
_pdbx_struct_assembly_auth_evidence.details                ? 
# 
